data_3DES
#
_entry.id   3DES
#
_cell.length_a   191.672
_cell.length_b   191.672
_cell.length_c   283.085
_cell.angle_alpha   90.00
_cell.angle_beta   90.00
_cell.angle_gamma   120.00
#
_symmetry.space_group_name_H-M   'P 61 2 2'
#
loop_
_entity.id
_entity.type
_entity.pdbx_description
1 polymer 'Muconate cycloisomerase'
2 non-polymer 'MAGNESIUM ION'
3 non-polymer ALANINE
4 non-polymer PHENYLALANINE
5 water water
#
_entity_poly.entity_id   1
_entity_poly.type   'polypeptide(L)'
_entity_poly.pdbx_seq_one_letter_code
;MSRIVNVKLSLKRYEYEKPFHITGSVSSESRNVEVEIVLESGVKGYGEASPSFRVNGERVEALLAIENAVREMITGIDVR
NYARIFEITDRLFGFPSLKAAVQFATLDALSQELGTQVCYLLGGKRDEIETDKTVGIDTVENRVKEAKKIFEEGFRVIKI
KVGENLKEDIEAVEEIAKVTRGAKYIVDANMGYTQKEAVEFARAVYQKGIDIAVYEQPVRREDIEGLKFVRFHSPFPVAA
DESARTKFDVMRLVKEEAVDYVNIKLMKSGISDALAIVEIAESSGLKLMIGCMGESSLGINQSVHFALGTGAFEFHDLDS
HLMLKEEVFRGKFIQDGPRMRVKDQ
;
_entity_poly.pdbx_strand_id   A,B,C,D
#
# COMPACT_ATOMS: atom_id res chain seq x y z
N ARG A 3 -12.37 -3.54 29.61
CA ARG A 3 -13.09 -2.37 29.02
C ARG A 3 -12.70 -1.03 29.64
N ILE A 4 -12.74 0.01 28.83
CA ILE A 4 -12.39 1.35 29.26
C ILE A 4 -13.55 1.98 30.04
N VAL A 5 -13.28 2.41 31.27
CA VAL A 5 -14.32 3.01 32.10
C VAL A 5 -14.18 4.52 32.16
N ASN A 6 -13.05 5.04 31.70
CA ASN A 6 -12.83 6.48 31.69
C ASN A 6 -11.57 6.93 30.95
N VAL A 7 -11.59 8.19 30.51
CA VAL A 7 -10.48 8.80 29.79
C VAL A 7 -10.27 10.19 30.36
N LYS A 8 -9.02 10.58 30.53
CA LYS A 8 -8.71 11.90 31.06
C LYS A 8 -7.61 12.60 30.27
N LEU A 9 -7.85 13.86 29.92
CA LEU A 9 -6.89 14.68 29.19
C LEU A 9 -6.39 15.76 30.13
N SER A 10 -5.11 16.09 30.05
CA SER A 10 -4.56 17.14 30.90
C SER A 10 -3.33 17.80 30.27
N LEU A 11 -3.27 19.13 30.36
CA LEU A 11 -2.16 19.87 29.80
C LEU A 11 -0.86 19.64 30.58
N LYS A 12 0.26 19.55 29.84
CA LYS A 12 1.59 19.36 30.44
C LYS A 12 2.56 20.22 29.63
N ARG A 13 3.23 21.15 30.29
CA ARG A 13 4.17 22.04 29.61
C ARG A 13 5.61 21.66 29.89
N TYR A 14 6.45 21.76 28.86
CA TYR A 14 7.87 21.46 29.00
C TYR A 14 8.62 22.59 28.32
N GLU A 15 9.67 23.08 28.96
CA GLU A 15 10.44 24.18 28.39
C GLU A 15 11.67 23.61 27.68
N TYR A 16 12.07 24.25 26.58
CA TYR A 16 13.24 23.81 25.82
C TYR A 16 14.52 24.31 26.49
N GLU A 17 15.58 23.52 26.42
CA GLU A 17 16.87 23.92 27.00
C GLU A 17 17.17 25.30 26.45
N LYS A 18 16.93 25.46 25.15
CA LYS A 18 17.12 26.73 24.45
C LYS A 18 16.11 26.79 23.32
N PRO A 19 15.79 28.00 22.83
CA PRO A 19 14.82 28.14 21.75
C PRO A 19 15.13 27.23 20.56
N PHE A 20 14.11 26.56 20.05
CA PHE A 20 14.26 25.66 18.93
C PHE A 20 13.80 26.34 17.64
N HIS A 21 14.75 26.62 16.77
CA HIS A 21 14.47 27.31 15.52
C HIS A 21 14.53 26.45 14.26
N ILE A 22 13.41 26.38 13.54
CA ILE A 22 13.31 25.64 12.28
C ILE A 22 12.67 26.59 11.28
N THR A 23 12.69 26.24 10.00
CA THR A 23 12.11 27.10 8.98
C THR A 23 10.72 27.61 9.37
N GLY A 24 10.60 28.93 9.45
CA GLY A 24 9.34 29.58 9.79
C GLY A 24 8.72 29.26 11.13
N SER A 25 9.53 29.07 12.16
CA SER A 25 9.00 28.74 13.48
C SER A 25 10.05 28.64 14.59
N VAL A 26 9.79 29.34 15.69
CA VAL A 26 10.68 29.32 16.84
C VAL A 26 9.83 28.91 18.04
N SER A 27 10.31 27.95 18.82
CA SER A 27 9.56 27.49 19.98
C SER A 27 10.43 27.55 21.22
N SER A 28 9.83 28.01 22.31
CA SER A 28 10.55 28.11 23.57
C SER A 28 10.02 27.07 24.54
N GLU A 29 8.84 26.54 24.24
CA GLU A 29 8.23 25.54 25.10
C GLU A 29 7.36 24.60 24.28
N SER A 30 7.12 23.41 24.81
CA SER A 30 6.29 22.41 24.16
C SER A 30 5.07 22.18 25.05
N ARG A 31 3.88 22.42 24.51
CA ARG A 31 2.66 22.23 25.28
C ARG A 31 1.98 20.96 24.80
N ASN A 32 2.03 19.92 25.62
CA ASN A 32 1.42 18.65 25.24
C ASN A 32 0.18 18.31 26.04
N VAL A 33 -0.58 17.35 25.53
CA VAL A 33 -1.79 16.89 26.19
C VAL A 33 -1.63 15.42 26.53
N GLU A 34 -1.56 15.14 27.83
CA GLU A 34 -1.41 13.77 28.28
C GLU A 34 -2.76 13.06 28.31
N VAL A 35 -2.77 11.81 27.84
CA VAL A 35 -3.98 11.02 27.82
C VAL A 35 -3.83 9.83 28.76
N GLU A 36 -4.86 9.57 29.55
CA GLU A 36 -4.86 8.43 30.46
C GLU A 36 -6.16 7.69 30.30
N ILE A 37 -6.09 6.39 30.04
CA ILE A 37 -7.33 5.62 29.93
C ILE A 37 -7.34 4.65 31.11
N VAL A 38 -8.53 4.46 31.69
CA VAL A 38 -8.69 3.59 32.85
C VAL A 38 -9.57 2.41 32.48
N LEU A 39 -9.11 1.21 32.82
CA LEU A 39 -9.85 -0.01 32.54
C LEU A 39 -10.55 -0.50 33.80
N GLU A 40 -11.65 -1.22 33.62
CA GLU A 40 -12.41 -1.74 34.76
C GLU A 40 -11.53 -2.59 35.66
N SER A 41 -10.49 -3.18 35.09
CA SER A 41 -9.55 -4.02 35.85
C SER A 41 -8.64 -3.19 36.74
N GLY A 42 -8.61 -1.88 36.51
CA GLY A 42 -7.75 -1.02 37.31
C GLY A 42 -6.48 -0.63 36.56
N VAL A 43 -6.24 -1.28 35.43
CA VAL A 43 -5.07 -0.97 34.62
C VAL A 43 -5.24 0.41 33.99
N LYS A 44 -4.15 1.16 33.94
CA LYS A 44 -4.17 2.50 33.37
C LYS A 44 -3.20 2.58 32.18
N GLY A 45 -3.68 3.10 31.06
CA GLY A 45 -2.84 3.24 29.89
C GLY A 45 -2.55 4.71 29.66
N TYR A 46 -1.31 5.03 29.27
CA TYR A 46 -0.91 6.41 29.04
C TYR A 46 -0.41 6.71 27.64
N GLY A 47 -0.69 7.93 27.20
CA GLY A 47 -0.26 8.38 25.89
C GLY A 47 0.00 9.88 25.96
N GLU A 48 0.66 10.44 24.96
CA GLU A 48 0.93 11.86 24.93
C GLU A 48 0.69 12.45 23.55
N ALA A 49 -0.03 13.55 23.49
CA ALA A 49 -0.30 14.23 22.23
C ALA A 49 0.54 15.50 22.23
N SER A 50 1.26 15.73 21.14
CA SER A 50 2.09 16.91 20.98
C SER A 50 1.57 17.56 19.70
N PRO A 51 0.45 18.29 19.80
CA PRO A 51 -0.18 18.97 18.67
C PRO A 51 0.71 19.98 17.95
N SER A 52 0.54 20.04 16.64
CA SER A 52 1.28 20.97 15.81
C SER A 52 0.30 21.83 15.02
N PHE A 53 0.38 23.13 15.19
CA PHE A 53 -0.52 24.03 14.46
C PHE A 53 -0.05 24.14 13.01
N ARG A 54 1.28 24.25 12.84
CA ARG A 54 1.91 24.37 11.52
C ARG A 54 1.73 23.13 10.64
N VAL A 55 1.93 21.95 11.22
CA VAL A 55 1.82 20.72 10.47
C VAL A 55 0.42 20.12 10.43
N ASN A 56 -0.22 19.99 11.59
CA ASN A 56 -1.56 19.39 11.66
C ASN A 56 -2.73 20.36 11.80
N GLY A 57 -2.43 21.65 11.92
CA GLY A 57 -3.50 22.63 12.08
C GLY A 57 -4.15 22.56 13.46
N GLU A 58 -3.55 21.80 14.36
CA GLU A 58 -4.05 21.63 15.71
C GLU A 58 -3.67 22.77 16.67
N ARG A 59 -4.48 22.95 17.70
CA ARG A 59 -4.21 23.94 18.75
C ARG A 59 -4.50 23.25 20.09
N VAL A 60 -3.58 23.41 21.03
CA VAL A 60 -3.71 22.80 22.35
C VAL A 60 -5.07 22.99 23.02
N GLU A 61 -5.61 24.21 22.96
CA GLU A 61 -6.90 24.51 23.57
C GLU A 61 -8.01 23.68 22.96
N ALA A 62 -7.96 23.49 21.64
CA ALA A 62 -8.98 22.71 20.96
C ALA A 62 -8.95 21.25 21.39
N LEU A 63 -7.75 20.70 21.58
CA LEU A 63 -7.64 19.30 22.01
C LEU A 63 -8.29 19.14 23.39
N LEU A 64 -7.92 20.03 24.32
CA LEU A 64 -8.45 19.96 25.67
C LEU A 64 -9.97 20.12 25.67
N ALA A 65 -10.50 20.91 24.74
CA ALA A 65 -11.94 21.14 24.65
C ALA A 65 -12.80 19.94 24.29
N ILE A 66 -12.23 18.92 23.66
CA ILE A 66 -13.05 17.77 23.28
C ILE A 66 -12.85 16.54 24.15
N GLU A 67 -12.33 16.74 25.35
CA GLU A 67 -12.11 15.64 26.28
C GLU A 67 -13.36 14.79 26.48
N ASN A 68 -14.51 15.43 26.69
CA ASN A 68 -15.76 14.69 26.89
C ASN A 68 -16.15 13.87 25.69
N ALA A 69 -15.99 14.45 24.51
CA ALA A 69 -16.35 13.75 23.28
C ALA A 69 -15.52 12.47 23.14
N VAL A 70 -14.23 12.57 23.42
CA VAL A 70 -13.34 11.42 23.32
C VAL A 70 -13.80 10.35 24.31
N ARG A 71 -14.05 10.78 25.54
CA ARG A 71 -14.52 9.87 26.58
C ARG A 71 -15.72 9.08 26.09
N GLU A 72 -16.70 9.78 25.53
CA GLU A 72 -17.90 9.14 25.03
C GLU A 72 -17.64 8.18 23.86
N MET A 73 -16.62 8.51 23.07
CA MET A 73 -16.28 7.68 21.92
C MET A 73 -15.72 6.31 22.26
N ILE A 74 -14.80 6.25 23.22
CA ILE A 74 -14.16 4.98 23.54
C ILE A 74 -14.54 4.19 24.81
N THR A 75 -15.13 4.84 25.81
CA THR A 75 -15.49 4.08 27.02
C THR A 75 -16.49 2.98 26.65
N GLY A 76 -16.38 1.85 27.34
CA GLY A 76 -17.28 0.74 27.06
C GLY A 76 -16.68 -0.26 26.08
N ILE A 77 -15.52 0.04 25.52
CA ILE A 77 -14.90 -0.87 24.58
C ILE A 77 -13.76 -1.64 25.23
N ASP A 78 -13.66 -2.94 24.95
CA ASP A 78 -12.59 -3.75 25.51
C ASP A 78 -11.31 -3.46 24.71
N VAL A 79 -10.20 -3.24 25.40
CA VAL A 79 -8.96 -2.97 24.69
C VAL A 79 -8.48 -4.16 23.86
N ARG A 80 -9.08 -5.32 24.05
CA ARG A 80 -8.67 -6.48 23.27
C ARG A 80 -9.30 -6.36 21.89
N ASN A 81 -10.27 -5.46 21.78
CA ASN A 81 -10.93 -5.20 20.50
C ASN A 81 -10.37 -3.86 20.02
N TYR A 82 -9.06 -3.67 20.19
CA TYR A 82 -8.43 -2.41 19.82
C TYR A 82 -8.67 -1.93 18.39
N ALA A 83 -8.92 -2.84 17.45
CA ALA A 83 -9.17 -2.41 16.08
C ALA A 83 -10.37 -1.47 16.08
N ARG A 84 -11.36 -1.78 16.93
CA ARG A 84 -12.57 -0.95 17.04
C ARG A 84 -12.20 0.44 17.52
N ILE A 85 -11.32 0.51 18.53
CA ILE A 85 -10.89 1.80 19.06
C ILE A 85 -10.15 2.58 17.97
N PHE A 86 -9.31 1.88 17.20
CA PHE A 86 -8.57 2.53 16.13
C PHE A 86 -9.53 3.12 15.10
N GLU A 87 -10.52 2.34 14.68
CA GLU A 87 -11.47 2.81 13.70
C GLU A 87 -12.22 4.05 14.18
N ILE A 88 -12.68 4.02 15.42
CA ILE A 88 -13.41 5.13 15.99
C ILE A 88 -12.52 6.37 16.08
N THR A 89 -11.32 6.22 16.62
CA THR A 89 -10.43 7.35 16.76
C THR A 89 -9.93 7.91 15.42
N ASP A 90 -10.13 7.15 14.34
CA ASP A 90 -9.73 7.62 13.03
C ASP A 90 -10.58 8.83 12.62
N ARG A 91 -11.73 8.99 13.26
CA ARG A 91 -12.63 10.12 12.98
C ARG A 91 -12.04 11.41 13.54
N LEU A 92 -11.01 11.27 14.36
CA LEU A 92 -10.33 12.43 14.93
C LEU A 92 -9.19 12.88 14.01
N PHE A 93 -9.41 12.81 12.71
CA PHE A 93 -8.38 13.22 11.75
C PHE A 93 -8.07 14.71 11.85
N GLY A 94 -8.93 15.45 12.55
CA GLY A 94 -8.70 16.87 12.75
C GLY A 94 -7.87 17.07 14.00
N PHE A 95 -7.71 15.99 14.77
CA PHE A 95 -6.92 16.02 16.01
C PHE A 95 -5.94 14.83 15.98
N PRO A 96 -5.13 14.72 14.91
CA PRO A 96 -4.18 13.61 14.77
C PRO A 96 -3.32 13.28 15.99
N SER A 97 -2.72 14.28 16.62
CA SER A 97 -1.87 14.00 17.77
C SER A 97 -2.66 13.35 18.92
N LEU A 98 -3.93 13.73 19.05
CA LEU A 98 -4.77 13.16 20.10
C LEU A 98 -5.12 11.72 19.75
N LYS A 99 -5.35 11.48 18.46
CA LYS A 99 -5.67 10.16 17.96
C LYS A 99 -4.51 9.23 18.30
N ALA A 100 -3.29 9.73 18.11
CA ALA A 100 -2.11 8.94 18.41
C ALA A 100 -2.06 8.59 19.89
N ALA A 101 -2.15 9.60 20.75
CA ALA A 101 -2.10 9.38 22.20
C ALA A 101 -3.13 8.34 22.67
N VAL A 102 -4.35 8.45 22.18
CA VAL A 102 -5.39 7.51 22.56
C VAL A 102 -5.12 6.10 22.05
N GLN A 103 -4.72 5.99 20.80
CA GLN A 103 -4.46 4.67 20.25
C GLN A 103 -3.30 4.01 20.98
N PHE A 104 -2.27 4.77 21.33
CA PHE A 104 -1.17 4.15 22.04
C PHE A 104 -1.55 3.80 23.47
N ALA A 105 -2.28 4.69 24.13
CA ALA A 105 -2.69 4.44 25.51
C ALA A 105 -3.43 3.13 25.54
N THR A 106 -4.13 2.84 24.44
CA THR A 106 -4.90 1.62 24.32
C THR A 106 -3.98 0.40 24.30
N LEU A 107 -2.94 0.45 23.46
CA LEU A 107 -2.00 -0.67 23.39
C LEU A 107 -1.20 -0.78 24.68
N ASP A 108 -0.95 0.35 25.32
CA ASP A 108 -0.21 0.34 26.58
C ASP A 108 -1.02 -0.42 27.63
N ALA A 109 -2.32 -0.17 27.68
CA ALA A 109 -3.20 -0.83 28.64
C ALA A 109 -3.35 -2.30 28.27
N LEU A 110 -3.53 -2.56 26.98
CA LEU A 110 -3.69 -3.94 26.50
C LEU A 110 -2.48 -4.80 26.85
N SER A 111 -1.28 -4.30 26.54
CA SER A 111 -0.08 -5.06 26.82
C SER A 111 0.07 -5.36 28.31
N GLN A 112 -0.34 -4.42 29.17
CA GLN A 112 -0.24 -4.66 30.61
C GLN A 112 -1.14 -5.81 30.99
N GLU A 113 -2.34 -5.85 30.42
CA GLU A 113 -3.26 -6.92 30.73
C GLU A 113 -2.76 -8.26 30.21
N LEU A 114 -2.09 -8.26 29.07
CA LEU A 114 -1.57 -9.48 28.49
C LEU A 114 -0.25 -9.86 29.14
N GLY A 115 0.31 -8.96 29.94
CA GLY A 115 1.57 -9.25 30.60
C GLY A 115 2.80 -9.09 29.72
N THR A 116 2.72 -8.21 28.72
CA THR A 116 3.86 -7.97 27.84
C THR A 116 4.04 -6.48 27.60
N GLN A 117 4.80 -6.11 26.58
CA GLN A 117 5.04 -4.71 26.26
C GLN A 117 4.54 -4.37 24.86
N VAL A 118 4.32 -3.09 24.61
CA VAL A 118 3.80 -2.67 23.31
C VAL A 118 4.69 -3.13 22.14
N CYS A 119 6.00 -3.02 22.29
CA CYS A 119 6.91 -3.42 21.22
C CYS A 119 6.74 -4.88 20.83
N TYR A 120 6.52 -5.76 21.80
CA TYR A 120 6.34 -7.17 21.50
C TYR A 120 4.99 -7.41 20.85
N LEU A 121 4.01 -6.63 21.27
CA LEU A 121 2.67 -6.72 20.71
C LEU A 121 2.76 -6.39 19.21
N LEU A 122 3.68 -5.50 18.86
CA LEU A 122 3.84 -5.08 17.47
C LEU A 122 4.83 -5.92 16.66
N GLY A 123 5.36 -6.99 17.27
CA GLY A 123 6.28 -7.85 16.54
C GLY A 123 7.61 -8.13 17.22
N GLY A 124 8.02 -7.23 18.11
CA GLY A 124 9.29 -7.41 18.81
C GLY A 124 10.45 -7.67 17.85
N LYS A 125 10.47 -6.96 16.73
CA LYS A 125 11.52 -7.20 15.75
C LYS A 125 12.95 -6.86 16.17
N ARG A 126 13.12 -5.75 16.87
CA ARG A 126 14.44 -5.33 17.31
C ARG A 126 14.54 -5.07 18.81
N ASP A 127 15.72 -5.22 19.36
CA ASP A 127 15.94 -4.99 20.78
C ASP A 127 16.58 -3.62 21.00
N GLU A 128 17.09 -3.02 19.94
CA GLU A 128 17.73 -1.71 20.06
C GLU A 128 17.65 -0.87 18.79
N ILE A 129 17.52 0.44 18.97
CA ILE A 129 17.49 1.38 17.88
C ILE A 129 18.37 2.55 18.30
N GLU A 130 18.74 3.38 17.34
CA GLU A 130 19.55 4.53 17.63
C GLU A 130 18.93 5.80 17.04
N THR A 131 18.87 6.84 17.85
CA THR A 131 18.31 8.11 17.40
C THR A 131 19.42 9.07 17.06
N ASP A 132 19.08 10.07 16.25
CA ASP A 132 20.02 11.11 15.90
C ASP A 132 19.68 12.24 16.87
N LYS A 133 20.28 13.40 16.65
CA LYS A 133 19.99 14.56 17.49
C LYS A 133 20.04 15.75 16.54
N THR A 134 19.17 16.72 16.78
CA THR A 134 19.06 17.87 15.89
C THR A 134 19.81 19.15 16.23
N VAL A 135 20.32 19.79 15.18
CA VAL A 135 21.01 21.05 15.27
C VAL A 135 20.01 22.03 14.68
N GLY A 136 19.45 22.90 15.51
CA GLY A 136 18.49 23.86 15.03
C GLY A 136 19.13 24.98 14.23
N ILE A 137 18.32 25.81 13.59
CA ILE A 137 18.84 26.92 12.81
C ILE A 137 19.46 27.97 13.74
N ASP A 138 20.64 28.44 13.36
CA ASP A 138 21.37 29.45 14.12
C ASP A 138 22.51 29.92 13.24
N THR A 139 23.39 30.75 13.78
CA THR A 139 24.52 31.23 13.02
C THR A 139 25.39 30.01 12.71
N VAL A 140 26.15 30.07 11.62
CA VAL A 140 27.00 28.95 11.26
C VAL A 140 27.88 28.58 12.44
N GLU A 141 28.40 29.59 13.11
CA GLU A 141 29.26 29.38 14.28
C GLU A 141 28.58 28.59 15.39
N ASN A 142 27.35 28.94 15.72
CA ASN A 142 26.63 28.24 16.78
C ASN A 142 26.19 26.83 16.35
N ARG A 143 25.84 26.68 15.08
CA ARG A 143 25.43 25.38 14.55
C ARG A 143 26.61 24.41 14.69
N VAL A 144 27.79 24.88 14.28
CA VAL A 144 29.01 24.09 14.36
C VAL A 144 29.31 23.70 15.79
N LYS A 145 29.11 24.65 16.70
CA LYS A 145 29.36 24.39 18.11
C LYS A 145 28.41 23.32 18.64
N GLU A 146 27.13 23.39 18.28
CA GLU A 146 26.17 22.41 18.74
C GLU A 146 26.44 21.05 18.08
N ALA A 147 26.91 21.06 16.84
CA ALA A 147 27.21 19.83 16.13
C ALA A 147 28.35 19.07 16.81
N LYS A 148 29.43 19.79 17.17
CA LYS A 148 30.55 19.17 17.84
C LYS A 148 30.10 18.56 19.15
N LYS A 149 29.29 19.30 19.89
CA LYS A 149 28.80 18.83 21.18
C LYS A 149 27.98 17.55 21.00
N ILE A 150 27.12 17.52 19.98
CA ILE A 150 26.29 16.33 19.74
C ILE A 150 27.18 15.15 19.37
N PHE A 151 28.20 15.42 18.56
CA PHE A 151 29.12 14.37 18.14
C PHE A 151 29.87 13.80 19.35
N GLU A 152 30.25 14.70 20.27
CA GLU A 152 30.96 14.32 21.49
C GLU A 152 30.10 13.49 22.42
N GLU A 153 28.79 13.70 22.36
CA GLU A 153 27.86 12.97 23.19
C GLU A 153 27.65 11.54 22.68
N GLY A 154 28.26 11.22 21.55
CA GLY A 154 28.14 9.87 21.01
C GLY A 154 27.21 9.67 19.83
N PHE A 155 26.46 10.70 19.45
CA PHE A 155 25.54 10.58 18.32
C PHE A 155 26.31 10.48 17.01
N ARG A 156 25.96 9.50 16.19
CA ARG A 156 26.64 9.34 14.91
C ARG A 156 25.76 9.68 13.70
N VAL A 157 24.56 10.19 13.97
CA VAL A 157 23.67 10.65 12.91
C VAL A 157 23.23 12.04 13.39
N ILE A 158 23.62 13.05 12.65
CA ILE A 158 23.31 14.43 13.02
C ILE A 158 22.30 15.04 12.05
N LYS A 159 21.17 15.47 12.59
CA LYS A 159 20.13 16.09 11.79
C LYS A 159 20.35 17.60 11.80
N ILE A 160 20.43 18.18 10.61
CA ILE A 160 20.69 19.61 10.46
C ILE A 160 19.51 20.37 9.84
N LYS A 161 19.02 21.40 10.54
CA LYS A 161 17.90 22.20 10.04
C LYS A 161 18.42 23.28 9.11
N VAL A 162 17.71 23.48 8.00
CA VAL A 162 18.05 24.50 7.01
C VAL A 162 16.75 24.99 6.41
N GLY A 163 16.81 25.89 5.44
CA GLY A 163 15.59 26.35 4.80
C GLY A 163 15.33 27.84 4.72
N GLU A 164 16.05 28.64 5.48
CA GLU A 164 15.83 30.08 5.44
C GLU A 164 16.91 30.89 4.73
N ASN A 165 18.08 30.30 4.54
CA ASN A 165 19.18 30.99 3.87
C ASN A 165 20.01 29.97 3.11
N LEU A 166 19.70 29.78 1.84
CA LEU A 166 20.40 28.81 1.01
C LEU A 166 21.93 28.86 1.10
N LYS A 167 22.50 30.04 0.91
CA LYS A 167 23.95 30.19 0.97
C LYS A 167 24.52 29.83 2.34
N GLU A 168 23.91 30.38 3.39
CA GLU A 168 24.40 30.09 4.74
C GLU A 168 24.16 28.62 5.10
N ASP A 169 23.07 28.05 4.59
CA ASP A 169 22.76 26.66 4.86
C ASP A 169 23.84 25.76 4.30
N ILE A 170 24.26 26.03 3.07
CA ILE A 170 25.30 25.23 2.44
C ILE A 170 26.57 25.34 3.31
N GLU A 171 26.94 26.58 3.64
CA GLU A 171 28.12 26.83 4.47
C GLU A 171 28.01 26.10 5.82
N ALA A 172 26.83 26.14 6.43
CA ALA A 172 26.64 25.47 7.71
C ALA A 172 26.87 23.97 7.61
N VAL A 173 26.31 23.33 6.59
CA VAL A 173 26.49 21.90 6.43
C VAL A 173 27.93 21.55 6.14
N GLU A 174 28.59 22.35 5.31
CA GLU A 174 29.99 22.10 4.98
C GLU A 174 30.88 22.22 6.22
N GLU A 175 30.60 23.22 7.06
CA GLU A 175 31.39 23.42 8.28
C GLU A 175 31.16 22.32 9.31
N ILE A 176 29.90 21.90 9.48
CA ILE A 176 29.57 20.86 10.44
C ILE A 176 30.26 19.54 10.04
N ALA A 177 30.23 19.22 8.75
CA ALA A 177 30.83 17.99 8.26
C ALA A 177 32.33 17.86 8.55
N LYS A 178 33.06 18.97 8.46
CA LYS A 178 34.50 18.94 8.72
C LYS A 178 34.88 18.57 10.15
N VAL A 179 34.04 18.94 11.12
CA VAL A 179 34.34 18.65 12.52
C VAL A 179 33.57 17.48 13.12
N THR A 180 32.93 16.67 12.28
CA THR A 180 32.18 15.52 12.76
C THR A 180 32.41 14.33 11.85
N ARG A 181 33.64 14.21 11.36
CA ARG A 181 34.00 13.12 10.45
C ARG A 181 33.63 11.77 11.06
N GLY A 182 32.88 11.00 10.30
CA GLY A 182 32.46 9.69 10.79
C GLY A 182 30.96 9.66 11.01
N ALA A 183 30.35 10.84 11.11
CA ALA A 183 28.91 10.92 11.32
C ALA A 183 28.17 10.97 10.00
N LYS A 184 26.91 10.55 10.02
CA LYS A 184 26.04 10.62 8.86
C LYS A 184 25.15 11.82 9.11
N TYR A 185 24.68 12.44 8.03
CA TYR A 185 23.86 13.63 8.15
C TYR A 185 22.48 13.56 7.53
N ILE A 186 21.52 14.14 8.22
CA ILE A 186 20.15 14.23 7.73
C ILE A 186 19.88 15.74 7.67
N VAL A 187 19.49 16.23 6.51
CA VAL A 187 19.22 17.65 6.34
C VAL A 187 17.71 17.85 6.18
N ASP A 188 17.14 18.72 7.00
CA ASP A 188 15.70 18.97 6.97
C ASP A 188 15.41 20.44 6.69
N ALA A 189 14.79 20.72 5.54
CA ALA A 189 14.48 22.09 5.16
C ALA A 189 13.12 22.59 5.66
N ASN A 190 12.28 21.68 6.12
CA ASN A 190 10.96 22.04 6.60
C ASN A 190 10.23 22.94 5.60
N MET A 191 10.20 22.50 4.33
CA MET A 191 9.50 23.21 3.25
C MET A 191 10.05 24.56 2.84
N GLY A 192 11.23 24.93 3.32
CA GLY A 192 11.75 26.25 2.99
C GLY A 192 12.27 26.58 1.60
N TYR A 193 12.57 25.58 0.77
CA TYR A 193 13.12 25.87 -0.56
C TYR A 193 12.19 25.67 -1.73
N THR A 194 12.51 26.37 -2.82
CA THR A 194 11.78 26.21 -4.06
C THR A 194 12.43 24.90 -4.61
N GLN A 195 11.82 24.33 -5.63
CA GLN A 195 12.36 23.10 -6.22
C GLN A 195 13.80 23.26 -6.67
N LYS A 196 14.07 24.32 -7.43
CA LYS A 196 15.42 24.55 -7.96
C LYS A 196 16.43 24.90 -6.87
N GLU A 197 16.00 25.61 -5.83
CA GLU A 197 16.91 25.94 -4.72
C GLU A 197 17.25 24.64 -4.00
N ALA A 198 16.25 23.78 -3.84
CA ALA A 198 16.46 22.50 -3.16
C ALA A 198 17.49 21.67 -3.91
N VAL A 199 17.35 21.64 -5.23
CA VAL A 199 18.29 20.88 -6.04
C VAL A 199 19.69 21.47 -5.94
N GLU A 200 19.79 22.80 -6.01
CA GLU A 200 21.09 23.47 -5.93
C GLU A 200 21.76 23.26 -4.58
N PHE A 201 20.96 23.20 -3.52
CA PHE A 201 21.54 22.97 -2.21
C PHE A 201 22.20 21.60 -2.19
N ALA A 202 21.49 20.59 -2.68
CA ALA A 202 22.01 19.23 -2.71
C ALA A 202 23.25 19.10 -3.58
N ARG A 203 23.20 19.65 -4.80
CA ARG A 203 24.33 19.57 -5.71
C ARG A 203 25.58 20.23 -5.14
N ALA A 204 25.39 21.34 -4.43
CA ALA A 204 26.53 22.04 -3.84
C ALA A 204 27.19 21.22 -2.73
N VAL A 205 26.37 20.60 -1.88
CA VAL A 205 26.91 19.78 -0.80
C VAL A 205 27.63 18.58 -1.39
N TYR A 206 27.02 17.99 -2.42
CA TYR A 206 27.59 16.85 -3.10
C TYR A 206 28.95 17.20 -3.70
N GLN A 207 29.04 18.37 -4.33
CA GLN A 207 30.29 18.80 -4.95
C GLN A 207 31.44 18.88 -3.96
N LYS A 208 31.13 19.22 -2.71
CA LYS A 208 32.16 19.31 -1.69
C LYS A 208 32.48 17.93 -1.11
N GLY A 209 31.94 16.90 -1.75
CA GLY A 209 32.18 15.54 -1.31
C GLY A 209 31.46 15.09 -0.05
N ILE A 210 30.43 15.84 0.34
CA ILE A 210 29.66 15.50 1.53
C ILE A 210 28.47 14.63 1.14
N ASP A 211 28.13 13.68 2.01
CA ASP A 211 27.02 12.77 1.74
C ASP A 211 25.85 13.01 2.71
N ILE A 212 24.65 13.11 2.16
CA ILE A 212 23.47 13.32 3.00
C ILE A 212 22.59 12.08 3.00
N ALA A 213 22.40 11.50 4.18
CA ALA A 213 21.61 10.29 4.34
C ALA A 213 20.16 10.46 3.93
N VAL A 214 19.52 11.50 4.46
CA VAL A 214 18.13 11.78 4.14
C VAL A 214 17.95 13.28 3.99
N TYR A 215 17.26 13.68 2.94
CA TYR A 215 17.00 15.09 2.65
C TYR A 215 15.50 15.27 2.83
N GLU A 216 15.10 15.72 4.02
CA GLU A 216 13.69 15.92 4.41
C GLU A 216 12.94 17.13 3.87
N GLN A 217 11.72 16.86 3.43
CA GLN A 217 10.78 17.87 2.91
C GLN A 217 11.41 19.17 2.43
N PRO A 218 12.09 19.14 1.28
CA PRO A 218 12.71 20.37 0.79
C PRO A 218 11.73 21.42 0.30
N VAL A 219 10.57 21.01 -0.18
CA VAL A 219 9.58 21.97 -0.70
C VAL A 219 8.24 22.03 0.05
N ARG A 220 7.38 22.93 -0.38
CA ARG A 220 6.05 23.11 0.23
C ARG A 220 5.26 21.80 0.24
N ARG A 221 4.43 21.62 1.26
CA ARG A 221 3.67 20.39 1.42
C ARG A 221 2.75 19.95 0.29
N GLU A 222 2.13 20.88 -0.42
CA GLU A 222 1.22 20.52 -1.50
C GLU A 222 1.96 20.22 -2.82
N ASP A 223 3.23 20.61 -2.88
CA ASP A 223 4.01 20.40 -4.09
C ASP A 223 4.56 18.99 -4.22
N ILE A 224 3.69 18.04 -4.53
CA ILE A 224 4.09 16.66 -4.68
C ILE A 224 5.04 16.52 -5.88
N GLU A 225 4.71 17.14 -7.01
CA GLU A 225 5.59 17.05 -8.17
C GLU A 225 6.92 17.75 -7.91
N GLY A 226 6.93 18.67 -6.95
CA GLY A 226 8.16 19.35 -6.61
C GLY A 226 9.06 18.38 -5.86
N LEU A 227 8.47 17.60 -4.96
CA LEU A 227 9.22 16.62 -4.21
C LEU A 227 9.85 15.65 -5.21
N LYS A 228 9.04 15.22 -6.17
CA LYS A 228 9.50 14.29 -7.20
C LYS A 228 10.61 14.92 -8.02
N PHE A 229 10.45 16.19 -8.37
CA PHE A 229 11.46 16.89 -9.16
C PHE A 229 12.79 16.87 -8.42
N VAL A 230 12.77 17.17 -7.13
CA VAL A 230 14.01 17.18 -6.36
C VAL A 230 14.61 15.79 -6.32
N ARG A 231 13.77 14.77 -6.12
CA ARG A 231 14.22 13.40 -6.07
C ARG A 231 14.95 12.97 -7.35
N PHE A 232 14.35 13.31 -8.49
CA PHE A 232 14.93 12.94 -9.77
C PHE A 232 16.11 13.80 -10.23
N HIS A 233 16.36 14.91 -9.53
CA HIS A 233 17.44 15.80 -9.96
C HIS A 233 18.51 16.12 -8.92
N SER A 234 18.56 15.36 -7.85
CA SER A 234 19.56 15.56 -6.82
C SER A 234 20.03 14.18 -6.37
N PRO A 235 21.30 14.05 -5.99
CA PRO A 235 21.90 12.78 -5.57
C PRO A 235 21.52 12.12 -4.25
N PHE A 236 20.85 12.83 -3.35
CA PHE A 236 20.51 12.26 -2.05
C PHE A 236 19.06 11.81 -1.89
N PRO A 237 18.82 10.82 -1.03
CA PRO A 237 17.45 10.32 -0.81
C PRO A 237 16.54 11.45 -0.33
N VAL A 238 15.40 11.63 -0.98
CA VAL A 238 14.47 12.68 -0.61
C VAL A 238 13.29 12.14 0.20
N ALA A 239 12.98 12.84 1.28
CA ALA A 239 11.91 12.41 2.16
C ALA A 239 10.72 13.36 2.24
N ALA A 240 9.55 12.77 2.44
CA ALA A 240 8.34 13.56 2.63
C ALA A 240 8.05 13.54 4.12
N ASP A 241 7.74 14.69 4.71
CA ASP A 241 7.39 14.75 6.12
C ASP A 241 6.01 15.40 6.16
N GLU A 242 5.97 16.72 6.08
CA GLU A 242 4.70 17.46 6.10
C GLU A 242 3.73 16.96 5.03
N SER A 243 4.26 16.50 3.88
CA SER A 243 3.42 15.99 2.81
C SER A 243 2.86 14.59 3.09
N ALA A 244 3.44 13.89 4.06
CA ALA A 244 2.99 12.55 4.39
C ALA A 244 2.38 12.46 5.78
N ARG A 245 1.07 12.65 5.86
CA ARG A 245 0.39 12.60 7.15
C ARG A 245 -0.48 11.36 7.31
N THR A 246 -1.22 11.02 6.26
CA THR A 246 -2.12 9.87 6.31
C THR A 246 -1.67 8.73 5.40
N LYS A 247 -2.24 7.55 5.59
CA LYS A 247 -1.91 6.42 4.78
C LYS A 247 -2.25 6.72 3.31
N PHE A 248 -3.26 7.56 3.10
CA PHE A 248 -3.65 7.93 1.74
C PHE A 248 -2.61 8.85 1.11
N ASP A 249 -2.01 9.74 1.89
CA ASP A 249 -0.99 10.62 1.33
C ASP A 249 0.15 9.72 0.85
N VAL A 250 0.51 8.72 1.65
CA VAL A 250 1.60 7.84 1.30
C VAL A 250 1.32 7.01 0.05
N MET A 251 0.10 6.48 -0.08
CA MET A 251 -0.23 5.71 -1.28
C MET A 251 -0.05 6.61 -2.49
N ARG A 252 -0.45 7.87 -2.38
CA ARG A 252 -0.30 8.80 -3.49
C ARG A 252 1.17 9.06 -3.79
N LEU A 253 1.97 9.26 -2.75
CA LEU A 253 3.39 9.50 -2.96
C LEU A 253 4.04 8.31 -3.66
N VAL A 254 3.63 7.11 -3.30
CA VAL A 254 4.19 5.91 -3.91
C VAL A 254 3.75 5.80 -5.38
N LYS A 255 2.45 5.95 -5.63
CA LYS A 255 1.92 5.87 -6.98
C LYS A 255 2.64 6.87 -7.90
N GLU A 256 2.95 8.05 -7.38
CA GLU A 256 3.63 9.07 -8.18
C GLU A 256 5.16 9.05 -8.10
N GLU A 257 5.70 8.07 -7.37
CA GLU A 257 7.15 7.94 -7.24
C GLU A 257 7.75 9.28 -6.85
N ALA A 258 7.10 9.98 -5.93
CA ALA A 258 7.57 11.29 -5.51
C ALA A 258 8.78 11.33 -4.58
N VAL A 259 8.96 10.31 -3.74
CA VAL A 259 10.07 10.33 -2.79
C VAL A 259 10.73 8.99 -2.54
N ASP A 260 11.92 9.03 -1.94
CA ASP A 260 12.67 7.83 -1.59
C ASP A 260 12.27 7.43 -0.17
N TYR A 261 11.98 8.44 0.65
CA TYR A 261 11.63 8.22 2.05
C TYR A 261 10.38 8.94 2.48
N VAL A 262 9.82 8.43 3.58
CA VAL A 262 8.68 9.04 4.23
C VAL A 262 9.07 9.05 5.70
N ASN A 263 9.00 10.23 6.32
CA ASN A 263 9.31 10.38 7.73
C ASN A 263 7.97 10.17 8.45
N ILE A 264 7.77 8.99 9.03
CA ILE A 264 6.53 8.69 9.75
C ILE A 264 6.55 9.33 11.12
N LYS A 265 5.41 9.87 11.52
CA LYS A 265 5.27 10.45 12.85
C LYS A 265 3.91 10.05 13.40
N LEU A 266 3.92 9.46 14.59
CA LEU A 266 2.68 9.05 15.21
C LEU A 266 1.78 10.28 15.38
N MET A 267 2.40 11.43 15.66
CA MET A 267 1.63 12.66 15.83
C MET A 267 0.87 13.11 14.57
N LYS A 268 1.28 12.61 13.41
CA LYS A 268 0.59 12.98 12.17
C LYS A 268 -0.39 11.88 11.77
N SER A 269 0.04 10.64 11.97
CA SER A 269 -0.75 9.49 11.54
C SER A 269 -1.51 8.68 12.58
N GLY A 270 -1.01 8.67 13.81
CA GLY A 270 -1.64 7.85 14.83
C GLY A 270 -1.06 6.46 14.59
N ILE A 271 -1.35 5.51 15.48
CA ILE A 271 -0.85 4.15 15.31
C ILE A 271 -1.44 3.48 14.08
N SER A 272 -2.75 3.61 13.91
CA SER A 272 -3.43 2.98 12.78
C SER A 272 -2.82 3.30 11.41
N ASP A 273 -2.73 4.58 11.06
CA ASP A 273 -2.16 4.94 9.76
C ASP A 273 -0.68 4.60 9.69
N ALA A 274 0.03 4.74 10.81
CA ALA A 274 1.46 4.42 10.82
C ALA A 274 1.68 2.96 10.45
N LEU A 275 0.83 2.07 10.97
CA LEU A 275 0.94 0.64 10.67
C LEU A 275 0.68 0.43 9.18
N ALA A 276 -0.29 1.14 8.63
CA ALA A 276 -0.59 1.02 7.21
C ALA A 276 0.58 1.52 6.37
N ILE A 277 1.19 2.62 6.80
CA ILE A 277 2.31 3.20 6.06
C ILE A 277 3.52 2.25 6.06
N VAL A 278 3.76 1.59 7.18
CA VAL A 278 4.86 0.63 7.28
C VAL A 278 4.61 -0.50 6.28
N GLU A 279 3.37 -0.97 6.19
CA GLU A 279 3.05 -2.05 5.26
C GLU A 279 3.15 -1.60 3.81
N ILE A 280 2.75 -0.37 3.53
CA ILE A 280 2.82 0.18 2.19
C ILE A 280 4.28 0.26 1.76
N ALA A 281 5.14 0.72 2.67
CA ALA A 281 6.56 0.85 2.38
C ALA A 281 7.24 -0.50 2.13
N GLU A 282 6.91 -1.49 2.94
CA GLU A 282 7.52 -2.81 2.77
C GLU A 282 7.01 -3.51 1.50
N SER A 283 5.95 -2.98 0.92
CA SER A 283 5.38 -3.54 -0.30
C SER A 283 5.78 -2.71 -1.51
N SER A 284 6.78 -1.86 -1.35
CA SER A 284 7.23 -0.99 -2.45
C SER A 284 8.69 -0.55 -2.28
N GLY A 285 9.13 0.36 -3.14
CA GLY A 285 10.51 0.83 -3.05
C GLY A 285 10.73 1.85 -1.96
N LEU A 286 9.65 2.31 -1.33
CA LEU A 286 9.74 3.30 -0.28
C LEU A 286 10.50 2.83 0.98
N LYS A 287 11.30 3.71 1.57
CA LYS A 287 12.02 3.40 2.79
C LYS A 287 11.50 4.39 3.84
N LEU A 288 11.69 4.07 5.11
CA LEU A 288 11.17 4.93 6.17
C LEU A 288 12.11 5.35 7.27
N MET A 289 11.76 6.47 7.89
CA MET A 289 12.47 6.98 9.04
C MET A 289 11.30 7.36 9.95
N ILE A 290 11.52 7.37 11.26
CA ILE A 290 10.45 7.73 12.17
C ILE A 290 10.89 8.99 12.91
N GLY A 291 9.99 9.96 12.99
CA GLY A 291 10.33 11.21 13.64
C GLY A 291 9.44 11.55 14.82
N CYS A 292 9.50 12.82 15.23
CA CYS A 292 8.72 13.29 16.36
C CYS A 292 8.42 14.77 16.23
N MET A 293 7.59 15.28 17.13
CA MET A 293 7.24 16.70 17.17
C MET A 293 7.90 17.24 18.44
N GLY A 294 7.10 17.49 19.47
CA GLY A 294 7.64 18.00 20.73
C GLY A 294 7.30 17.12 21.92
N GLU A 295 7.34 15.80 21.71
CA GLU A 295 7.04 14.85 22.78
C GLU A 295 8.02 14.92 23.94
N SER A 296 7.53 14.60 25.12
CA SER A 296 8.38 14.54 26.31
C SER A 296 8.74 13.05 26.36
N SER A 297 9.45 12.62 27.39
CA SER A 297 9.85 11.22 27.48
C SER A 297 8.67 10.25 27.36
N LEU A 298 7.53 10.59 27.97
CA LEU A 298 6.36 9.73 27.90
C LEU A 298 5.88 9.59 26.46
N GLY A 299 5.92 10.71 25.74
CA GLY A 299 5.48 10.71 24.36
C GLY A 299 6.43 9.99 23.42
N ILE A 300 7.73 10.19 23.61
CA ILE A 300 8.71 9.54 22.76
C ILE A 300 8.60 8.03 22.93
N ASN A 301 8.28 7.60 24.14
CA ASN A 301 8.13 6.18 24.43
C ASN A 301 7.20 5.51 23.42
N GLN A 302 6.18 6.22 22.98
CA GLN A 302 5.23 5.68 22.01
C GLN A 302 5.95 5.31 20.71
N SER A 303 6.83 6.19 20.26
CA SER A 303 7.58 5.94 19.03
C SER A 303 8.67 4.90 19.22
N VAL A 304 9.31 4.89 20.40
CA VAL A 304 10.36 3.91 20.66
C VAL A 304 9.78 2.49 20.55
N HIS A 305 8.64 2.24 21.18
CA HIS A 305 8.01 0.94 21.11
C HIS A 305 7.54 0.62 19.68
N PHE A 306 7.07 1.64 18.97
CA PHE A 306 6.63 1.38 17.62
C PHE A 306 7.83 0.97 16.76
N ALA A 307 8.93 1.70 16.91
CA ALA A 307 10.16 1.42 16.16
C ALA A 307 10.77 0.07 16.51
N LEU A 308 10.86 -0.23 17.81
CA LEU A 308 11.43 -1.50 18.25
C LEU A 308 10.59 -2.68 17.79
N GLY A 309 9.28 -2.56 17.93
CA GLY A 309 8.39 -3.64 17.52
C GLY A 309 8.34 -3.90 16.03
N THR A 310 8.19 -2.86 15.22
CA THR A 310 8.12 -3.06 13.79
C THR A 310 9.49 -3.22 13.17
N GLY A 311 10.49 -2.56 13.75
CA GLY A 311 11.84 -2.61 13.22
C GLY A 311 11.82 -2.15 11.77
N ALA A 312 10.85 -1.29 11.44
CA ALA A 312 10.69 -0.84 10.06
C ALA A 312 11.45 0.41 9.60
N PHE A 313 12.30 0.98 10.43
CA PHE A 313 12.97 2.21 10.03
C PHE A 313 14.48 2.17 9.83
N GLU A 314 14.93 2.91 8.82
CA GLU A 314 16.35 3.02 8.49
C GLU A 314 17.03 4.02 9.42
N PHE A 315 16.29 5.07 9.77
CA PHE A 315 16.80 6.11 10.65
C PHE A 315 15.75 6.49 11.68
N HIS A 316 16.20 6.93 12.84
CA HIS A 316 15.30 7.32 13.90
C HIS A 316 15.60 8.73 14.37
N ASP A 317 14.60 9.59 14.32
CA ASP A 317 14.75 10.95 14.78
C ASP A 317 13.79 11.12 15.96
N LEU A 318 14.18 10.55 17.10
CA LEU A 318 13.38 10.59 18.33
C LEU A 318 14.19 11.30 19.41
N ASP A 319 14.37 12.60 19.23
CA ASP A 319 15.17 13.39 20.15
C ASP A 319 14.47 14.54 20.88
N SER A 320 13.19 14.76 20.62
CA SER A 320 12.51 15.88 21.27
C SER A 320 12.65 15.92 22.79
N HIS A 321 12.55 14.75 23.44
CA HIS A 321 12.66 14.71 24.89
C HIS A 321 14.06 15.08 25.37
N LEU A 322 15.06 14.93 24.50
CA LEU A 322 16.43 15.27 24.87
C LEU A 322 16.64 16.79 24.80
N MET A 323 15.69 17.49 24.19
CA MET A 323 15.79 18.93 24.05
C MET A 323 14.92 19.67 25.07
N LEU A 324 14.10 18.92 25.80
CA LEU A 324 13.22 19.50 26.80
C LEU A 324 13.73 19.26 28.21
N LYS A 325 13.49 20.23 29.09
CA LYS A 325 13.90 20.11 30.47
C LYS A 325 12.78 19.33 31.15
N GLU A 326 13.10 18.15 31.67
CA GLU A 326 12.10 17.33 32.31
C GLU A 326 12.53 16.84 33.70
N GLU A 327 11.64 17.06 34.67
CA GLU A 327 11.86 16.68 36.05
C GLU A 327 12.32 15.22 36.17
N VAL A 328 11.40 14.30 35.88
CA VAL A 328 11.69 12.87 35.96
C VAL A 328 11.41 12.15 34.63
N PHE A 329 12.29 11.21 34.28
CA PHE A 329 12.14 10.43 33.07
C PHE A 329 10.84 9.65 33.20
N ARG A 330 10.09 9.53 32.12
CA ARG A 330 8.81 8.82 32.20
C ARG A 330 8.56 7.85 31.05
N GLY A 331 9.61 7.38 30.41
CA GLY A 331 9.43 6.44 29.32
C GLY A 331 9.61 5.01 29.78
N LYS A 332 8.93 4.07 29.12
CA LYS A 332 9.06 2.66 29.46
C LYS A 332 10.15 2.07 28.57
N PHE A 333 11.32 2.70 28.58
CA PHE A 333 12.44 2.23 27.79
C PHE A 333 13.72 2.79 28.40
N ILE A 334 14.85 2.22 28.00
CA ILE A 334 16.15 2.62 28.51
C ILE A 334 16.91 3.39 27.44
N GLN A 335 17.64 4.42 27.86
CA GLN A 335 18.40 5.21 26.91
C GLN A 335 19.83 5.44 27.34
N ASP A 336 20.76 5.12 26.46
CA ASP A 336 22.18 5.33 26.73
C ASP A 336 22.74 6.08 25.53
N GLY A 337 22.80 7.39 25.64
CA GLY A 337 23.30 8.18 24.53
C GLY A 337 22.30 8.08 23.39
N PRO A 338 22.77 7.79 22.16
CA PRO A 338 21.86 7.66 21.02
C PRO A 338 21.09 6.34 21.03
N ARG A 339 21.53 5.41 21.87
CA ARG A 339 20.90 4.10 21.95
C ARG A 339 19.66 4.04 22.83
N MET A 340 18.67 3.28 22.36
CA MET A 340 17.42 3.10 23.09
C MET A 340 17.04 1.62 23.03
N ARG A 341 16.76 1.04 24.20
CA ARG A 341 16.39 -0.37 24.30
C ARG A 341 15.18 -0.46 25.22
N VAL A 342 14.57 -1.64 25.30
CA VAL A 342 13.43 -1.81 26.19
C VAL A 342 13.87 -2.62 27.40
N LYS A 343 13.12 -2.52 28.49
CA LYS A 343 13.44 -3.23 29.72
C LYS A 343 13.05 -4.71 29.67
N ARG B 3 10.19 -19.58 23.71
CA ARG B 3 11.12 -20.15 22.68
C ARG B 3 10.64 -21.44 22.03
N ILE B 4 10.75 -21.50 20.70
CA ILE B 4 10.35 -22.68 19.93
C ILE B 4 11.39 -23.77 20.13
N VAL B 5 10.96 -24.96 20.53
CA VAL B 5 11.89 -26.08 20.73
C VAL B 5 11.64 -27.20 19.72
N ASN B 6 10.53 -27.11 18.99
CA ASN B 6 10.23 -28.13 18.00
C ASN B 6 9.16 -27.68 17.01
N VAL B 7 9.28 -28.18 15.78
CA VAL B 7 8.35 -27.89 14.70
C VAL B 7 8.05 -29.21 13.99
N LYS B 8 6.77 -29.59 13.93
CA LYS B 8 6.39 -30.84 13.29
C LYS B 8 5.45 -30.66 12.10
N LEU B 9 5.75 -31.37 11.01
CA LEU B 9 4.93 -31.35 9.79
C LEU B 9 4.35 -32.75 9.64
N SER B 10 3.05 -32.84 9.34
CA SER B 10 2.39 -34.14 9.19
C SER B 10 1.43 -34.15 8.02
N LEU B 11 1.45 -35.26 7.27
CA LEU B 11 0.55 -35.41 6.13
C LEU B 11 -0.85 -35.79 6.65
N LYS B 12 -1.87 -35.08 6.18
CA LYS B 12 -3.25 -35.34 6.58
C LYS B 12 -4.10 -35.36 5.31
N ARG B 13 -4.76 -36.48 5.04
CA ARG B 13 -5.60 -36.60 3.85
C ARG B 13 -7.07 -36.46 4.21
N TYR B 14 -7.81 -35.73 3.39
CA TYR B 14 -9.24 -35.53 3.61
C TYR B 14 -9.99 -35.79 2.32
N GLU B 15 -11.13 -36.47 2.43
CA GLU B 15 -11.93 -36.80 1.26
C GLU B 15 -13.10 -35.84 1.09
N TYR B 16 -13.35 -35.41 -0.15
CA TYR B 16 -14.45 -34.51 -0.46
C TYR B 16 -15.75 -35.32 -0.47
N GLU B 17 -16.86 -34.68 -0.07
CA GLU B 17 -18.16 -35.34 -0.08
C GLU B 17 -18.34 -35.96 -1.46
N LYS B 18 -17.95 -35.20 -2.47
CA LYS B 18 -18.01 -35.61 -3.87
C LYS B 18 -16.96 -34.84 -4.66
N PRO B 19 -16.51 -35.39 -5.80
CA PRO B 19 -15.51 -34.72 -6.62
C PRO B 19 -15.75 -33.22 -6.79
N PHE B 20 -14.73 -32.42 -6.50
CA PHE B 20 -14.84 -30.97 -6.63
C PHE B 20 -14.23 -30.59 -7.97
N HIS B 21 -15.08 -30.03 -8.84
CA HIS B 21 -14.66 -29.64 -10.17
C HIS B 21 -14.69 -28.13 -10.40
N ILE B 22 -13.55 -27.58 -10.80
CA ILE B 22 -13.42 -26.17 -11.12
C ILE B 22 -12.67 -26.11 -12.44
N THR B 23 -12.62 -24.95 -13.08
CA THR B 23 -11.94 -24.85 -14.36
C THR B 23 -10.57 -25.53 -14.37
N GLY B 24 -10.41 -26.50 -15.26
CA GLY B 24 -9.16 -27.23 -15.39
C GLY B 24 -8.70 -28.06 -14.21
N SER B 25 -9.61 -28.50 -13.35
CA SER B 25 -9.23 -29.28 -12.19
C SER B 25 -10.36 -30.03 -11.51
N VAL B 26 -10.10 -31.29 -11.16
CA VAL B 26 -11.08 -32.12 -10.47
C VAL B 26 -10.36 -32.79 -9.31
N SER B 27 -10.89 -32.62 -8.10
CA SER B 27 -10.28 -33.21 -6.92
C SER B 27 -11.29 -34.01 -6.13
N SER B 28 -10.87 -35.15 -5.61
CA SER B 28 -11.75 -35.97 -4.80
C SER B 28 -11.07 -36.12 -3.43
N GLU B 29 -9.85 -35.63 -3.36
CA GLU B 29 -9.05 -35.70 -2.15
C GLU B 29 -8.31 -34.38 -1.92
N SER B 30 -8.08 -34.05 -0.65
CA SER B 30 -7.35 -32.84 -0.29
C SER B 30 -6.20 -33.27 0.62
N ARG B 31 -4.97 -33.09 0.13
CA ARG B 31 -3.78 -33.47 0.88
C ARG B 31 -3.15 -32.25 1.53
N ASN B 32 -3.23 -32.19 2.86
CA ASN B 32 -2.67 -31.08 3.59
C ASN B 32 -1.50 -31.49 4.45
N VAL B 33 -0.78 -30.49 4.92
CA VAL B 33 0.36 -30.72 5.80
C VAL B 33 0.08 -29.96 7.09
N GLU B 34 -0.10 -30.68 8.19
CA GLU B 34 -0.38 -30.06 9.46
C GLU B 34 0.92 -29.61 10.13
N VAL B 35 0.88 -28.43 10.73
CA VAL B 35 2.07 -27.89 11.39
C VAL B 35 1.85 -27.65 12.87
N GLU B 36 2.77 -28.15 13.69
CA GLU B 36 2.69 -27.97 15.13
C GLU B 36 3.99 -27.36 15.61
N ILE B 37 3.88 -26.29 16.39
CA ILE B 37 5.03 -25.63 16.96
C ILE B 37 4.95 -25.83 18.48
N VAL B 38 6.06 -26.25 19.08
CA VAL B 38 6.10 -26.48 20.51
C VAL B 38 7.07 -25.51 21.17
N LEU B 39 6.61 -24.86 22.21
CA LEU B 39 7.44 -23.89 22.94
C LEU B 39 8.06 -24.57 24.15
N GLU B 40 9.16 -24.02 24.65
CA GLU B 40 9.80 -24.62 25.82
C GLU B 40 8.86 -24.65 27.01
N SER B 41 7.94 -23.69 27.07
CA SER B 41 6.97 -23.61 28.15
C SER B 41 5.96 -24.76 28.08
N GLY B 42 5.85 -25.43 26.93
CA GLY B 42 4.91 -26.52 26.80
C GLY B 42 3.72 -26.17 25.91
N VAL B 43 3.55 -24.90 25.61
CA VAL B 43 2.46 -24.44 24.76
C VAL B 43 2.66 -24.98 23.35
N LYS B 44 1.55 -25.34 22.71
CA LYS B 44 1.60 -25.86 21.35
C LYS B 44 0.68 -25.08 20.43
N GLY B 45 1.23 -24.62 19.32
CA GLY B 45 0.46 -23.87 18.34
C GLY B 45 0.24 -24.72 17.11
N TYR B 46 -0.89 -24.57 16.44
CA TYR B 46 -1.20 -25.36 15.26
C TYR B 46 -1.61 -24.57 14.04
N GLY B 47 -1.15 -25.04 12.88
CA GLY B 47 -1.49 -24.43 11.62
C GLY B 47 -1.66 -25.55 10.61
N GLU B 48 -2.15 -25.22 9.43
CA GLU B 48 -2.34 -26.22 8.39
C GLU B 48 -2.03 -25.61 7.04
N ALA B 49 -1.28 -26.34 6.24
CA ALA B 49 -0.92 -25.90 4.90
C ALA B 49 -1.72 -26.74 3.91
N SER B 50 -2.36 -26.08 2.96
CA SER B 50 -3.14 -26.77 1.93
C SER B 50 -2.51 -26.31 0.62
N PRO B 51 -1.38 -26.95 0.25
CA PRO B 51 -0.65 -26.60 -0.97
C PRO B 51 -1.42 -26.76 -2.26
N SER B 52 -1.11 -25.90 -3.22
CA SER B 52 -1.75 -25.89 -4.51
C SER B 52 -0.68 -25.90 -5.62
N PHE B 53 -0.68 -26.96 -6.41
CA PHE B 53 0.27 -27.07 -7.50
C PHE B 53 -0.13 -26.07 -8.59
N ARG B 54 -1.43 -26.01 -8.86
CA ARG B 54 -1.97 -25.10 -9.87
C ARG B 54 -1.73 -23.62 -9.57
N VAL B 55 -2.02 -23.19 -8.33
CA VAL B 55 -1.86 -21.79 -7.98
C VAL B 55 -0.48 -21.38 -7.49
N ASN B 56 0.10 -22.17 -6.59
CA ASN B 56 1.41 -21.84 -6.03
C ASN B 56 2.57 -22.66 -6.56
N GLY B 57 2.28 -23.64 -7.42
CA GLY B 57 3.34 -24.49 -7.94
C GLY B 57 3.89 -25.47 -6.91
N GLU B 58 3.22 -25.58 -5.76
CA GLU B 58 3.64 -26.47 -4.68
C GLU B 58 3.22 -27.92 -4.87
N ARG B 59 3.88 -28.81 -4.14
CA ARG B 59 3.56 -30.23 -4.15
C ARG B 59 3.75 -30.69 -2.72
N VAL B 60 2.76 -31.41 -2.18
CA VAL B 60 2.83 -31.85 -0.79
C VAL B 60 4.12 -32.58 -0.42
N GLU B 61 4.62 -33.44 -1.31
CA GLU B 61 5.85 -34.18 -1.03
C GLU B 61 7.00 -33.21 -0.79
N ALA B 62 7.05 -32.13 -1.55
CA ALA B 62 8.11 -31.14 -1.40
C ALA B 62 8.03 -30.43 -0.05
N LEU B 63 6.83 -30.07 0.37
CA LEU B 63 6.66 -29.41 1.68
C LEU B 63 7.18 -30.31 2.78
N LEU B 64 6.74 -31.57 2.77
CA LEU B 64 7.14 -32.53 3.79
C LEU B 64 8.64 -32.74 3.81
N ALA B 65 9.28 -32.68 2.64
CA ALA B 65 10.71 -32.89 2.55
C ALA B 65 11.57 -31.81 3.20
N ILE B 66 11.00 -30.64 3.48
CA ILE B 66 11.81 -29.59 4.08
C ILE B 66 11.56 -29.31 5.56
N GLU B 67 11.01 -30.29 6.28
CA GLU B 67 10.74 -30.13 7.70
C GLU B 67 11.98 -29.74 8.49
N ASN B 68 13.07 -30.47 8.25
CA ASN B 68 14.29 -30.20 8.98
C ASN B 68 14.81 -28.79 8.75
N ALA B 69 14.72 -28.32 7.51
CA ALA B 69 15.16 -26.97 7.21
C ALA B 69 14.28 -25.97 7.96
N VAL B 70 12.98 -26.24 8.02
CA VAL B 70 12.07 -25.34 8.73
C VAL B 70 12.44 -25.30 10.22
N ARG B 71 12.81 -26.45 10.77
CA ARG B 71 13.21 -26.51 12.17
C ARG B 71 14.44 -25.65 12.41
N GLU B 72 15.43 -25.80 11.52
CA GLU B 72 16.65 -25.03 11.67
C GLU B 72 16.41 -23.53 11.56
N MET B 73 15.43 -23.15 10.76
CA MET B 73 15.12 -21.74 10.56
C MET B 73 14.55 -21.02 11.79
N ILE B 74 13.66 -21.67 12.52
CA ILE B 74 13.04 -20.98 13.64
C ILE B 74 13.13 -21.54 15.05
N THR B 75 13.72 -22.72 15.25
CA THR B 75 13.78 -23.23 16.61
C THR B 75 14.76 -22.34 17.38
N GLY B 76 14.44 -22.09 18.64
CA GLY B 76 15.28 -21.24 19.45
C GLY B 76 14.79 -19.79 19.48
N ILE B 77 13.86 -19.45 18.59
CA ILE B 77 13.33 -18.08 18.56
C ILE B 77 12.11 -17.95 19.46
N ASP B 78 12.08 -16.88 20.25
CA ASP B 78 10.96 -16.64 21.15
C ASP B 78 9.77 -16.11 20.33
N VAL B 79 8.58 -16.68 20.51
CA VAL B 79 7.42 -16.24 19.76
C VAL B 79 6.98 -14.79 20.03
N ARG B 80 7.53 -14.17 21.07
CA ARG B 80 7.14 -12.80 21.33
C ARG B 80 7.89 -11.91 20.34
N ASN B 81 8.90 -12.48 19.69
CA ASN B 81 9.66 -11.76 18.66
C ASN B 81 9.12 -12.33 17.34
N TYR B 82 7.79 -12.46 17.24
CA TYR B 82 7.20 -13.06 16.06
C TYR B 82 7.53 -12.40 14.73
N ALA B 83 7.86 -11.11 14.75
CA ALA B 83 8.22 -10.44 13.50
C ALA B 83 9.49 -11.07 12.92
N ARG B 84 10.39 -11.53 13.78
CA ARG B 84 11.63 -12.16 13.29
C ARG B 84 11.25 -13.46 12.60
N ILE B 85 10.33 -14.20 13.19
CA ILE B 85 9.87 -15.46 12.61
C ILE B 85 9.18 -15.19 11.27
N PHE B 86 8.42 -14.11 11.19
CA PHE B 86 7.74 -13.75 9.96
C PHE B 86 8.74 -13.43 8.85
N GLU B 87 9.75 -12.61 9.16
CA GLU B 87 10.74 -12.27 8.15
C GLU B 87 11.47 -13.52 7.63
N ILE B 88 11.87 -14.40 8.55
CA ILE B 88 12.56 -15.63 8.18
C ILE B 88 11.70 -16.55 7.31
N THR B 89 10.45 -16.78 7.72
CA THR B 89 9.55 -17.62 6.96
C THR B 89 9.11 -17.01 5.63
N ASP B 90 9.36 -15.70 5.45
CA ASP B 90 9.02 -15.05 4.19
C ASP B 90 9.97 -15.56 3.10
N ARG B 91 11.08 -16.17 3.50
CA ARG B 91 12.05 -16.71 2.55
C ARG B 91 11.48 -17.98 1.90
N LEU B 92 10.40 -18.49 2.48
CA LEU B 92 9.74 -19.69 1.98
C LEU B 92 8.66 -19.31 0.97
N PHE B 93 8.96 -18.32 0.12
CA PHE B 93 7.98 -17.87 -0.87
C PHE B 93 7.66 -18.96 -1.91
N GLY B 94 8.48 -20.01 -1.95
CA GLY B 94 8.23 -21.09 -2.88
C GLY B 94 7.31 -22.14 -2.24
N PHE B 95 7.08 -22.00 -0.94
CA PHE B 95 6.21 -22.91 -0.19
C PHE B 95 5.24 -22.02 0.58
N PRO B 96 4.52 -21.14 -0.12
CA PRO B 96 3.57 -20.22 0.53
C PRO B 96 2.59 -20.84 1.54
N SER B 97 2.01 -21.99 1.22
CA SER B 97 1.05 -22.60 2.14
C SER B 97 1.72 -23.01 3.47
N LEU B 98 2.97 -23.45 3.40
CA LEU B 98 3.69 -23.84 4.60
C LEU B 98 4.06 -22.58 5.39
N LYS B 99 4.40 -21.53 4.66
CA LYS B 99 4.74 -20.25 5.27
C LYS B 99 3.57 -19.80 6.12
N ALA B 100 2.38 -19.89 5.54
CA ALA B 100 1.16 -19.50 6.23
C ALA B 100 0.92 -20.35 7.49
N ALA B 101 1.03 -21.67 7.36
CA ALA B 101 0.81 -22.56 8.50
C ALA B 101 1.77 -22.27 9.66
N VAL B 102 3.04 -22.15 9.32
CA VAL B 102 4.05 -21.87 10.33
C VAL B 102 3.81 -20.54 11.03
N GLN B 103 3.51 -19.50 10.25
CA GLN B 103 3.25 -18.18 10.80
C GLN B 103 2.02 -18.18 11.69
N PHE B 104 0.98 -18.88 11.27
CA PHE B 104 -0.22 -18.91 12.11
C PHE B 104 0.03 -19.70 13.38
N ALA B 105 0.68 -20.85 13.25
CA ALA B 105 0.97 -21.67 14.42
C ALA B 105 1.74 -20.84 15.42
N THR B 106 2.59 -19.95 14.92
CA THR B 106 3.38 -19.08 15.77
C THR B 106 2.47 -18.15 16.56
N LEU B 107 1.51 -17.53 15.87
CA LEU B 107 0.59 -16.65 16.57
C LEU B 107 -0.31 -17.44 17.51
N ASP B 108 -0.69 -18.65 17.10
CA ASP B 108 -1.54 -19.49 17.92
C ASP B 108 -0.82 -19.76 19.24
N ALA B 109 0.46 -20.12 19.16
CA ALA B 109 1.25 -20.40 20.36
C ALA B 109 1.40 -19.11 21.19
N LEU B 110 1.71 -18.01 20.51
CA LEU B 110 1.89 -16.74 21.20
C LEU B 110 0.62 -16.28 21.92
N SER B 111 -0.52 -16.41 21.27
CA SER B 111 -1.76 -15.99 21.89
C SER B 111 -2.01 -16.79 23.17
N GLN B 112 -1.69 -18.09 23.15
CA GLN B 112 -1.87 -18.92 24.34
C GLN B 112 -0.99 -18.44 25.48
N GLU B 113 0.26 -18.10 25.19
CA GLU B 113 1.16 -17.63 26.23
C GLU B 113 0.65 -16.33 26.81
N LEU B 114 -0.04 -15.53 26.00
CA LEU B 114 -0.58 -14.26 26.46
C LEU B 114 -1.98 -14.41 27.04
N GLY B 115 -2.50 -15.63 27.07
CA GLY B 115 -3.82 -15.85 27.60
C GLY B 115 -4.92 -15.18 26.79
N THR B 116 -4.79 -15.20 25.47
CA THR B 116 -5.80 -14.60 24.61
C THR B 116 -5.95 -15.42 23.34
N GLN B 117 -6.58 -14.83 22.32
CA GLN B 117 -6.79 -15.54 21.06
C GLN B 117 -6.12 -14.79 19.90
N VAL B 118 -5.92 -15.51 18.80
CA VAL B 118 -5.28 -14.91 17.63
C VAL B 118 -6.11 -13.75 17.07
N CYS B 119 -7.43 -13.91 17.02
CA CYS B 119 -8.27 -12.84 16.50
C CYS B 119 -8.09 -11.53 17.30
N TYR B 120 -7.96 -11.64 18.62
CA TYR B 120 -7.78 -10.43 19.43
C TYR B 120 -6.39 -9.84 19.23
N LEU B 121 -5.42 -10.71 18.99
CA LEU B 121 -4.05 -10.26 18.77
C LEU B 121 -4.04 -9.43 17.47
N LEU B 122 -4.93 -9.77 16.54
CA LEU B 122 -5.02 -9.06 15.29
C LEU B 122 -6.00 -7.89 15.31
N GLY B 123 -6.51 -7.53 16.48
CA GLY B 123 -7.43 -6.40 16.56
C GLY B 123 -8.84 -6.68 17.07
N GLY B 124 -9.24 -7.95 17.03
CA GLY B 124 -10.58 -8.31 17.49
C GLY B 124 -11.68 -7.38 17.01
N LYS B 125 -11.65 -7.04 15.74
CA LYS B 125 -12.63 -6.13 15.19
C LYS B 125 -14.06 -6.68 15.08
N ARG B 126 -14.20 -7.96 14.79
CA ARG B 126 -15.53 -8.53 14.64
C ARG B 126 -15.76 -9.76 15.50
N ASP B 127 -17.02 -9.99 15.86
CA ASP B 127 -17.36 -11.15 16.69
C ASP B 127 -17.93 -12.28 15.83
N GLU B 128 -18.40 -11.94 14.64
CA GLU B 128 -18.97 -12.94 13.75
C GLU B 128 -18.77 -12.58 12.28
N ILE B 129 -18.70 -13.61 11.44
CA ILE B 129 -18.55 -13.46 10.01
C ILE B 129 -19.37 -14.59 9.41
N GLU B 130 -19.80 -14.42 8.18
CA GLU B 130 -20.57 -15.45 7.50
C GLU B 130 -19.83 -15.87 6.25
N THR B 131 -19.86 -17.17 5.97
CA THR B 131 -19.20 -17.69 4.78
C THR B 131 -20.23 -18.13 3.76
N ASP B 132 -19.85 -18.06 2.49
CA ASP B 132 -20.72 -18.51 1.43
C ASP B 132 -20.43 -20.01 1.35
N LYS B 133 -20.93 -20.66 0.31
CA LYS B 133 -20.67 -22.07 0.08
C LYS B 133 -20.64 -22.23 -1.42
N THR B 134 -19.74 -23.07 -1.92
CA THR B 134 -19.55 -23.24 -3.35
C THR B 134 -20.31 -24.34 -4.09
N VAL B 135 -20.72 -24.00 -5.32
CA VAL B 135 -21.41 -24.93 -6.20
C VAL B 135 -20.38 -25.22 -7.29
N GLY B 136 -19.82 -26.42 -7.28
CA GLY B 136 -18.81 -26.78 -8.26
C GLY B 136 -19.38 -26.96 -9.65
N ILE B 137 -18.50 -27.09 -10.64
CA ILE B 137 -18.95 -27.28 -12.01
C ILE B 137 -19.57 -28.66 -12.18
N ASP B 138 -20.71 -28.70 -12.86
CA ASP B 138 -21.45 -29.94 -13.11
C ASP B 138 -22.50 -29.57 -14.17
N THR B 139 -23.45 -30.47 -14.41
CA THR B 139 -24.51 -30.20 -15.37
C THR B 139 -25.38 -29.10 -14.75
N VAL B 140 -26.12 -28.37 -15.60
CA VAL B 140 -26.97 -27.32 -15.09
C VAL B 140 -27.94 -27.89 -14.07
N GLU B 141 -28.44 -29.09 -14.37
CA GLU B 141 -29.38 -29.78 -13.51
C GLU B 141 -28.80 -29.99 -12.11
N ASN B 142 -27.61 -30.58 -12.04
CA ASN B 142 -26.97 -30.84 -10.75
C ASN B 142 -26.58 -29.56 -10.04
N ARG B 143 -26.14 -28.55 -10.80
CA ARG B 143 -25.76 -27.27 -10.22
C ARG B 143 -26.95 -26.63 -9.53
N VAL B 144 -28.11 -26.66 -10.18
CA VAL B 144 -29.33 -26.08 -9.61
C VAL B 144 -29.73 -26.85 -8.36
N LYS B 145 -29.58 -28.16 -8.41
CA LYS B 145 -29.91 -29.02 -7.30
C LYS B 145 -29.05 -28.66 -6.08
N GLU B 146 -27.74 -28.62 -6.27
CA GLU B 146 -26.84 -28.28 -5.18
C GLU B 146 -27.09 -26.87 -4.66
N ALA B 147 -27.38 -25.95 -5.57
CA ALA B 147 -27.66 -24.57 -5.18
C ALA B 147 -28.85 -24.51 -4.22
N LYS B 148 -29.92 -25.22 -4.56
CA LYS B 148 -31.11 -25.27 -3.71
C LYS B 148 -30.78 -25.81 -2.33
N LYS B 149 -30.02 -26.91 -2.30
CA LYS B 149 -29.63 -27.54 -1.06
C LYS B 149 -28.83 -26.57 -0.19
N ILE B 150 -27.91 -25.83 -0.80
CA ILE B 150 -27.10 -24.87 -0.08
C ILE B 150 -27.99 -23.77 0.49
N PHE B 151 -28.93 -23.31 -0.34
CA PHE B 151 -29.86 -22.26 0.06
C PHE B 151 -30.74 -22.76 1.22
N GLU B 152 -31.20 -24.00 1.12
CA GLU B 152 -32.05 -24.59 2.15
C GLU B 152 -31.26 -24.74 3.45
N GLU B 153 -29.94 -24.80 3.35
CA GLU B 153 -29.10 -24.94 4.54
C GLU B 153 -28.88 -23.61 5.24
N GLY B 154 -29.35 -22.52 4.64
CA GLY B 154 -29.21 -21.23 5.27
C GLY B 154 -28.17 -20.26 4.72
N PHE B 155 -27.39 -20.70 3.74
CA PHE B 155 -26.37 -19.85 3.14
C PHE B 155 -27.03 -18.81 2.24
N ARG B 156 -26.77 -17.53 2.51
CA ARG B 156 -27.36 -16.47 1.71
C ARG B 156 -26.41 -15.86 0.68
N VAL B 157 -25.22 -16.44 0.57
CA VAL B 157 -24.24 -16.03 -0.42
C VAL B 157 -23.82 -17.35 -1.06
N ILE B 158 -24.05 -17.48 -2.36
CA ILE B 158 -23.72 -18.70 -3.08
C ILE B 158 -22.64 -18.47 -4.13
N LYS B 159 -21.56 -19.23 -4.03
CA LYS B 159 -20.45 -19.11 -4.98
C LYS B 159 -20.62 -20.13 -6.09
N ILE B 160 -20.69 -19.63 -7.32
CA ILE B 160 -20.88 -20.47 -8.50
C ILE B 160 -19.64 -20.56 -9.38
N LYS B 161 -19.17 -21.78 -9.59
CA LYS B 161 -18.00 -22.01 -10.43
C LYS B 161 -18.40 -22.08 -11.90
N VAL B 162 -17.60 -21.44 -12.75
CA VAL B 162 -17.84 -21.45 -14.19
C VAL B 162 -16.47 -21.34 -14.86
N GLY B 163 -16.46 -21.22 -16.19
CA GLY B 163 -15.20 -21.06 -16.88
C GLY B 163 -14.85 -22.03 -18.00
N GLU B 164 -15.59 -23.13 -18.11
CA GLU B 164 -15.30 -24.10 -19.15
C GLU B 164 -16.30 -24.12 -20.30
N ASN B 165 -17.46 -23.52 -20.10
CA ASN B 165 -18.49 -23.48 -21.14
C ASN B 165 -19.37 -22.26 -20.96
N LEU B 166 -18.99 -21.17 -21.62
CA LEU B 166 -19.71 -19.90 -21.53
C LEU B 166 -21.23 -20.02 -21.62
N LYS B 167 -21.72 -20.64 -22.69
CA LYS B 167 -23.15 -20.79 -22.89
C LYS B 167 -23.83 -21.51 -21.72
N GLU B 168 -23.28 -22.66 -21.32
CA GLU B 168 -23.84 -23.42 -20.22
C GLU B 168 -23.65 -22.68 -18.88
N ASP B 169 -22.53 -21.97 -18.73
CA ASP B 169 -22.28 -21.24 -17.49
C ASP B 169 -23.35 -20.17 -17.31
N ILE B 170 -23.67 -19.46 -18.38
CA ILE B 170 -24.70 -18.42 -18.32
C ILE B 170 -26.02 -19.08 -17.94
N GLU B 171 -26.33 -20.18 -18.63
CA GLU B 171 -27.56 -20.91 -18.36
C GLU B 171 -27.64 -21.34 -16.90
N ALA B 172 -26.54 -21.88 -16.38
CA ALA B 172 -26.47 -22.34 -14.99
C ALA B 172 -26.72 -21.22 -13.99
N VAL B 173 -26.08 -20.08 -14.19
CA VAL B 173 -26.25 -18.96 -13.28
C VAL B 173 -27.70 -18.47 -13.28
N GLU B 174 -28.30 -18.38 -14.46
CA GLU B 174 -29.69 -17.94 -14.58
C GLU B 174 -30.64 -18.88 -13.86
N GLU B 175 -30.46 -20.18 -14.06
CA GLU B 175 -31.32 -21.17 -13.41
C GLU B 175 -31.16 -21.13 -11.90
N ILE B 176 -29.92 -21.10 -11.44
CA ILE B 176 -29.66 -21.05 -10.00
C ILE B 176 -30.33 -19.85 -9.36
N ALA B 177 -30.24 -18.70 -10.03
CA ALA B 177 -30.84 -17.47 -9.52
C ALA B 177 -32.35 -17.59 -9.30
N LYS B 178 -33.03 -18.30 -10.20
CA LYS B 178 -34.47 -18.48 -10.12
C LYS B 178 -34.93 -19.16 -8.83
N VAL B 179 -34.21 -20.19 -8.42
CA VAL B 179 -34.57 -20.97 -7.24
C VAL B 179 -33.86 -20.59 -5.94
N THR B 180 -33.24 -19.41 -5.91
CA THR B 180 -32.54 -18.96 -4.70
C THR B 180 -32.72 -17.46 -4.49
N ARG B 181 -33.92 -16.97 -4.80
CA ARG B 181 -34.20 -15.55 -4.64
C ARG B 181 -33.96 -15.11 -3.20
N GLY B 182 -33.15 -14.07 -3.06
CA GLY B 182 -32.83 -13.55 -1.73
C GLY B 182 -31.35 -13.70 -1.45
N ALA B 183 -30.69 -14.55 -2.23
CA ALA B 183 -29.26 -14.78 -2.05
C ALA B 183 -28.39 -13.92 -2.95
N LYS B 184 -27.17 -13.67 -2.51
CA LYS B 184 -26.21 -12.89 -3.28
C LYS B 184 -25.39 -13.95 -4.01
N TYR B 185 -24.77 -13.59 -5.12
CA TYR B 185 -23.99 -14.57 -5.88
C TYR B 185 -22.57 -14.12 -6.19
N ILE B 186 -21.65 -15.08 -6.12
CA ILE B 186 -20.25 -14.86 -6.44
C ILE B 186 -19.95 -15.86 -7.54
N VAL B 187 -19.42 -15.37 -8.65
CA VAL B 187 -19.08 -16.23 -9.77
C VAL B 187 -17.56 -16.27 -9.88
N ASP B 188 -17.01 -17.47 -9.99
CA ASP B 188 -15.57 -17.66 -10.07
C ASP B 188 -15.25 -18.49 -11.31
N ALA B 189 -14.55 -17.87 -12.27
CA ALA B 189 -14.20 -18.55 -13.50
C ALA B 189 -12.85 -19.26 -13.46
N ASN B 190 -12.11 -19.08 -12.36
CA ASN B 190 -10.78 -19.67 -12.20
C ASN B 190 -9.94 -19.60 -13.50
N MET B 191 -9.85 -18.39 -14.06
CA MET B 191 -9.06 -18.09 -15.26
C MET B 191 -9.52 -18.72 -16.58
N GLY B 192 -10.72 -19.30 -16.61
CA GLY B 192 -11.20 -19.95 -17.82
C GLY B 192 -11.61 -19.12 -19.03
N TYR B 193 -11.97 -17.85 -18.84
CA TYR B 193 -12.41 -17.03 -19.96
C TYR B 193 -11.36 -16.11 -20.57
N THR B 194 -11.62 -15.71 -21.82
CA THR B 194 -10.76 -14.76 -22.51
C THR B 194 -11.38 -13.44 -22.08
N GLN B 195 -10.73 -12.33 -22.39
CA GLN B 195 -11.27 -11.02 -22.02
C GLN B 195 -12.69 -10.80 -22.52
N LYS B 196 -12.90 -10.97 -23.83
CA LYS B 196 -14.22 -10.75 -24.41
C LYS B 196 -15.25 -11.75 -23.90
N GLU B 197 -14.85 -13.00 -23.67
CA GLU B 197 -15.78 -13.99 -23.15
C GLU B 197 -16.23 -13.58 -21.75
N ALA B 198 -15.27 -13.12 -20.95
CA ALA B 198 -15.55 -12.71 -19.57
C ALA B 198 -16.59 -11.59 -19.56
N VAL B 199 -16.44 -10.64 -20.46
CA VAL B 199 -17.37 -9.52 -20.54
C VAL B 199 -18.74 -9.99 -21.02
N GLU B 200 -18.75 -10.86 -22.01
CA GLU B 200 -20.00 -11.37 -22.54
C GLU B 200 -20.78 -12.07 -21.44
N PHE B 201 -20.07 -12.84 -20.61
CA PHE B 201 -20.72 -13.54 -19.51
C PHE B 201 -21.45 -12.57 -18.60
N ALA B 202 -20.72 -11.56 -18.13
CA ALA B 202 -21.29 -10.57 -17.22
C ALA B 202 -22.47 -9.82 -17.84
N ARG B 203 -22.33 -9.38 -19.08
CA ARG B 203 -23.40 -8.67 -19.76
C ARG B 203 -24.64 -9.55 -19.91
N ALA B 204 -24.44 -10.79 -20.33
CA ALA B 204 -25.56 -11.72 -20.52
C ALA B 204 -26.35 -11.89 -19.22
N VAL B 205 -25.65 -12.08 -18.12
CA VAL B 205 -26.29 -12.27 -16.83
C VAL B 205 -26.94 -10.98 -16.33
N TYR B 206 -26.25 -9.85 -16.57
CA TYR B 206 -26.78 -8.56 -16.16
C TYR B 206 -28.10 -8.27 -16.88
N GLN B 207 -28.15 -8.63 -18.16
CA GLN B 207 -29.35 -8.40 -18.97
C GLN B 207 -30.57 -9.15 -18.44
N LYS B 208 -30.34 -10.24 -17.72
CA LYS B 208 -31.43 -11.03 -17.16
C LYS B 208 -31.88 -10.46 -15.82
N GLY B 209 -31.26 -9.36 -15.40
CA GLY B 209 -31.62 -8.76 -14.13
C GLY B 209 -30.93 -9.40 -12.94
N ILE B 210 -29.94 -10.25 -13.21
CA ILE B 210 -29.21 -10.92 -12.15
C ILE B 210 -28.00 -10.09 -11.72
N ASP B 211 -27.77 -9.99 -10.41
CA ASP B 211 -26.64 -9.23 -9.92
C ASP B 211 -25.56 -10.15 -9.32
N ILE B 212 -24.31 -9.88 -9.67
CA ILE B 212 -23.19 -10.68 -9.17
C ILE B 212 -22.40 -9.84 -8.18
N ALA B 213 -22.30 -10.31 -6.94
CA ALA B 213 -21.58 -9.59 -5.90
C ALA B 213 -20.08 -9.48 -6.19
N VAL B 214 -19.49 -10.59 -6.63
CA VAL B 214 -18.07 -10.62 -6.98
C VAL B 214 -17.84 -11.58 -8.14
N TYR B 215 -17.08 -11.11 -9.12
CA TYR B 215 -16.75 -11.88 -10.32
C TYR B 215 -15.25 -12.18 -10.21
N GLU B 216 -14.93 -13.38 -9.74
CA GLU B 216 -13.55 -13.81 -9.52
C GLU B 216 -12.70 -14.26 -10.70
N GLN B 217 -11.47 -13.74 -10.74
CA GLN B 217 -10.45 -14.07 -11.75
C GLN B 217 -11.02 -14.66 -13.04
N PRO B 218 -11.60 -13.83 -13.90
CA PRO B 218 -12.16 -14.34 -15.16
C PRO B 218 -11.11 -14.73 -16.21
N VAL B 219 -9.94 -14.09 -16.15
CA VAL B 219 -8.87 -14.38 -17.12
C VAL B 219 -7.59 -14.94 -16.51
N ARG B 220 -6.65 -15.32 -17.38
CA ARG B 220 -5.38 -15.90 -16.95
C ARG B 220 -4.64 -15.03 -15.94
N ARG B 221 -3.87 -15.67 -15.08
CA ARG B 221 -3.14 -14.98 -14.02
C ARG B 221 -2.17 -13.87 -14.41
N GLU B 222 -1.52 -13.99 -15.56
CA GLU B 222 -0.56 -12.97 -16.00
C GLU B 222 -1.23 -11.80 -16.74
N ASP B 223 -2.48 -12.00 -17.14
CA ASP B 223 -3.19 -10.99 -17.89
C ASP B 223 -3.79 -9.88 -17.02
N ILE B 224 -2.92 -9.07 -16.43
CA ILE B 224 -3.38 -7.98 -15.57
C ILE B 224 -4.20 -6.99 -16.39
N GLU B 225 -3.75 -6.71 -17.60
CA GLU B 225 -4.47 -5.78 -18.48
C GLU B 225 -5.85 -6.36 -18.76
N GLY B 226 -5.93 -7.68 -18.89
CA GLY B 226 -7.20 -8.35 -19.15
C GLY B 226 -8.15 -8.19 -17.97
N LEU B 227 -7.62 -8.34 -16.75
CA LEU B 227 -8.46 -8.17 -15.57
C LEU B 227 -9.03 -6.76 -15.60
N LYS B 228 -8.17 -5.79 -15.93
CA LYS B 228 -8.60 -4.40 -16.00
C LYS B 228 -9.65 -4.20 -17.09
N PHE B 229 -9.44 -4.82 -18.24
CA PHE B 229 -10.39 -4.71 -19.34
C PHE B 229 -11.77 -5.17 -18.90
N VAL B 230 -11.83 -6.31 -18.19
CA VAL B 230 -13.12 -6.82 -17.74
C VAL B 230 -13.72 -5.89 -16.71
N ARG B 231 -12.90 -5.37 -15.81
CA ARG B 231 -13.39 -4.47 -14.79
C ARG B 231 -14.06 -3.24 -15.40
N PHE B 232 -13.42 -2.66 -16.42
CA PHE B 232 -13.92 -1.47 -17.08
C PHE B 232 -15.03 -1.68 -18.10
N HIS B 233 -15.33 -2.94 -18.43
CA HIS B 233 -16.36 -3.22 -19.42
C HIS B 233 -17.42 -4.20 -18.90
N SER B 234 -17.42 -4.43 -17.59
CA SER B 234 -18.36 -5.34 -16.96
C SER B 234 -19.01 -4.62 -15.78
N PRO B 235 -20.35 -4.75 -15.64
CA PRO B 235 -21.07 -4.08 -14.55
C PRO B 235 -20.82 -4.60 -13.14
N PHE B 236 -20.19 -5.77 -13.01
CA PHE B 236 -19.96 -6.34 -11.70
C PHE B 236 -18.54 -6.20 -11.17
N PRO B 237 -18.39 -6.17 -9.84
CA PRO B 237 -17.07 -6.03 -9.21
C PRO B 237 -16.17 -7.19 -9.61
N VAL B 238 -15.01 -6.88 -10.18
CA VAL B 238 -14.09 -7.93 -10.60
C VAL B 238 -12.99 -8.15 -9.56
N ALA B 239 -12.67 -9.41 -9.28
CA ALA B 239 -11.65 -9.73 -8.30
C ALA B 239 -10.46 -10.50 -8.87
N ALA B 240 -9.30 -10.28 -8.28
CA ALA B 240 -8.12 -11.01 -8.67
C ALA B 240 -7.96 -12.08 -7.60
N ASP B 241 -7.71 -13.31 -8.02
CA ASP B 241 -7.47 -14.39 -7.07
C ASP B 241 -6.08 -14.93 -7.40
N GLU B 242 -6.01 -15.75 -8.44
CA GLU B 242 -4.73 -16.31 -8.86
C GLU B 242 -3.69 -15.24 -9.20
N SER B 243 -4.15 -14.06 -9.62
CA SER B 243 -3.21 -12.97 -9.95
C SER B 243 -2.72 -12.24 -8.70
N ALA B 244 -3.30 -12.53 -7.54
CA ALA B 244 -2.92 -11.84 -6.32
C ALA B 244 -2.41 -12.78 -5.23
N ARG B 245 -1.10 -13.03 -5.24
CA ARG B 245 -0.51 -13.93 -4.27
C ARG B 245 0.30 -13.18 -3.21
N THR B 246 1.10 -12.20 -3.64
CA THR B 246 1.94 -11.44 -2.72
C THR B 246 1.48 -9.99 -2.53
N LYS B 247 2.09 -9.29 -1.57
CA LYS B 247 1.76 -7.91 -1.32
C LYS B 247 2.24 -7.06 -2.49
N PHE B 248 3.25 -7.54 -3.20
CA PHE B 248 3.77 -6.81 -4.35
C PHE B 248 2.80 -6.93 -5.52
N ASP B 249 2.16 -8.08 -5.67
CA ASP B 249 1.18 -8.25 -6.74
C ASP B 249 0.04 -7.26 -6.51
N VAL B 250 -0.43 -7.18 -5.26
CA VAL B 250 -1.54 -6.29 -4.94
C VAL B 250 -1.16 -4.84 -5.17
N MET B 251 0.02 -4.46 -4.70
CA MET B 251 0.50 -3.10 -4.89
C MET B 251 0.47 -2.80 -6.39
N ARG B 252 0.84 -3.78 -7.21
CA ARG B 252 0.84 -3.59 -8.65
C ARG B 252 -0.59 -3.48 -9.19
N LEU B 253 -1.49 -4.34 -8.71
CA LEU B 253 -2.88 -4.30 -9.18
C LEU B 253 -3.53 -2.96 -8.83
N VAL B 254 -3.22 -2.43 -7.66
CA VAL B 254 -3.79 -1.15 -7.24
C VAL B 254 -3.26 -0.03 -8.14
N LYS B 255 -1.95 0.00 -8.34
CA LYS B 255 -1.34 1.01 -9.21
C LYS B 255 -1.98 0.98 -10.60
N GLU B 256 -2.26 -0.21 -11.13
CA GLU B 256 -2.86 -0.35 -12.45
C GLU B 256 -4.38 -0.17 -12.45
N GLU B 257 -4.99 -0.06 -11.27
CA GLU B 257 -6.44 0.09 -11.18
C GLU B 257 -7.06 -1.10 -11.91
N ALA B 258 -6.42 -2.25 -11.79
CA ALA B 258 -6.86 -3.47 -12.47
C ALA B 258 -8.12 -4.16 -11.96
N VAL B 259 -8.39 -4.10 -10.67
CA VAL B 259 -9.56 -4.80 -10.13
C VAL B 259 -10.30 -4.05 -9.04
N ASP B 260 -11.53 -4.48 -8.74
CA ASP B 260 -12.32 -3.87 -7.69
C ASP B 260 -12.06 -4.63 -6.40
N TYR B 261 -11.74 -5.92 -6.54
CA TYR B 261 -11.51 -6.80 -5.40
C TYR B 261 -10.28 -7.67 -5.51
N VAL B 262 -9.78 -8.09 -4.35
CA VAL B 262 -8.70 -9.05 -4.29
C VAL B 262 -9.17 -10.11 -3.30
N ASN B 263 -9.04 -11.37 -3.69
CA ASN B 263 -9.42 -12.48 -2.85
C ASN B 263 -8.14 -12.89 -2.12
N ILE B 264 -7.98 -12.44 -0.87
CA ILE B 264 -6.81 -12.79 -0.09
C ILE B 264 -6.95 -14.23 0.41
N LYS B 265 -5.85 -14.97 0.39
CA LYS B 265 -5.85 -16.33 0.92
C LYS B 265 -4.54 -16.48 1.65
N LEU B 266 -4.61 -16.94 2.89
CA LEU B 266 -3.40 -17.14 3.65
C LEU B 266 -2.52 -18.19 2.93
N MET B 267 -3.16 -19.15 2.26
CA MET B 267 -2.41 -20.20 1.56
C MET B 267 -1.57 -19.63 0.41
N LYS B 268 -1.90 -18.43 -0.03
CA LYS B 268 -1.14 -17.78 -1.10
C LYS B 268 -0.15 -16.77 -0.55
N SER B 269 -0.57 -16.01 0.46
CA SER B 269 0.25 -14.94 1.03
C SER B 269 0.89 -15.14 2.38
N GLY B 270 0.38 -16.05 3.18
CA GLY B 270 0.92 -16.23 4.51
C GLY B 270 0.33 -15.11 5.35
N ILE B 271 0.61 -15.09 6.65
CA ILE B 271 0.07 -14.05 7.52
C ILE B 271 0.69 -12.67 7.23
N SER B 272 2.00 -12.65 7.06
CA SER B 272 2.73 -11.39 6.80
C SER B 272 2.21 -10.60 5.60
N ASP B 273 2.14 -11.23 4.43
CA ASP B 273 1.66 -10.52 3.25
C ASP B 273 0.17 -10.23 3.35
N ALA B 274 -0.57 -11.10 4.03
CA ALA B 274 -2.01 -10.90 4.17
C ALA B 274 -2.25 -9.59 4.94
N LEU B 275 -1.46 -9.36 5.98
CA LEU B 275 -1.61 -8.14 6.77
C LEU B 275 -1.26 -6.93 5.91
N ALA B 276 -0.24 -7.06 5.07
CA ALA B 276 0.16 -5.96 4.20
C ALA B 276 -0.94 -5.65 3.20
N ILE B 277 -1.55 -6.70 2.63
CA ILE B 277 -2.61 -6.52 1.66
C ILE B 277 -3.84 -5.84 2.30
N VAL B 278 -4.11 -6.17 3.55
CA VAL B 278 -5.25 -5.56 4.26
C VAL B 278 -5.02 -4.05 4.35
N GLU B 279 -3.81 -3.67 4.76
CA GLU B 279 -3.46 -2.26 4.88
C GLU B 279 -3.49 -1.57 3.51
N ILE B 280 -3.02 -2.27 2.48
CA ILE B 280 -3.00 -1.67 1.15
C ILE B 280 -4.43 -1.41 0.68
N ALA B 281 -5.32 -2.37 0.90
CA ALA B 281 -6.71 -2.21 0.49
C ALA B 281 -7.36 -1.05 1.25
N GLU B 282 -7.13 -0.97 2.56
CA GLU B 282 -7.74 0.10 3.35
C GLU B 282 -7.14 1.49 3.06
N SER B 283 -6.06 1.52 2.29
CA SER B 283 -5.43 2.80 1.94
C SER B 283 -5.70 3.15 0.48
N SER B 284 -6.64 2.43 -0.14
CA SER B 284 -6.98 2.69 -1.54
C SER B 284 -8.44 2.32 -1.79
N GLY B 285 -8.85 2.30 -3.06
CA GLY B 285 -10.22 1.97 -3.35
C GLY B 285 -10.51 0.48 -3.37
N LEU B 286 -9.46 -0.33 -3.27
CA LEU B 286 -9.58 -1.79 -3.29
C LEU B 286 -10.43 -2.36 -2.17
N LYS B 287 -11.21 -3.39 -2.49
CA LYS B 287 -12.02 -4.07 -1.50
C LYS B 287 -11.53 -5.51 -1.43
N LEU B 288 -11.81 -6.19 -0.31
CA LEU B 288 -11.33 -7.55 -0.16
C LEU B 288 -12.38 -8.57 0.21
N MET B 289 -12.01 -9.82 -0.04
CA MET B 289 -12.80 -10.98 0.31
C MET B 289 -11.71 -11.96 0.71
N ILE B 290 -12.01 -12.85 1.64
CA ILE B 290 -11.01 -13.83 2.05
C ILE B 290 -11.48 -15.19 1.57
N GLY B 291 -10.56 -15.98 1.01
CA GLY B 291 -10.93 -17.29 0.51
C GLY B 291 -10.10 -18.42 1.09
N CYS B 292 -10.18 -19.59 0.45
CA CYS B 292 -9.46 -20.76 0.92
C CYS B 292 -9.14 -21.72 -0.23
N MET B 293 -8.39 -22.77 0.09
CA MET B 293 -8.01 -23.79 -0.88
C MET B 293 -8.72 -25.09 -0.47
N GLY B 294 -7.97 -26.02 0.10
CA GLY B 294 -8.53 -27.28 0.54
C GLY B 294 -8.32 -27.55 2.03
N GLU B 295 -8.25 -26.49 2.83
CA GLU B 295 -8.06 -26.63 4.28
C GLU B 295 -9.14 -27.45 4.96
N SER B 296 -8.78 -28.13 6.04
CA SER B 296 -9.73 -28.89 6.83
C SER B 296 -10.15 -27.87 7.90
N SER B 297 -10.95 -28.27 8.88
CA SER B 297 -11.39 -27.33 9.91
C SER B 297 -10.21 -26.63 10.60
N LEU B 298 -9.17 -27.38 10.93
CA LEU B 298 -8.00 -26.79 11.59
C LEU B 298 -7.40 -25.68 10.72
N GLY B 299 -7.42 -25.88 9.41
CA GLY B 299 -6.88 -24.90 8.50
C GLY B 299 -7.77 -23.67 8.32
N ILE B 300 -9.08 -23.89 8.21
CA ILE B 300 -9.99 -22.75 8.05
C ILE B 300 -9.92 -21.87 9.29
N ASN B 301 -9.60 -22.49 10.42
CA ASN B 301 -9.48 -21.76 11.69
C ASN B 301 -8.54 -20.56 11.55
N GLN B 302 -7.47 -20.73 10.78
CA GLN B 302 -6.49 -19.68 10.57
C GLN B 302 -7.13 -18.46 9.91
N SER B 303 -7.95 -18.70 8.89
CA SER B 303 -8.63 -17.62 8.20
C SER B 303 -9.77 -17.01 9.02
N VAL B 304 -10.48 -17.84 9.79
CA VAL B 304 -11.57 -17.33 10.62
C VAL B 304 -11.00 -16.31 11.60
N HIS B 305 -9.92 -16.67 12.27
CA HIS B 305 -9.31 -15.75 13.22
C HIS B 305 -8.78 -14.50 12.53
N PHE B 306 -8.30 -14.67 11.30
CA PHE B 306 -7.76 -13.54 10.56
C PHE B 306 -8.90 -12.60 10.17
N ALA B 307 -9.99 -13.16 9.67
CA ALA B 307 -11.15 -12.37 9.26
C ALA B 307 -11.78 -11.66 10.45
N LEU B 308 -12.01 -12.39 11.53
CA LEU B 308 -12.60 -11.83 12.75
C LEU B 308 -11.73 -10.72 13.33
N GLY B 309 -10.42 -10.97 13.38
CA GLY B 309 -9.52 -9.99 13.94
C GLY B 309 -9.39 -8.71 13.16
N THR B 310 -9.14 -8.82 11.85
CA THR B 310 -8.98 -7.63 11.03
C THR B 310 -10.33 -7.04 10.60
N GLY B 311 -11.33 -7.91 10.47
CA GLY B 311 -12.65 -7.46 10.04
C GLY B 311 -12.52 -6.72 8.72
N ALA B 312 -11.54 -7.12 7.92
CA ALA B 312 -11.27 -6.45 6.65
C ALA B 312 -12.01 -6.94 5.42
N PHE B 313 -12.89 -7.91 5.55
CA PHE B 313 -13.56 -8.46 4.37
C PHE B 313 -15.05 -8.24 4.19
N GLU B 314 -15.45 -7.96 2.94
CA GLU B 314 -16.83 -7.75 2.58
C GLU B 314 -17.51 -9.09 2.39
N PHE B 315 -16.73 -10.08 1.97
CA PHE B 315 -17.25 -11.42 1.75
C PHE B 315 -16.23 -12.45 2.23
N HIS B 316 -16.73 -13.59 2.68
CA HIS B 316 -15.87 -14.65 3.15
C HIS B 316 -16.25 -15.95 2.46
N ASP B 317 -15.27 -16.57 1.80
CA ASP B 317 -15.47 -17.84 1.12
C ASP B 317 -14.56 -18.84 1.86
N LEU B 318 -15.03 -19.31 3.01
CA LEU B 318 -14.29 -20.24 3.84
C LEU B 318 -15.15 -21.49 4.07
N ASP B 319 -15.46 -22.17 2.97
CA ASP B 319 -16.30 -23.37 2.99
C ASP B 319 -15.55 -24.68 2.74
N SER B 320 -14.23 -24.58 2.62
CA SER B 320 -13.40 -25.74 2.36
C SER B 320 -13.66 -26.93 3.29
N HIS B 321 -13.72 -26.68 4.59
CA HIS B 321 -13.95 -27.75 5.55
C HIS B 321 -15.35 -28.33 5.48
N LEU B 322 -16.28 -27.55 4.93
CA LEU B 322 -17.67 -27.99 4.80
C LEU B 322 -17.84 -29.01 3.68
N MET B 323 -16.88 -29.03 2.75
CA MET B 323 -16.94 -29.94 1.61
C MET B 323 -16.09 -31.19 1.81
N LEU B 324 -15.50 -31.33 2.99
CA LEU B 324 -14.66 -32.48 3.28
C LEU B 324 -15.22 -33.35 4.39
N LYS B 325 -15.05 -34.66 4.26
CA LYS B 325 -15.51 -35.58 5.28
C LYS B 325 -14.45 -35.50 6.37
N GLU B 326 -14.87 -35.04 7.55
CA GLU B 326 -13.95 -34.91 8.67
C GLU B 326 -14.60 -35.50 9.93
N GLU B 327 -13.96 -36.50 10.50
CA GLU B 327 -14.48 -37.15 11.69
C GLU B 327 -14.73 -36.21 12.86
N VAL B 328 -13.73 -35.39 13.19
CA VAL B 328 -13.88 -34.46 14.31
C VAL B 328 -13.48 -33.03 13.98
N PHE B 329 -14.30 -32.08 14.42
CA PHE B 329 -14.04 -30.65 14.22
C PHE B 329 -12.79 -30.27 15.00
N ARG B 330 -11.88 -29.53 14.37
CA ARG B 330 -10.65 -29.15 15.04
C ARG B 330 -10.31 -27.66 15.03
N GLY B 331 -11.29 -26.80 14.84
CA GLY B 331 -11.00 -25.38 14.84
C GLY B 331 -11.23 -24.70 16.19
N LYS B 332 -10.54 -23.59 16.42
CA LYS B 332 -10.71 -22.83 17.65
C LYS B 332 -11.77 -21.76 17.40
N PHE B 333 -12.89 -22.19 16.82
CA PHE B 333 -14.00 -21.31 16.53
C PHE B 333 -15.30 -22.10 16.50
N ILE B 334 -16.43 -21.40 16.50
CA ILE B 334 -17.75 -22.02 16.49
C ILE B 334 -18.37 -21.89 15.10
N GLN B 335 -18.89 -23.00 14.57
CA GLN B 335 -19.53 -22.99 13.27
C GLN B 335 -21.01 -23.26 13.46
N ASP B 336 -21.83 -22.34 12.97
CA ASP B 336 -23.28 -22.46 13.09
C ASP B 336 -23.89 -22.09 11.73
N GLY B 337 -23.98 -23.09 10.85
CA GLY B 337 -24.51 -22.83 9.52
C GLY B 337 -23.50 -21.96 8.79
N PRO B 338 -23.94 -20.90 8.11
CA PRO B 338 -22.98 -20.04 7.40
C PRO B 338 -22.20 -19.14 8.36
N ARG B 339 -22.66 -19.06 9.60
CA ARG B 339 -22.04 -18.23 10.63
C ARG B 339 -20.85 -18.83 11.35
N MET B 340 -19.86 -18.00 11.67
CA MET B 340 -18.67 -18.44 12.38
C MET B 340 -18.33 -17.42 13.45
N ARG B 341 -18.13 -17.91 14.67
CA ARG B 341 -17.80 -17.06 15.81
C ARG B 341 -16.62 -17.67 16.56
N VAL B 342 -16.14 -16.96 17.57
CA VAL B 342 -15.02 -17.47 18.35
C VAL B 342 -15.55 -17.83 19.75
N LYS B 343 -14.96 -18.86 20.34
CA LYS B 343 -15.35 -19.35 21.67
C LYS B 343 -15.10 -18.35 22.80
N ARG C 3 10.65 -42.00 -27.58
CA ARG C 3 9.61 -41.95 -26.50
C ARG C 3 10.21 -42.23 -25.11
N ILE C 4 9.91 -41.35 -24.15
CA ILE C 4 10.44 -41.47 -22.79
C ILE C 4 9.86 -42.64 -22.00
N VAL C 5 10.76 -43.45 -21.42
CA VAL C 5 10.32 -44.59 -20.62
C VAL C 5 10.70 -44.45 -19.15
N ASN C 6 11.59 -43.52 -18.84
CA ASN C 6 12.00 -43.33 -17.47
C ASN C 6 12.75 -42.03 -17.20
N VAL C 7 12.61 -41.53 -15.97
CA VAL C 7 13.26 -40.30 -15.56
C VAL C 7 13.87 -40.51 -14.18
N LYS C 8 15.11 -40.08 -14.00
CA LYS C 8 15.78 -40.23 -12.72
C LYS C 8 16.41 -38.93 -12.21
N LEU C 9 16.28 -38.69 -10.92
CA LEU C 9 16.84 -37.52 -10.27
C LEU C 9 17.85 -38.02 -9.26
N SER C 10 19.01 -37.38 -9.18
CA SER C 10 20.02 -37.80 -8.21
C SER C 10 20.87 -36.63 -7.76
N LEU C 11 21.06 -36.54 -6.45
CA LEU C 11 21.84 -35.48 -5.83
C LEU C 11 23.33 -35.59 -6.17
N LYS C 12 23.94 -34.47 -6.51
CA LYS C 12 25.37 -34.41 -6.83
C LYS C 12 25.94 -33.17 -6.16
N ARG C 13 26.91 -33.37 -5.25
CA ARG C 13 27.52 -32.26 -4.55
C ARG C 13 28.85 -31.87 -5.17
N TYR C 14 29.13 -30.58 -5.22
CA TYR C 14 30.39 -30.08 -5.75
C TYR C 14 30.90 -29.02 -4.78
N GLU C 15 32.22 -28.99 -4.57
CA GLU C 15 32.80 -28.03 -3.66
C GLU C 15 33.42 -26.85 -4.36
N TYR C 16 33.23 -25.66 -3.80
CA TYR C 16 33.83 -24.44 -4.35
C TYR C 16 35.30 -24.48 -3.92
N GLU C 17 36.20 -24.07 -4.80
CA GLU C 17 37.63 -24.05 -4.48
C GLU C 17 37.82 -23.26 -3.20
N LYS C 18 37.05 -22.18 -3.07
CA LYS C 18 37.10 -21.35 -1.88
C LYS C 18 35.72 -20.75 -1.71
N PRO C 19 35.34 -20.38 -0.47
CA PRO C 19 34.03 -19.79 -0.21
C PRO C 19 33.71 -18.67 -1.19
N PHE C 20 32.52 -18.73 -1.77
CA PHE C 20 32.07 -17.74 -2.75
C PHE C 20 31.13 -16.73 -2.08
N HIS C 21 31.61 -15.48 -1.96
CA HIS C 21 30.82 -14.42 -1.33
C HIS C 21 30.11 -13.47 -2.29
N ILE C 22 28.81 -13.29 -2.11
CA ILE C 22 28.04 -12.34 -2.90
C ILE C 22 27.15 -11.65 -1.88
N THR C 23 26.53 -10.54 -2.25
CA THR C 23 25.66 -9.83 -1.32
C THR C 23 24.65 -10.77 -0.66
N GLY C 24 24.71 -10.80 0.68
CA GLY C 24 23.82 -11.62 1.47
C GLY C 24 23.94 -13.13 1.37
N SER C 25 25.12 -13.64 1.02
CA SER C 25 25.27 -15.08 0.90
C SER C 25 26.69 -15.57 0.70
N VAL C 26 27.03 -16.64 1.42
CA VAL C 26 28.35 -17.25 1.31
C VAL C 26 28.12 -18.75 1.08
N SER C 27 28.80 -19.31 0.10
CA SER C 27 28.63 -20.73 -0.17
C SER C 27 29.97 -21.41 -0.41
N SER C 28 30.09 -22.64 0.06
CA SER C 28 31.32 -23.38 -0.17
C SER C 28 31.01 -24.73 -0.83
N GLU C 29 29.73 -25.05 -0.94
CA GLU C 29 29.30 -26.29 -1.59
C GLU C 29 28.07 -26.03 -2.48
N SER C 30 28.07 -26.61 -3.67
CA SER C 30 26.95 -26.47 -4.58
C SER C 30 26.23 -27.81 -4.65
N ARG C 31 24.94 -27.84 -4.29
CA ARG C 31 24.18 -29.09 -4.32
C ARG C 31 23.23 -29.10 -5.51
N ASN C 32 23.57 -29.91 -6.51
CA ASN C 32 22.77 -29.99 -7.70
C ASN C 32 21.99 -31.29 -7.82
N VAL C 33 21.01 -31.28 -8.71
CA VAL C 33 20.21 -32.46 -8.95
C VAL C 33 20.36 -32.80 -10.42
N GLU C 34 21.01 -33.94 -10.69
CA GLU C 34 21.21 -34.36 -12.07
C GLU C 34 19.96 -35.09 -12.57
N VAL C 35 19.60 -34.83 -13.82
CA VAL C 35 18.43 -35.45 -14.44
C VAL C 35 18.81 -36.31 -15.63
N GLU C 36 18.29 -37.53 -15.64
CA GLU C 36 18.52 -38.46 -16.72
C GLU C 36 17.18 -38.96 -17.22
N ILE C 37 16.94 -38.87 -18.51
CA ILE C 37 15.70 -39.39 -19.06
C ILE C 37 16.12 -40.51 -20.01
N VAL C 38 15.40 -41.62 -19.97
CA VAL C 38 15.73 -42.75 -20.84
C VAL C 38 14.62 -42.98 -21.86
N LEU C 39 15.02 -43.15 -23.12
CA LEU C 39 14.07 -43.38 -24.20
C LEU C 39 13.92 -44.87 -24.49
N GLU C 40 12.81 -45.22 -25.12
CA GLU C 40 12.54 -46.60 -25.49
C GLU C 40 13.73 -47.13 -26.27
N SER C 41 14.25 -46.30 -27.17
CA SER C 41 15.39 -46.67 -28.01
C SER C 41 16.66 -46.93 -27.20
N GLY C 42 16.63 -46.61 -25.91
CA GLY C 42 17.80 -46.81 -25.09
C GLY C 42 18.65 -45.56 -25.00
N VAL C 43 18.30 -44.55 -25.80
CA VAL C 43 19.01 -43.29 -25.79
C VAL C 43 18.77 -42.60 -24.45
N LYS C 44 19.80 -41.95 -23.91
CA LYS C 44 19.69 -41.27 -22.63
C LYS C 44 20.09 -39.80 -22.72
N GLY C 45 19.24 -38.94 -22.17
CA GLY C 45 19.52 -37.51 -22.17
C GLY C 45 19.81 -37.05 -20.76
N TYR C 46 20.72 -36.08 -20.62
CA TYR C 46 21.09 -35.56 -19.31
C TYR C 46 20.96 -34.05 -19.20
N GLY C 47 20.65 -33.60 -17.98
CA GLY C 47 20.52 -32.19 -17.71
C GLY C 47 20.88 -32.01 -16.25
N GLU C 48 21.06 -30.77 -15.81
CA GLU C 48 21.40 -30.53 -14.41
C GLU C 48 20.66 -29.34 -13.85
N ALA C 49 20.08 -29.55 -12.67
CA ALA C 49 19.36 -28.49 -11.96
C ALA C 49 20.26 -27.96 -10.85
N SER C 50 20.45 -26.65 -10.79
CA SER C 50 21.25 -26.04 -9.74
C SER C 50 20.26 -25.11 -9.04
N PRO C 51 19.43 -25.67 -8.17
CA PRO C 51 18.42 -24.88 -7.45
C PRO C 51 18.97 -23.75 -6.60
N SER C 52 18.18 -22.69 -6.50
CA SER C 52 18.55 -21.53 -5.71
C SER C 52 17.42 -21.17 -4.75
N PHE C 53 17.71 -21.20 -3.46
CA PHE C 53 16.73 -20.86 -2.45
C PHE C 53 16.54 -19.34 -2.49
N ARG C 54 17.64 -18.59 -2.50
CA ARG C 54 17.59 -17.14 -2.53
C ARG C 54 16.86 -16.56 -3.73
N VAL C 55 17.14 -17.06 -4.93
CA VAL C 55 16.51 -16.53 -6.13
C VAL C 55 15.19 -17.20 -6.55
N ASN C 56 15.15 -18.54 -6.57
CA ASN C 56 13.94 -19.24 -6.98
C ASN C 56 13.07 -19.78 -5.85
N GLY C 57 13.57 -19.73 -4.62
CA GLY C 57 12.82 -20.27 -3.49
C GLY C 57 12.89 -21.79 -3.39
N GLU C 58 13.76 -22.40 -4.20
CA GLU C 58 13.93 -23.86 -4.23
C GLU C 58 14.81 -24.42 -3.12
N ARG C 59 14.55 -25.69 -2.77
CA ARG C 59 15.34 -26.43 -1.78
C ARG C 59 15.68 -27.72 -2.52
N VAL C 60 16.93 -28.18 -2.46
CA VAL C 60 17.27 -29.41 -3.17
C VAL C 60 16.44 -30.61 -2.73
N GLU C 61 16.20 -30.75 -1.42
CA GLU C 61 15.40 -31.87 -0.92
C GLU C 61 14.00 -31.83 -1.53
N ALA C 62 13.46 -30.64 -1.74
CA ALA C 62 12.12 -30.54 -2.34
C ALA C 62 12.18 -31.02 -3.79
N LEU C 63 13.25 -30.69 -4.51
CA LEU C 63 13.36 -31.15 -5.89
C LEU C 63 13.39 -32.69 -5.93
N LEU C 64 14.25 -33.29 -5.13
CA LEU C 64 14.38 -34.74 -5.09
C LEU C 64 13.08 -35.45 -4.70
N ALA C 65 12.27 -34.81 -3.88
CA ALA C 65 11.02 -35.42 -3.42
C ALA C 65 9.94 -35.58 -4.49
N ILE C 66 10.03 -34.83 -5.58
CA ILE C 66 9.00 -34.94 -6.61
C ILE C 66 9.39 -35.74 -7.85
N GLU C 67 10.44 -36.55 -7.71
CA GLU C 67 10.93 -37.37 -8.82
C GLU C 67 9.82 -38.17 -9.50
N ASN C 68 9.02 -38.87 -8.70
CA ASN C 68 7.95 -39.68 -9.26
C ASN C 68 6.94 -38.84 -10.02
N ALA C 69 6.53 -37.72 -9.45
CA ALA C 69 5.57 -36.84 -10.11
C ALA C 69 6.11 -36.34 -11.46
N VAL C 70 7.40 -36.03 -11.51
CA VAL C 70 7.99 -35.54 -12.75
C VAL C 70 7.99 -36.69 -13.76
N ARG C 71 8.29 -37.90 -13.28
CA ARG C 71 8.30 -39.06 -14.15
C ARG C 71 6.92 -39.26 -14.77
N GLU C 72 5.88 -39.21 -13.95
CA GLU C 72 4.52 -39.40 -14.43
C GLU C 72 4.07 -38.31 -15.41
N MET C 73 4.63 -37.12 -15.28
CA MET C 73 4.28 -36.01 -16.16
C MET C 73 4.72 -36.20 -17.61
N ILE C 74 5.89 -36.80 -17.81
CA ILE C 74 6.41 -36.92 -19.16
C ILE C 74 6.69 -38.30 -19.74
N THR C 75 6.54 -39.38 -18.96
CA THR C 75 6.81 -40.69 -19.53
C THR C 75 5.75 -40.99 -20.60
N GLY C 76 6.18 -41.63 -21.67
CA GLY C 76 5.25 -41.97 -22.74
C GLY C 76 5.18 -40.92 -23.84
N ILE C 77 5.89 -39.81 -23.69
CA ILE C 77 5.88 -38.78 -24.71
C ILE C 77 7.12 -38.91 -25.57
N ASP C 78 6.96 -38.81 -26.89
CA ASP C 78 8.10 -38.92 -27.77
C ASP C 78 8.84 -37.58 -27.74
N VAL C 79 10.15 -37.61 -27.69
CA VAL C 79 10.91 -36.36 -27.64
C VAL C 79 10.80 -35.50 -28.88
N ARG C 80 10.31 -36.06 -29.98
CA ARG C 80 10.18 -35.28 -31.20
C ARG C 80 9.03 -34.29 -31.01
N ASN C 81 8.17 -34.56 -30.03
CA ASN C 81 7.06 -33.68 -29.69
C ASN C 81 7.51 -32.89 -28.44
N TYR C 82 8.76 -32.40 -28.45
CA TYR C 82 9.30 -31.70 -27.30
C TYR C 82 8.49 -30.50 -26.81
N ALA C 83 7.74 -29.85 -27.69
CA ALA C 83 6.94 -28.71 -27.25
C ALA C 83 5.88 -29.14 -26.23
N ARG C 84 5.44 -30.39 -26.30
CA ARG C 84 4.46 -30.87 -25.33
C ARG C 84 5.14 -31.03 -23.99
N ILE C 85 6.36 -31.56 -24.01
CA ILE C 85 7.14 -31.74 -22.79
C ILE C 85 7.40 -30.36 -22.18
N PHE C 86 7.74 -29.38 -23.02
CA PHE C 86 8.00 -28.02 -22.56
C PHE C 86 6.79 -27.42 -21.85
N GLU C 87 5.61 -27.55 -22.47
CA GLU C 87 4.39 -27.01 -21.86
C GLU C 87 4.04 -27.68 -20.53
N ILE C 88 4.22 -29.00 -20.47
CA ILE C 88 3.92 -29.73 -19.25
C ILE C 88 4.89 -29.30 -18.15
N THR C 89 6.18 -29.23 -18.49
CA THR C 89 7.16 -28.84 -17.49
C THR C 89 7.10 -27.37 -17.10
N ASP C 90 6.36 -26.56 -17.86
CA ASP C 90 6.21 -25.15 -17.50
C ASP C 90 5.36 -25.07 -16.21
N ARG C 91 4.66 -26.15 -15.90
CA ARG C 91 3.82 -26.18 -14.70
C ARG C 91 4.69 -26.27 -13.45
N LEU C 92 5.96 -26.61 -13.66
CA LEU C 92 6.92 -26.72 -12.56
C LEU C 92 7.55 -25.35 -12.30
N PHE C 93 6.75 -24.28 -12.33
CA PHE C 93 7.30 -22.96 -12.10
C PHE C 93 7.82 -22.81 -10.67
N GLY C 94 7.45 -23.74 -9.81
CA GLY C 94 7.93 -23.71 -8.44
C GLY C 94 9.26 -24.42 -8.31
N PHE C 95 9.68 -25.08 -9.39
CA PHE C 95 10.94 -25.83 -9.42
C PHE C 95 11.59 -25.48 -10.76
N PRO C 96 11.86 -24.20 -11.00
CA PRO C 96 12.48 -23.76 -12.26
C PRO C 96 13.77 -24.43 -12.72
N SER C 97 14.68 -24.72 -11.80
CA SER C 97 15.92 -25.35 -12.23
C SER C 97 15.65 -26.79 -12.69
N LEU C 98 14.66 -27.44 -12.09
CA LEU C 98 14.33 -28.82 -12.47
C LEU C 98 13.68 -28.73 -13.86
N LYS C 99 12.86 -27.71 -14.06
CA LYS C 99 12.19 -27.47 -15.32
C LYS C 99 13.27 -27.38 -16.41
N ALA C 100 14.33 -26.64 -16.11
CA ALA C 100 15.41 -26.44 -17.06
C ALA C 100 16.13 -27.74 -17.39
N ALA C 101 16.46 -28.52 -16.35
CA ALA C 101 17.17 -29.79 -16.53
C ALA C 101 16.37 -30.78 -17.37
N VAL C 102 15.08 -30.89 -17.08
CA VAL C 102 14.23 -31.81 -17.83
C VAL C 102 14.11 -31.38 -19.29
N GLN C 103 13.87 -30.10 -19.51
CA GLN C 103 13.74 -29.61 -20.87
C GLN C 103 15.04 -29.79 -21.64
N PHE C 104 16.17 -29.55 -20.98
CA PHE C 104 17.42 -29.74 -21.70
C PHE C 104 17.67 -31.22 -21.94
N ALA C 105 17.38 -32.05 -20.94
CA ALA C 105 17.60 -33.49 -21.08
C ALA C 105 16.85 -33.98 -22.31
N THR C 106 15.66 -33.40 -22.51
CA THR C 106 14.81 -33.73 -23.63
C THR C 106 15.50 -33.41 -24.97
N LEU C 107 15.98 -32.18 -25.11
CA LEU C 107 16.67 -31.80 -26.34
C LEU C 107 17.96 -32.60 -26.53
N ASP C 108 18.58 -32.97 -25.43
CA ASP C 108 19.82 -33.74 -25.49
C ASP C 108 19.52 -35.11 -26.12
N ALA C 109 18.46 -35.75 -25.64
CA ALA C 109 18.06 -37.05 -26.16
C ALA C 109 17.63 -36.93 -27.61
N LEU C 110 16.82 -35.91 -27.90
CA LEU C 110 16.33 -35.67 -29.25
C LEU C 110 17.46 -35.45 -30.24
N SER C 111 18.41 -34.61 -29.87
CA SER C 111 19.54 -34.32 -30.76
C SER C 111 20.35 -35.58 -31.03
N GLN C 112 20.40 -36.49 -30.07
CA GLN C 112 21.14 -37.73 -30.27
C GLN C 112 20.42 -38.57 -31.32
N GLU C 113 19.10 -38.68 -31.21
CA GLU C 113 18.33 -39.46 -32.18
C GLU C 113 18.46 -38.90 -33.58
N LEU C 114 18.58 -37.58 -33.69
CA LEU C 114 18.69 -36.94 -34.98
C LEU C 114 20.14 -36.90 -35.49
N GLY C 115 21.07 -37.35 -34.65
CA GLY C 115 22.46 -37.36 -35.06
C GLY C 115 23.11 -35.98 -35.14
N THR C 116 22.67 -35.06 -34.29
CA THR C 116 23.24 -33.72 -34.29
C THR C 116 23.46 -33.25 -32.85
N GLN C 117 23.66 -31.96 -32.63
CA GLN C 117 23.87 -31.44 -31.29
C GLN C 117 22.81 -30.41 -30.93
N VAL C 118 22.62 -30.19 -29.64
CA VAL C 118 21.61 -29.24 -29.19
C VAL C 118 21.83 -27.85 -29.78
N CYS C 119 23.07 -27.36 -29.79
CA CYS C 119 23.33 -26.03 -30.33
C CYS C 119 22.86 -25.88 -31.78
N TYR C 120 23.00 -26.92 -32.57
CA TYR C 120 22.56 -26.85 -33.96
C TYR C 120 21.05 -26.85 -34.05
N LEU C 121 20.42 -27.58 -33.14
CA LEU C 121 18.97 -27.66 -33.09
C LEU C 121 18.42 -26.25 -32.80
N LEU C 122 19.19 -25.45 -32.07
CA LEU C 122 18.75 -24.10 -31.70
C LEU C 122 19.14 -23.02 -32.69
N GLY C 123 19.79 -23.40 -33.79
CA GLY C 123 20.17 -22.41 -34.78
C GLY C 123 21.63 -22.46 -35.23
N GLY C 124 22.49 -23.03 -34.39
CA GLY C 124 23.90 -23.13 -34.70
C GLY C 124 24.48 -21.82 -35.19
N LYS C 125 24.02 -20.73 -34.60
CA LYS C 125 24.48 -19.40 -35.01
C LYS C 125 25.95 -19.10 -34.80
N ARG C 126 26.54 -19.57 -33.72
CA ARG C 126 27.95 -19.29 -33.44
C ARG C 126 28.74 -20.56 -33.17
N ASP C 127 30.04 -20.53 -33.45
CA ASP C 127 30.87 -21.69 -33.19
C ASP C 127 31.68 -21.50 -31.92
N GLU C 128 31.82 -20.25 -31.48
CA GLU C 128 32.57 -19.97 -30.26
C GLU C 128 32.01 -18.79 -29.46
N ILE C 129 32.13 -18.88 -28.14
CA ILE C 129 31.70 -17.82 -27.23
C ILE C 129 32.78 -17.66 -26.16
N GLU C 130 32.77 -16.52 -25.49
CA GLU C 130 33.74 -16.24 -24.43
C GLU C 130 33.05 -15.96 -23.11
N THR C 131 33.55 -16.55 -22.04
CA THR C 131 32.97 -16.33 -20.73
C THR C 131 33.88 -15.48 -19.87
N ASP C 132 33.26 -14.68 -19.00
CA ASP C 132 34.02 -13.86 -18.08
C ASP C 132 34.33 -14.80 -16.91
N LYS C 133 34.89 -14.26 -15.85
CA LYS C 133 35.16 -15.04 -14.65
C LYS C 133 34.90 -14.06 -13.52
N THR C 134 34.37 -14.58 -12.41
CA THR C 134 33.98 -13.75 -11.29
C THR C 134 34.92 -13.57 -10.10
N VAL C 135 34.92 -12.35 -9.57
CA VAL C 135 35.70 -12.02 -8.39
C VAL C 135 34.66 -11.82 -7.29
N GLY C 136 34.60 -12.75 -6.35
CA GLY C 136 33.65 -12.65 -5.25
C GLY C 136 34.05 -11.55 -4.29
N ILE C 137 33.14 -11.23 -3.37
CA ILE C 137 33.40 -10.19 -2.38
C ILE C 137 34.48 -10.65 -1.39
N ASP C 138 35.43 -9.77 -1.13
CA ASP C 138 36.53 -10.03 -0.20
C ASP C 138 37.16 -8.66 0.05
N THR C 139 38.28 -8.61 0.76
CA THR C 139 38.93 -7.32 1.01
C THR C 139 39.38 -6.78 -0.35
N VAL C 140 39.61 -5.48 -0.42
CA VAL C 140 40.08 -4.87 -1.66
C VAL C 140 41.34 -5.61 -2.13
N GLU C 141 42.24 -5.82 -1.19
CA GLU C 141 43.50 -6.50 -1.44
C GLU C 141 43.32 -7.90 -2.06
N ASN C 142 42.44 -8.70 -1.49
CA ASN C 142 42.22 -10.04 -2.04
C ASN C 142 41.49 -10.00 -3.37
N ARG C 143 40.62 -9.01 -3.56
CA ARG C 143 39.88 -8.88 -4.80
C ARG C 143 40.85 -8.56 -5.93
N VAL C 144 41.74 -7.60 -5.67
CA VAL C 144 42.74 -7.20 -6.66
C VAL C 144 43.57 -8.43 -7.04
N LYS C 145 43.97 -9.17 -6.02
CA LYS C 145 44.77 -10.38 -6.20
C LYS C 145 44.06 -11.36 -7.15
N GLU C 146 42.82 -11.69 -6.84
CA GLU C 146 42.05 -12.64 -7.66
C GLU C 146 41.83 -12.10 -9.08
N ALA C 147 41.62 -10.79 -9.21
CA ALA C 147 41.42 -10.18 -10.51
C ALA C 147 42.65 -10.35 -11.40
N LYS C 148 43.83 -10.03 -10.86
CA LYS C 148 45.07 -10.16 -11.62
C LYS C 148 45.20 -11.59 -12.11
N LYS C 149 44.96 -12.53 -11.19
CA LYS C 149 45.02 -13.94 -11.47
C LYS C 149 44.13 -14.27 -12.67
N ILE C 150 42.87 -13.85 -12.61
CA ILE C 150 41.92 -14.08 -13.68
C ILE C 150 42.40 -13.45 -14.99
N PHE C 151 42.97 -12.25 -14.89
CA PHE C 151 43.47 -11.55 -16.07
C PHE C 151 44.62 -12.33 -16.71
N GLU C 152 45.50 -12.86 -15.86
CA GLU C 152 46.64 -13.61 -16.33
C GLU C 152 46.23 -14.96 -16.93
N GLU C 153 45.06 -15.47 -16.54
CA GLU C 153 44.61 -16.75 -17.08
C GLU C 153 44.03 -16.56 -18.48
N GLY C 154 43.96 -15.32 -18.94
CA GLY C 154 43.44 -15.07 -20.27
C GLY C 154 42.08 -14.41 -20.37
N PHE C 155 41.36 -14.34 -19.27
CA PHE C 155 40.04 -13.72 -19.27
C PHE C 155 40.13 -12.22 -19.52
N ARG C 156 39.28 -11.73 -20.42
CA ARG C 156 39.27 -10.30 -20.74
C ARG C 156 37.97 -9.60 -20.34
N VAL C 157 37.10 -10.33 -19.66
CA VAL C 157 35.86 -9.77 -19.14
C VAL C 157 35.84 -10.27 -17.71
N ILE C 158 35.96 -9.35 -16.76
CA ILE C 158 36.00 -9.71 -15.35
C ILE C 158 34.74 -9.22 -14.65
N LYS C 159 34.02 -10.14 -14.01
CA LYS C 159 32.80 -9.80 -13.29
C LYS C 159 33.18 -9.56 -11.84
N ILE C 160 32.82 -8.39 -11.33
CA ILE C 160 33.15 -8.01 -9.96
C ILE C 160 31.91 -7.92 -9.06
N LYS C 161 31.92 -8.67 -7.98
CA LYS C 161 30.80 -8.66 -7.05
C LYS C 161 30.93 -7.49 -6.07
N VAL C 162 29.83 -6.77 -5.85
CA VAL C 162 29.78 -5.65 -4.91
C VAL C 162 28.40 -5.70 -4.25
N GLY C 163 28.06 -4.70 -3.46
CA GLY C 163 26.74 -4.67 -2.85
C GLY C 163 26.64 -4.56 -1.34
N GLU C 164 27.75 -4.78 -0.64
CA GLU C 164 27.73 -4.71 0.82
C GLU C 164 28.44 -3.53 1.45
N ASN C 165 29.34 -2.88 0.71
CA ASN C 165 30.08 -1.74 1.25
C ASN C 165 30.41 -0.81 0.10
N LEU C 166 29.53 0.14 -0.15
CA LEU C 166 29.68 1.10 -1.25
C LEU C 166 31.07 1.70 -1.38
N LYS C 167 31.56 2.27 -0.29
CA LYS C 167 32.88 2.90 -0.27
C LYS C 167 33.97 1.92 -0.69
N GLU C 168 33.96 0.73 -0.10
CA GLU C 168 34.95 -0.27 -0.40
C GLU C 168 34.78 -0.86 -1.80
N ASP C 169 33.53 -0.95 -2.27
CA ASP C 169 33.26 -1.48 -3.60
C ASP C 169 33.85 -0.56 -4.67
N ILE C 170 33.70 0.75 -4.47
CA ILE C 170 34.21 1.73 -5.41
C ILE C 170 35.73 1.57 -5.47
N GLU C 171 36.35 1.51 -4.29
CA GLU C 171 37.80 1.36 -4.18
C GLU C 171 38.24 0.07 -4.87
N ALA C 172 37.52 -1.02 -4.61
CA ALA C 172 37.85 -2.30 -5.21
C ALA C 172 37.85 -2.28 -6.74
N VAL C 173 36.80 -1.71 -7.32
CA VAL C 173 36.70 -1.65 -8.77
C VAL C 173 37.81 -0.78 -9.36
N GLU C 174 38.07 0.36 -8.73
CA GLU C 174 39.11 1.25 -9.20
C GLU C 174 40.48 0.55 -9.13
N GLU C 175 40.74 -0.13 -8.03
CA GLU C 175 42.01 -0.83 -7.87
C GLU C 175 42.16 -1.96 -8.88
N ILE C 176 41.08 -2.69 -9.11
CA ILE C 176 41.08 -3.79 -10.07
C ILE C 176 41.34 -3.26 -11.48
N ALA C 177 40.77 -2.11 -11.80
CA ALA C 177 40.92 -1.50 -13.12
C ALA C 177 42.38 -1.19 -13.46
N LYS C 178 43.10 -0.60 -12.50
CA LYS C 178 44.50 -0.24 -12.68
C LYS C 178 45.40 -1.40 -13.08
N VAL C 179 45.13 -2.58 -12.53
CA VAL C 179 45.97 -3.74 -12.81
C VAL C 179 45.44 -4.74 -13.83
N THR C 180 44.40 -4.38 -14.57
CA THR C 180 43.84 -5.28 -15.59
C THR C 180 43.52 -4.50 -16.86
N ARG C 181 44.41 -3.58 -17.21
CA ARG C 181 44.23 -2.74 -18.38
C ARG C 181 44.03 -3.56 -19.65
N GLY C 182 42.87 -3.38 -20.28
CA GLY C 182 42.54 -4.10 -21.49
C GLY C 182 41.29 -4.92 -21.28
N ALA C 183 41.02 -5.22 -20.01
CA ALA C 183 39.84 -6.00 -19.67
C ALA C 183 38.59 -5.13 -19.60
N LYS C 184 37.43 -5.77 -19.82
CA LYS C 184 36.15 -5.10 -19.72
C LYS C 184 35.61 -5.53 -18.36
N TYR C 185 34.72 -4.73 -17.76
CA TYR C 185 34.22 -5.09 -16.44
C TYR C 185 32.72 -5.17 -16.31
N ILE C 186 32.26 -6.17 -15.55
CA ILE C 186 30.85 -6.36 -15.28
C ILE C 186 30.74 -6.28 -13.77
N VAL C 187 29.91 -5.38 -13.27
CA VAL C 187 29.73 -5.20 -11.85
C VAL C 187 28.36 -5.71 -11.43
N ASP C 188 28.36 -6.62 -10.46
CA ASP C 188 27.11 -7.22 -9.99
C ASP C 188 26.88 -6.98 -8.49
N ALA C 189 25.86 -6.20 -8.17
CA ALA C 189 25.54 -5.86 -6.78
C ALA C 189 24.62 -6.87 -6.09
N ASN C 190 24.02 -7.76 -6.86
CA ASN C 190 23.12 -8.73 -6.27
C ASN C 190 22.08 -8.10 -5.32
N MET C 191 21.45 -7.03 -5.78
CA MET C 191 20.39 -6.33 -5.05
C MET C 191 20.81 -5.57 -3.79
N GLY C 192 22.10 -5.46 -3.53
CA GLY C 192 22.55 -4.79 -2.31
C GLY C 192 22.49 -3.28 -2.13
N TYR C 193 22.29 -2.51 -3.19
CA TYR C 193 22.24 -1.05 -3.06
C TYR C 193 20.84 -0.46 -3.17
N THR C 194 20.69 0.74 -2.63
CA THR C 194 19.43 1.48 -2.75
C THR C 194 19.61 2.18 -4.11
N GLN C 195 18.55 2.78 -4.63
CA GLN C 195 18.62 3.47 -5.91
C GLN C 195 19.74 4.52 -5.96
N LYS C 196 19.80 5.38 -4.95
CA LYS C 196 20.82 6.42 -4.91
C LYS C 196 22.24 5.88 -4.72
N GLU C 197 22.38 4.83 -3.91
CA GLU C 197 23.71 4.25 -3.71
C GLU C 197 24.17 3.66 -5.04
N ALA C 198 23.25 3.00 -5.73
CA ALA C 198 23.56 2.37 -7.01
C ALA C 198 24.02 3.44 -7.99
N VAL C 199 23.33 4.58 -7.99
CA VAL C 199 23.70 5.67 -8.88
C VAL C 199 25.06 6.26 -8.49
N GLU C 200 25.29 6.48 -7.21
CA GLU C 200 26.55 7.04 -6.75
C GLU C 200 27.73 6.13 -7.11
N PHE C 201 27.55 4.82 -6.95
CA PHE C 201 28.61 3.90 -7.29
C PHE C 201 29.02 4.07 -8.76
N ALA C 202 28.02 4.11 -9.65
CA ALA C 202 28.28 4.27 -11.07
C ALA C 202 28.94 5.61 -11.40
N ARG C 203 28.45 6.68 -10.80
CA ARG C 203 29.03 7.99 -11.06
C ARG C 203 30.48 8.10 -10.56
N ALA C 204 30.75 7.56 -9.39
CA ALA C 204 32.11 7.60 -8.85
C ALA C 204 33.09 6.90 -9.79
N VAL C 205 32.73 5.69 -10.22
CA VAL C 205 33.55 4.90 -11.12
C VAL C 205 33.72 5.64 -12.44
N TYR C 206 32.63 6.17 -12.96
CA TYR C 206 32.65 6.91 -14.21
C TYR C 206 33.62 8.09 -14.14
N GLN C 207 33.57 8.81 -13.02
CA GLN C 207 34.44 9.96 -12.82
C GLN C 207 35.92 9.61 -12.86
N LYS C 208 36.24 8.35 -12.56
CA LYS C 208 37.63 7.90 -12.57
C LYS C 208 38.03 7.43 -13.96
N GLY C 209 37.14 7.58 -14.94
CA GLY C 209 37.43 7.17 -16.29
C GLY C 209 37.28 5.68 -16.55
N ILE C 210 36.68 4.97 -15.62
CA ILE C 210 36.48 3.53 -15.76
C ILE C 210 35.15 3.25 -16.47
N ASP C 211 35.18 2.30 -17.40
CA ASP C 211 33.97 1.95 -18.13
C ASP C 211 33.45 0.60 -17.64
N ILE C 212 32.14 0.53 -17.38
CA ILE C 212 31.54 -0.72 -16.93
C ILE C 212 30.59 -1.21 -18.02
N ALA C 213 30.86 -2.43 -18.50
CA ALA C 213 30.09 -3.04 -19.59
C ALA C 213 28.65 -3.38 -19.22
N VAL C 214 28.46 -3.99 -18.04
CA VAL C 214 27.11 -4.32 -17.59
C VAL C 214 27.06 -4.15 -16.07
N TYR C 215 26.01 -3.48 -15.60
CA TYR C 215 25.79 -3.21 -14.17
C TYR C 215 24.58 -4.04 -13.75
N GLU C 216 24.84 -5.22 -13.17
CA GLU C 216 23.79 -6.15 -12.77
C GLU C 216 23.02 -5.90 -11.49
N GLN C 217 21.69 -6.06 -11.60
CA GLN C 217 20.75 -5.93 -10.50
C GLN C 217 21.25 -5.11 -9.31
N PRO C 218 21.30 -3.79 -9.47
CA PRO C 218 21.78 -2.95 -8.37
C PRO C 218 20.82 -2.87 -7.18
N VAL C 219 19.52 -3.03 -7.44
CA VAL C 219 18.52 -2.91 -6.40
C VAL C 219 17.69 -4.17 -6.16
N ARG C 220 16.81 -4.12 -5.17
CA ARG C 220 15.95 -5.25 -4.81
C ARG C 220 15.12 -5.75 -5.99
N ARG C 221 14.81 -7.03 -5.97
CA ARG C 221 14.07 -7.68 -7.06
C ARG C 221 12.69 -7.13 -7.43
N GLU C 222 11.95 -6.65 -6.44
CA GLU C 222 10.62 -6.12 -6.72
C GLU C 222 10.64 -4.66 -7.14
N ASP C 223 11.79 -4.02 -6.99
CA ASP C 223 11.87 -2.59 -7.30
C ASP C 223 12.15 -2.28 -8.76
N ILE C 224 11.16 -2.54 -9.61
CA ILE C 224 11.29 -2.29 -11.04
C ILE C 224 11.55 -0.80 -11.29
N GLU C 225 10.81 0.07 -10.62
CA GLU C 225 11.01 1.51 -10.78
C GLU C 225 12.43 1.85 -10.37
N GLY C 226 12.94 1.10 -9.40
CA GLY C 226 14.30 1.31 -8.93
C GLY C 226 15.29 1.01 -10.03
N LEU C 227 15.12 -0.12 -10.70
CA LEU C 227 16.02 -0.48 -11.79
C LEU C 227 15.99 0.63 -12.82
N LYS C 228 14.78 1.09 -13.14
CA LYS C 228 14.62 2.15 -14.13
C LYS C 228 15.29 3.45 -13.70
N PHE C 229 15.20 3.78 -12.41
CA PHE C 229 15.81 5.01 -11.93
C PHE C 229 17.33 4.94 -12.14
N VAL C 230 17.91 3.78 -11.88
CA VAL C 230 19.35 3.62 -12.04
C VAL C 230 19.71 3.69 -13.52
N ARG C 231 18.91 3.04 -14.36
CA ARG C 231 19.17 3.06 -15.78
C ARG C 231 19.18 4.47 -16.32
N PHE C 232 18.20 5.27 -15.92
CA PHE C 232 18.10 6.65 -16.40
C PHE C 232 19.04 7.66 -15.76
N HIS C 233 19.75 7.28 -14.70
CA HIS C 233 20.64 8.22 -14.02
C HIS C 233 22.08 7.71 -13.84
N SER C 234 22.41 6.64 -14.54
CA SER C 234 23.76 6.05 -14.48
C SER C 234 24.26 5.90 -15.93
N PRO C 235 25.55 6.19 -16.16
CA PRO C 235 26.11 6.07 -17.51
C PRO C 235 26.34 4.67 -18.08
N PHE C 236 26.19 3.64 -17.25
CA PHE C 236 26.42 2.27 -17.70
C PHE C 236 25.14 1.46 -17.91
N PRO C 237 25.21 0.44 -18.79
CA PRO C 237 24.05 -0.40 -19.05
C PRO C 237 23.64 -1.13 -17.77
N VAL C 238 22.35 -1.04 -17.44
CA VAL C 238 21.84 -1.68 -16.25
C VAL C 238 21.12 -2.98 -16.62
N ALA C 239 21.38 -4.04 -15.87
CA ALA C 239 20.76 -5.32 -16.13
C ALA C 239 19.89 -5.86 -15.01
N ALA C 240 18.84 -6.56 -15.39
CA ALA C 240 17.96 -7.19 -14.42
C ALA C 240 18.40 -8.65 -14.37
N ASP C 241 18.57 -9.19 -13.16
CA ASP C 241 18.93 -10.58 -13.01
C ASP C 241 17.83 -11.18 -12.16
N GLU C 242 17.92 -10.96 -10.85
CA GLU C 242 16.90 -11.49 -9.94
C GLU C 242 15.48 -11.03 -10.31
N SER C 243 15.37 -9.86 -10.93
CA SER C 243 14.05 -9.35 -11.32
C SER C 243 13.53 -9.97 -12.60
N ALA C 244 14.39 -10.72 -13.30
CA ALA C 244 14.00 -11.32 -14.57
C ALA C 244 14.06 -12.84 -14.54
N ARG C 245 12.98 -13.46 -14.07
CA ARG C 245 12.95 -14.92 -13.98
C ARG C 245 12.12 -15.57 -15.09
N THR C 246 10.98 -14.96 -15.42
CA THR C 246 10.08 -15.50 -16.45
C THR C 246 9.96 -14.60 -17.66
N LYS C 247 9.39 -15.15 -18.72
CA LYS C 247 9.19 -14.38 -19.94
C LYS C 247 8.22 -13.23 -19.64
N PHE C 248 7.31 -13.46 -18.68
CA PHE C 248 6.35 -12.42 -18.29
C PHE C 248 7.07 -11.26 -17.59
N ASP C 249 8.04 -11.59 -16.75
CA ASP C 249 8.82 -10.56 -16.06
C ASP C 249 9.52 -9.70 -17.10
N VAL C 250 10.14 -10.35 -18.08
CA VAL C 250 10.85 -9.60 -19.11
C VAL C 250 9.92 -8.72 -19.94
N MET C 251 8.75 -9.24 -20.29
CA MET C 251 7.80 -8.47 -21.07
C MET C 251 7.48 -7.19 -20.28
N ARG C 252 7.29 -7.33 -18.97
CA ARG C 252 7.01 -6.18 -18.12
C ARG C 252 8.21 -5.22 -18.07
N LEU C 253 9.41 -5.76 -17.94
CA LEU C 253 10.60 -4.91 -17.90
C LEU C 253 10.74 -4.13 -19.20
N VAL C 254 10.37 -4.74 -20.33
CA VAL C 254 10.48 -4.05 -21.60
C VAL C 254 9.44 -2.94 -21.70
N LYS C 255 8.21 -3.23 -21.29
CA LYS C 255 7.15 -2.25 -21.35
C LYS C 255 7.48 -1.02 -20.50
N GLU C 256 8.09 -1.23 -19.33
CA GLU C 256 8.45 -0.14 -18.44
C GLU C 256 9.79 0.53 -18.75
N GLU C 257 10.50 0.04 -19.76
CA GLU C 257 11.79 0.62 -20.14
C GLU C 257 12.70 0.65 -18.92
N ALA C 258 12.62 -0.39 -18.10
CA ALA C 258 13.38 -0.47 -16.86
C ALA C 258 14.87 -0.80 -16.94
N VAL C 259 15.29 -1.57 -17.96
CA VAL C 259 16.70 -1.96 -18.06
C VAL C 259 17.29 -1.96 -19.46
N ASP C 260 18.61 -1.97 -19.54
CA ASP C 260 19.31 -2.04 -20.83
C ASP C 260 19.58 -3.51 -21.12
N TYR C 261 19.74 -4.31 -20.07
CA TYR C 261 20.04 -5.72 -20.19
C TYR C 261 19.19 -6.62 -19.31
N VAL C 262 19.17 -7.88 -19.69
CA VAL C 262 18.53 -8.93 -18.92
C VAL C 262 19.55 -10.05 -18.91
N ASN C 263 19.84 -10.55 -17.72
CA ASN C 263 20.77 -11.66 -17.55
C ASN C 263 19.89 -12.89 -17.53
N ILE C 264 19.87 -13.64 -18.64
CA ILE C 264 19.06 -14.86 -18.70
C ILE C 264 19.80 -16.02 -18.07
N LYS C 265 19.07 -16.87 -17.37
CA LYS C 265 19.65 -18.05 -16.76
C LYS C 265 18.64 -19.17 -16.94
N LEU C 266 19.09 -20.26 -17.53
CA LEU C 266 18.23 -21.40 -17.73
C LEU C 266 17.66 -21.86 -16.39
N MET C 267 18.46 -21.71 -15.34
CA MET C 267 18.04 -22.14 -13.99
C MET C 267 16.84 -21.34 -13.46
N LYS C 268 16.64 -20.13 -14.00
CA LYS C 268 15.51 -19.32 -13.56
C LYS C 268 14.35 -19.49 -14.52
N SER C 269 14.66 -19.54 -15.81
CA SER C 269 13.64 -19.61 -16.84
C SER C 269 13.34 -20.92 -17.54
N GLY C 270 14.29 -21.85 -17.52
CA GLY C 270 14.06 -23.10 -18.24
C GLY C 270 14.34 -22.78 -19.69
N ILE C 271 14.37 -23.79 -20.56
CA ILE C 271 14.62 -23.54 -21.98
C ILE C 271 13.46 -22.77 -22.64
N SER C 272 12.24 -23.14 -22.30
CA SER C 272 11.07 -22.50 -22.91
C SER C 272 11.02 -20.98 -22.70
N ASP C 273 11.05 -20.52 -21.46
CA ASP C 273 11.00 -19.08 -21.21
C ASP C 273 12.25 -18.39 -21.74
N ALA C 274 13.39 -19.09 -21.70
CA ALA C 274 14.63 -18.49 -22.21
C ALA C 274 14.47 -18.18 -23.69
N LEU C 275 13.95 -19.12 -24.46
CA LEU C 275 13.74 -18.89 -25.90
C LEU C 275 12.77 -17.71 -26.10
N ALA C 276 11.74 -17.61 -25.27
CA ALA C 276 10.79 -16.50 -25.38
C ALA C 276 11.50 -15.17 -25.08
N ILE C 277 12.38 -15.17 -24.08
CA ILE C 277 13.11 -13.96 -23.72
C ILE C 277 14.06 -13.53 -24.83
N VAL C 278 14.72 -14.49 -25.48
CA VAL C 278 15.62 -14.16 -26.57
C VAL C 278 14.83 -13.43 -27.66
N GLU C 279 13.66 -13.96 -28.00
CA GLU C 279 12.81 -13.36 -29.03
C GLU C 279 12.35 -11.95 -28.62
N ILE C 280 11.92 -11.81 -27.37
CA ILE C 280 11.47 -10.52 -26.88
C ILE C 280 12.61 -9.51 -27.01
N ALA C 281 13.81 -9.93 -26.64
CA ALA C 281 14.97 -9.04 -26.71
C ALA C 281 15.28 -8.61 -28.15
N GLU C 282 15.24 -9.55 -29.08
CA GLU C 282 15.52 -9.23 -30.47
C GLU C 282 14.40 -8.40 -31.10
N SER C 283 13.26 -8.34 -30.45
CA SER C 283 12.14 -7.56 -30.96
C SER C 283 12.02 -6.22 -30.23
N SER C 284 13.07 -5.83 -29.51
CA SER C 284 13.06 -4.57 -28.77
C SER C 284 14.48 -4.05 -28.57
N GLY C 285 14.61 -2.96 -27.83
CA GLY C 285 15.93 -2.40 -27.60
C GLY C 285 16.75 -3.14 -26.56
N LEU C 286 16.15 -4.15 -25.95
CA LEU C 286 16.80 -4.93 -24.92
C LEU C 286 17.99 -5.76 -25.41
N LYS C 287 19.04 -5.82 -24.62
CA LYS C 287 20.20 -6.64 -24.96
C LYS C 287 20.33 -7.75 -23.90
N LEU C 288 21.07 -8.81 -24.21
CA LEU C 288 21.16 -9.93 -23.28
C LEU C 288 22.55 -10.41 -22.93
N MET C 289 22.64 -11.05 -21.78
CA MET C 289 23.86 -11.69 -21.33
C MET C 289 23.29 -12.96 -20.74
N ILE C 290 24.05 -14.04 -20.74
CA ILE C 290 23.56 -15.28 -20.17
C ILE C 290 24.46 -15.62 -18.99
N GLY C 291 23.85 -16.05 -17.90
CA GLY C 291 24.61 -16.38 -16.71
C GLY C 291 24.33 -17.76 -16.17
N CYS C 292 24.75 -18.00 -14.94
CA CYS C 292 24.56 -19.29 -14.30
C CYS C 292 24.41 -19.15 -12.79
N MET C 293 24.19 -20.29 -12.14
CA MET C 293 24.04 -20.39 -10.68
C MET C 293 25.23 -21.21 -10.19
N GLY C 294 24.97 -22.43 -9.73
CA GLY C 294 26.04 -23.29 -9.24
C GLY C 294 26.21 -24.55 -10.06
N GLU C 295 25.99 -24.45 -11.38
CA GLU C 295 26.13 -25.60 -12.26
C GLU C 295 27.54 -26.14 -12.38
N SER C 296 27.65 -27.46 -12.51
CA SER C 296 28.95 -28.11 -12.70
C SER C 296 29.14 -28.10 -14.22
N SER C 297 30.19 -28.74 -14.72
CA SER C 297 30.42 -28.74 -16.17
C SER C 297 29.21 -29.29 -16.95
N LEU C 298 28.58 -30.34 -16.44
CA LEU C 298 27.41 -30.91 -17.11
C LEU C 298 26.29 -29.87 -17.21
N GLY C 299 26.09 -29.12 -16.12
CA GLY C 299 25.03 -28.12 -16.11
C GLY C 299 25.33 -26.92 -16.98
N ILE C 300 26.59 -26.48 -16.96
CA ILE C 300 26.99 -25.33 -17.75
C ILE C 300 26.84 -25.64 -19.24
N ASN C 301 27.06 -26.91 -19.59
CA ASN C 301 26.94 -27.37 -20.97
C ASN C 301 25.60 -26.96 -21.57
N GLN C 302 24.54 -27.01 -20.75
CA GLN C 302 23.21 -26.62 -21.20
C GLN C 302 23.20 -25.17 -21.69
N SER C 303 23.88 -24.28 -20.95
CA SER C 303 23.94 -22.87 -21.33
C SER C 303 24.88 -22.64 -22.50
N VAL C 304 25.95 -23.41 -22.57
CA VAL C 304 26.90 -23.27 -23.66
C VAL C 304 26.21 -23.55 -25.01
N HIS C 305 25.51 -24.66 -25.10
CA HIS C 305 24.80 -25.01 -26.33
C HIS C 305 23.71 -23.99 -26.64
N PHE C 306 23.05 -23.50 -25.59
CA PHE C 306 22.00 -22.52 -25.79
C PHE C 306 22.60 -21.26 -26.37
N ALA C 307 23.73 -20.83 -25.83
CA ALA C 307 24.40 -19.61 -26.30
C ALA C 307 24.97 -19.75 -27.71
N LEU C 308 25.61 -20.88 -28.00
CA LEU C 308 26.19 -21.10 -29.33
C LEU C 308 25.08 -21.17 -30.36
N GLY C 309 23.99 -21.85 -30.00
CA GLY C 309 22.88 -22.01 -30.93
C GLY C 309 22.14 -20.72 -31.28
N THR C 310 21.72 -19.98 -30.26
CA THR C 310 20.99 -18.75 -30.47
C THR C 310 21.88 -17.57 -30.83
N GLY C 311 23.12 -17.57 -30.34
CA GLY C 311 24.03 -16.47 -30.62
C GLY C 311 23.40 -15.14 -30.21
N ALA C 312 22.54 -15.19 -29.21
CA ALA C 312 21.81 -14.02 -28.75
C ALA C 312 22.46 -13.14 -27.68
N PHE C 313 23.65 -13.52 -27.21
CA PHE C 313 24.28 -12.79 -26.11
C PHE C 313 25.50 -11.92 -26.33
N GLU C 314 25.47 -10.73 -25.73
CA GLU C 314 26.59 -9.79 -25.83
C GLU C 314 27.70 -10.22 -24.86
N PHE C 315 27.31 -10.83 -23.75
CA PHE C 315 28.28 -11.30 -22.75
C PHE C 315 27.86 -12.64 -22.20
N HIS C 316 28.83 -13.42 -21.75
CA HIS C 316 28.55 -14.71 -21.19
C HIS C 316 29.21 -14.83 -19.82
N ASP C 317 28.41 -15.18 -18.81
CA ASP C 317 28.92 -15.36 -17.47
C ASP C 317 28.61 -16.81 -17.11
N LEU C 318 29.41 -17.71 -17.69
CA LEU C 318 29.25 -19.15 -17.50
C LEU C 318 30.51 -19.71 -16.89
N ASP C 319 30.79 -19.32 -15.64
CA ASP C 319 32.00 -19.73 -14.97
C ASP C 319 31.84 -20.55 -13.69
N SER C 320 30.62 -20.92 -13.33
CA SER C 320 30.43 -21.68 -12.10
C SER C 320 31.27 -22.95 -12.09
N HIS C 321 31.34 -23.64 -13.23
CA HIS C 321 32.11 -24.88 -13.28
C HIS C 321 33.60 -24.59 -13.10
N LEU C 322 34.03 -23.37 -13.42
CA LEU C 322 35.43 -23.02 -13.24
C LEU C 322 35.74 -22.76 -11.77
N MET C 323 34.70 -22.52 -10.98
CA MET C 323 34.87 -22.25 -9.55
C MET C 323 34.69 -23.46 -8.65
N LEU C 324 34.23 -24.57 -9.21
CA LEU C 324 34.01 -25.79 -8.46
C LEU C 324 35.07 -26.85 -8.75
N LYS C 325 35.35 -27.70 -7.76
CA LYS C 325 36.31 -28.78 -7.95
C LYS C 325 35.55 -29.87 -8.69
N GLU C 326 36.15 -30.41 -9.75
CA GLU C 326 35.49 -31.47 -10.50
C GLU C 326 36.56 -32.40 -11.07
N GLU C 327 36.53 -33.67 -10.66
CA GLU C 327 37.51 -34.63 -11.13
C GLU C 327 37.51 -34.80 -12.63
N VAL C 328 36.35 -35.12 -13.18
CA VAL C 328 36.24 -35.32 -14.61
C VAL C 328 35.29 -34.32 -15.28
N PHE C 329 35.76 -33.72 -16.37
CA PHE C 329 34.98 -32.76 -17.14
C PHE C 329 33.82 -33.51 -17.79
N ARG C 330 32.60 -32.98 -17.69
CA ARG C 330 31.45 -33.68 -18.25
C ARG C 330 30.61 -32.91 -19.27
N GLY C 331 31.14 -31.79 -19.76
CA GLY C 331 30.38 -31.03 -20.73
C GLY C 331 30.57 -31.55 -22.15
N LYS C 332 29.56 -31.35 -23.00
CA LYS C 332 29.64 -31.75 -24.39
C LYS C 332 30.12 -30.53 -25.18
N PHE C 333 31.17 -29.91 -24.66
CA PHE C 333 31.74 -28.74 -25.29
C PHE C 333 33.22 -28.69 -24.95
N ILE C 334 33.98 -27.91 -25.71
CA ILE C 334 35.41 -27.77 -25.51
C ILE C 334 35.70 -26.43 -24.86
N GLN C 335 36.63 -26.43 -23.90
CA GLN C 335 36.99 -25.19 -23.23
C GLN C 335 38.48 -24.91 -23.26
N ASP C 336 38.82 -23.69 -23.65
CA ASP C 336 40.20 -23.25 -23.73
C ASP C 336 40.27 -21.86 -23.12
N GLY C 337 40.52 -21.81 -21.81
CA GLY C 337 40.57 -20.53 -21.13
C GLY C 337 39.16 -19.97 -21.16
N PRO C 338 38.99 -18.68 -21.50
CA PRO C 338 37.66 -18.08 -21.56
C PRO C 338 36.84 -18.58 -22.75
N ARG C 339 37.51 -19.14 -23.75
CA ARG C 339 36.87 -19.65 -24.97
C ARG C 339 36.12 -20.98 -24.79
N MET C 340 34.97 -21.09 -25.44
CA MET C 340 34.18 -22.30 -25.39
C MET C 340 33.64 -22.59 -26.79
N ARG C 341 33.92 -23.80 -27.27
CA ARG C 341 33.47 -24.23 -28.60
C ARG C 341 32.80 -25.58 -28.47
N VAL C 342 32.29 -26.11 -29.57
CA VAL C 342 31.65 -27.42 -29.53
C VAL C 342 32.45 -28.40 -30.42
N LYS C 343 32.25 -29.70 -30.19
CA LYS C 343 32.95 -30.75 -30.94
C LYS C 343 32.68 -30.72 -32.45
N ARG D 3 -9.38 49.44 10.87
CA ARG D 3 -8.65 48.40 11.66
C ARG D 3 -9.53 47.63 12.65
N ILE D 4 -9.31 46.32 12.71
CA ILE D 4 -10.03 45.44 13.62
C ILE D 4 -9.55 45.67 15.05
N VAL D 5 -10.49 45.88 15.98
CA VAL D 5 -10.10 46.08 17.37
C VAL D 5 -10.57 44.93 18.25
N ASN D 6 -11.54 44.16 17.75
CA ASN D 6 -12.02 43.02 18.53
C ASN D 6 -12.72 41.98 17.68
N VAL D 7 -12.62 40.73 18.12
CA VAL D 7 -13.25 39.60 17.44
C VAL D 7 -13.98 38.79 18.51
N LYS D 8 -15.21 38.38 18.21
CA LYS D 8 -15.99 37.62 19.18
C LYS D 8 -16.70 36.42 18.60
N LEU D 9 -16.56 35.27 19.26
CA LEU D 9 -17.23 34.04 18.84
C LEU D 9 -18.40 33.77 19.77
N SER D 10 -19.49 33.24 19.23
CA SER D 10 -20.66 32.97 20.05
C SER D 10 -21.39 31.69 19.66
N LEU D 11 -21.61 30.82 20.63
CA LEU D 11 -22.30 29.57 20.38
C LEU D 11 -23.75 29.84 20.03
N LYS D 12 -24.21 29.21 18.95
CA LYS D 12 -25.59 29.38 18.50
C LYS D 12 -26.15 28.02 18.09
N ARG D 13 -27.14 27.52 18.83
CA ARG D 13 -27.75 26.24 18.52
C ARG D 13 -29.09 26.38 17.83
N TYR D 14 -29.28 25.62 16.76
CA TYR D 14 -30.51 25.64 15.98
C TYR D 14 -31.07 24.23 15.90
N GLU D 15 -32.38 24.14 15.71
CA GLU D 15 -33.05 22.85 15.67
C GLU D 15 -33.68 22.61 14.31
N TYR D 16 -33.56 21.38 13.81
CA TYR D 16 -34.14 21.02 12.52
C TYR D 16 -35.63 20.80 12.73
N GLU D 17 -36.43 21.14 11.74
CA GLU D 17 -37.87 20.96 11.85
C GLU D 17 -38.17 19.49 12.04
N LYS D 18 -37.31 18.63 11.51
CA LYS D 18 -37.45 17.19 11.66
C LYS D 18 -36.06 16.60 11.50
N PRO D 19 -35.80 15.41 12.06
CA PRO D 19 -34.47 14.80 11.94
C PRO D 19 -33.97 14.76 10.51
N PHE D 20 -32.74 15.23 10.29
CA PHE D 20 -32.15 15.26 8.96
C PHE D 20 -31.25 14.02 8.79
N HIS D 21 -31.69 13.12 7.91
CA HIS D 21 -30.99 11.86 7.66
C HIS D 21 -30.28 11.77 6.31
N ILE D 22 -28.95 11.63 6.35
CA ILE D 22 -28.14 11.46 5.14
C ILE D 22 -27.30 10.21 5.39
N THR D 23 -26.61 9.72 4.37
CA THR D 23 -25.80 8.51 4.55
C THR D 23 -24.91 8.58 5.78
N GLY D 24 -25.09 7.61 6.68
CA GLY D 24 -24.30 7.52 7.90
C GLY D 24 -24.45 8.63 8.93
N SER D 25 -25.52 9.39 8.85
CA SER D 25 -25.70 10.48 9.82
C SER D 25 -27.14 10.97 9.97
N VAL D 26 -27.57 11.14 11.21
CA VAL D 26 -28.91 11.63 11.52
C VAL D 26 -28.73 12.77 12.52
N SER D 27 -29.14 13.97 12.12
CA SER D 27 -29.01 15.14 12.98
C SER D 27 -30.35 15.77 13.31
N SER D 28 -30.45 16.30 14.53
CA SER D 28 -31.66 16.97 14.99
C SER D 28 -31.34 18.42 15.26
N GLU D 29 -30.07 18.71 15.48
CA GLU D 29 -29.64 20.07 15.75
C GLU D 29 -28.42 20.47 14.94
N SER D 30 -28.17 21.78 14.89
CA SER D 30 -27.05 22.35 14.18
C SER D 30 -26.39 23.33 15.14
N ARG D 31 -25.18 23.02 15.57
CA ARG D 31 -24.48 23.89 16.49
C ARG D 31 -23.46 24.73 15.74
N ASN D 32 -23.75 26.02 15.60
CA ASN D 32 -22.87 26.93 14.89
C ASN D 32 -22.15 27.90 15.80
N VAL D 33 -21.24 28.67 15.22
CA VAL D 33 -20.50 29.66 15.97
C VAL D 33 -20.54 30.95 15.16
N GLU D 34 -21.15 31.98 15.74
CA GLU D 34 -21.24 33.25 15.05
C GLU D 34 -19.99 34.05 15.33
N VAL D 35 -19.50 34.75 14.31
CA VAL D 35 -18.29 35.56 14.44
C VAL D 35 -18.64 37.03 14.23
N GLU D 36 -18.11 37.87 15.10
CA GLU D 36 -18.35 39.29 14.99
C GLU D 36 -17.01 40.00 15.01
N ILE D 37 -16.77 40.82 14.00
CA ILE D 37 -15.54 41.58 13.91
C ILE D 37 -15.90 43.04 14.18
N VAL D 38 -15.14 43.70 15.06
CA VAL D 38 -15.40 45.09 15.39
C VAL D 38 -14.24 46.00 14.96
N LEU D 39 -14.56 47.01 14.16
CA LEU D 39 -13.56 47.97 13.69
C LEU D 39 -13.46 49.15 14.65
N GLU D 40 -12.30 49.80 14.64
CA GLU D 40 -12.06 50.96 15.51
C GLU D 40 -13.09 52.04 15.23
N SER D 41 -13.64 52.04 14.02
CA SER D 41 -14.63 53.03 13.63
C SER D 41 -16.02 52.69 14.14
N GLY D 42 -16.18 51.50 14.74
CA GLY D 42 -17.48 51.10 15.24
C GLY D 42 -18.24 50.19 14.30
N VAL D 43 -17.75 50.04 13.07
CA VAL D 43 -18.37 49.16 12.09
C VAL D 43 -18.26 47.72 12.57
N LYS D 44 -19.27 46.91 12.29
CA LYS D 44 -19.25 45.52 12.73
C LYS D 44 -19.56 44.53 11.61
N GLY D 45 -18.69 43.54 11.45
CA GLY D 45 -18.89 42.52 10.43
C GLY D 45 -19.32 41.22 11.07
N TYR D 46 -20.19 40.49 10.39
CA TYR D 46 -20.70 39.22 10.91
C TYR D 46 -20.55 38.05 9.97
N GLY D 47 -20.18 36.91 10.55
CA GLY D 47 -20.03 35.68 9.78
C GLY D 47 -20.50 34.53 10.66
N GLU D 48 -20.70 33.37 10.05
CA GLU D 48 -21.13 32.20 10.80
C GLU D 48 -20.41 30.93 10.36
N ALA D 49 -19.95 30.16 11.33
CA ALA D 49 -19.28 28.91 11.06
C ALA D 49 -20.22 27.77 11.46
N SER D 50 -20.41 26.83 10.54
CA SER D 50 -21.24 25.66 10.79
C SER D 50 -20.26 24.48 10.66
N PRO D 51 -19.50 24.21 11.72
CA PRO D 51 -18.51 23.12 11.72
C PRO D 51 -19.08 21.74 11.48
N SER D 52 -18.31 20.91 10.78
CA SER D 52 -18.71 19.55 10.46
C SER D 52 -17.65 18.54 10.90
N PHE D 53 -18.04 17.62 11.78
CA PHE D 53 -17.11 16.61 12.27
C PHE D 53 -16.84 15.58 11.19
N ARG D 54 -17.89 15.16 10.51
CA ARG D 54 -17.80 14.17 9.45
C ARG D 54 -16.98 14.64 8.24
N VAL D 55 -17.24 15.85 7.78
CA VAL D 55 -16.53 16.37 6.61
C VAL D 55 -15.19 17.06 6.88
N ASN D 56 -15.16 17.98 7.83
CA ASN D 56 -13.93 18.72 8.13
C ASN D 56 -13.20 18.27 9.40
N GLY D 57 -13.78 17.30 10.11
CA GLY D 57 -13.16 16.82 11.34
C GLY D 57 -13.23 17.84 12.48
N GLU D 58 -14.11 18.82 12.34
CA GLU D 58 -14.27 19.86 13.35
C GLU D 58 -15.27 19.49 14.45
N ARG D 59 -15.14 20.17 15.58
CA ARG D 59 -16.05 20.01 16.70
C ARG D 59 -16.29 21.43 17.23
N VAL D 60 -17.56 21.79 17.38
CA VAL D 60 -17.91 23.13 17.83
C VAL D 60 -17.20 23.60 19.10
N GLU D 61 -17.02 22.70 20.07
CA GLU D 61 -16.35 23.08 21.32
C GLU D 61 -14.90 23.47 21.02
N ALA D 62 -14.33 22.88 19.97
CA ALA D 62 -12.96 23.18 19.58
C ALA D 62 -12.87 24.58 18.98
N LEU D 63 -13.83 24.94 18.14
CA LEU D 63 -13.85 26.27 17.55
C LEU D 63 -13.93 27.35 18.64
N LEU D 64 -14.85 27.16 19.58
CA LEU D 64 -15.02 28.13 20.67
C LEU D 64 -13.77 28.29 21.52
N ALA D 65 -13.05 27.19 21.71
CA ALA D 65 -11.85 27.20 22.54
C ALA D 65 -10.68 28.02 22.03
N ILE D 66 -10.67 28.37 20.74
CA ILE D 66 -9.53 29.13 20.21
C ILE D 66 -9.82 30.59 19.90
N GLU D 67 -10.91 31.10 20.46
CA GLU D 67 -11.31 32.50 20.26
C GLU D 67 -10.18 33.51 20.46
N ASN D 68 -9.40 33.36 21.53
CA ASN D 68 -8.30 34.28 21.82
C ASN D 68 -7.24 34.25 20.73
N ALA D 69 -6.91 33.04 20.26
CA ALA D 69 -5.90 32.90 19.21
C ALA D 69 -6.40 33.60 17.94
N VAL D 70 -7.66 33.36 17.58
CA VAL D 70 -8.21 33.97 16.39
C VAL D 70 -8.20 35.50 16.52
N ARG D 71 -8.54 35.99 17.70
CA ARG D 71 -8.56 37.42 17.93
C ARG D 71 -7.14 37.98 17.81
N GLU D 72 -6.19 37.26 18.35
CA GLU D 72 -4.80 37.68 18.31
C GLU D 72 -4.21 37.65 16.90
N MET D 73 -4.74 36.78 16.05
CA MET D 73 -4.26 36.68 14.67
C MET D 73 -4.58 37.89 13.79
N ILE D 74 -5.79 38.42 13.92
CA ILE D 74 -6.21 39.53 13.06
C ILE D 74 -6.42 40.92 13.65
N THR D 75 -6.40 41.07 14.97
CA THR D 75 -6.61 42.40 15.55
C THR D 75 -5.51 43.36 15.15
N GLY D 76 -5.89 44.58 14.79
CA GLY D 76 -4.89 45.57 14.40
C GLY D 76 -4.70 45.69 12.90
N ILE D 77 -5.33 44.80 12.14
CA ILE D 77 -5.22 44.83 10.69
C ILE D 77 -6.42 45.56 10.11
N ASP D 78 -6.17 46.41 9.11
CA ASP D 78 -7.22 47.17 8.47
C ASP D 78 -7.93 46.27 7.46
N VAL D 79 -9.26 46.29 7.44
CA VAL D 79 -9.99 45.44 6.52
C VAL D 79 -9.78 45.75 5.04
N ARG D 80 -9.14 46.89 4.72
CA ARG D 80 -8.92 47.19 3.31
C ARG D 80 -7.72 46.38 2.81
N ASN D 81 -6.99 45.78 3.75
CA ASN D 81 -5.85 44.93 3.46
C ASN D 81 -6.34 43.50 3.73
N TYR D 82 -7.56 43.19 3.28
CA TYR D 82 -8.16 41.89 3.55
C TYR D 82 -7.37 40.66 3.08
N ALA D 83 -6.54 40.82 2.06
CA ALA D 83 -5.75 39.69 1.56
C ALA D 83 -4.78 39.22 2.65
N ARG D 84 -4.36 40.12 3.53
CA ARG D 84 -3.46 39.73 4.61
C ARG D 84 -4.23 38.89 5.61
N ILE D 85 -5.47 39.29 5.85
CA ILE D 85 -6.33 38.56 6.77
C ILE D 85 -6.65 37.18 6.17
N PHE D 86 -6.92 37.15 4.87
CA PHE D 86 -7.21 35.87 4.22
C PHE D 86 -6.01 34.95 4.35
N GLU D 87 -4.82 35.48 4.15
CA GLU D 87 -3.63 34.66 4.25
C GLU D 87 -3.45 34.15 5.67
N ILE D 88 -3.55 35.05 6.65
CA ILE D 88 -3.41 34.67 8.05
C ILE D 88 -4.38 33.55 8.41
N THR D 89 -5.65 33.74 8.08
CA THR D 89 -6.67 32.75 8.41
C THR D 89 -6.61 31.44 7.63
N ASP D 90 -5.82 31.39 6.56
CA ASP D 90 -5.68 30.15 5.79
C ASP D 90 -4.95 29.13 6.68
N ARG D 91 -4.25 29.62 7.69
CA ARG D 91 -3.52 28.75 8.61
C ARG D 91 -4.49 27.95 9.48
N LEU D 92 -5.76 28.36 9.46
CA LEU D 92 -6.80 27.68 10.23
C LEU D 92 -7.40 26.56 9.40
N PHE D 93 -6.57 25.84 8.66
CA PHE D 93 -7.11 24.76 7.82
C PHE D 93 -7.72 23.64 8.64
N GLY D 94 -7.47 23.63 9.95
CA GLY D 94 -8.07 22.62 10.81
C GLY D 94 -9.43 23.09 11.31
N PHE D 95 -9.76 24.35 11.05
CA PHE D 95 -11.03 24.95 11.46
C PHE D 95 -11.58 25.73 10.26
N PRO D 96 -11.80 25.05 9.13
CA PRO D 96 -12.31 25.65 7.90
C PRO D 96 -13.57 26.51 8.02
N SER D 97 -14.54 26.04 8.80
CA SER D 97 -15.79 26.79 8.95
C SER D 97 -15.55 28.13 9.67
N LEU D 98 -14.63 28.14 10.62
CA LEU D 98 -14.33 29.38 11.35
C LEU D 98 -13.55 30.31 10.41
N LYS D 99 -12.74 29.70 9.56
CA LYS D 99 -11.94 30.44 8.58
C LYS D 99 -12.92 31.18 7.66
N ALA D 100 -13.93 30.46 7.19
CA ALA D 100 -14.93 31.06 6.31
C ALA D 100 -15.64 32.22 6.99
N ALA D 101 -16.10 31.98 8.22
CA ALA D 101 -16.82 32.98 8.98
C ALA D 101 -16.00 34.25 9.20
N VAL D 102 -14.72 34.09 9.54
CA VAL D 102 -13.87 35.24 9.77
C VAL D 102 -13.60 36.00 8.47
N GLN D 103 -13.39 35.26 7.38
CA GLN D 103 -13.12 35.91 6.10
C GLN D 103 -14.34 36.66 5.60
N PHE D 104 -15.53 36.09 5.78
CA PHE D 104 -16.72 36.79 5.33
C PHE D 104 -16.98 38.00 6.22
N ALA D 105 -16.87 37.81 7.54
CA ALA D 105 -17.09 38.91 8.47
C ALA D 105 -16.21 40.10 8.07
N THR D 106 -15.02 39.80 7.56
CA THR D 106 -14.08 40.83 7.13
C THR D 106 -14.62 41.58 5.91
N LEU D 107 -15.11 40.84 4.92
CA LEU D 107 -15.66 41.47 3.72
C LEU D 107 -16.96 42.19 4.06
N ASP D 108 -17.68 41.68 5.05
CA ASP D 108 -18.93 42.29 5.47
C ASP D 108 -18.61 43.67 6.06
N ALA D 109 -17.60 43.73 6.91
CA ALA D 109 -17.19 44.99 7.52
C ALA D 109 -16.61 45.94 6.47
N LEU D 110 -15.78 45.41 5.59
CA LEU D 110 -15.16 46.22 4.54
C LEU D 110 -16.22 46.83 3.63
N SER D 111 -17.17 46.01 3.18
CA SER D 111 -18.22 46.49 2.29
C SER D 111 -19.05 47.59 2.96
N GLN D 112 -19.13 47.55 4.29
CA GLN D 112 -19.88 48.57 5.00
C GLN D 112 -19.11 49.89 5.01
N GLU D 113 -17.80 49.81 5.14
CA GLU D 113 -16.97 51.02 5.12
C GLU D 113 -17.07 51.67 3.75
N LEU D 114 -17.06 50.84 2.70
CA LEU D 114 -17.13 51.33 1.34
C LEU D 114 -18.53 51.77 0.92
N GLY D 115 -19.52 51.44 1.75
CA GLY D 115 -20.88 51.82 1.43
C GLY D 115 -21.51 50.96 0.35
N THR D 116 -21.11 49.69 0.26
CA THR D 116 -21.69 48.80 -0.73
C THR D 116 -21.99 47.45 -0.09
N GLN D 117 -22.15 46.41 -0.91
CA GLN D 117 -22.43 45.08 -0.38
C GLN D 117 -21.38 44.06 -0.81
N VAL D 118 -21.31 42.95 -0.09
CA VAL D 118 -20.34 41.91 -0.41
C VAL D 118 -20.48 41.41 -1.85
N CYS D 119 -21.70 41.08 -2.26
CA CYS D 119 -21.91 40.59 -3.62
C CYS D 119 -21.33 41.55 -4.67
N TYR D 120 -21.35 42.85 -4.40
CA TYR D 120 -20.81 43.82 -5.34
C TYR D 120 -19.30 43.83 -5.30
N LEU D 121 -18.75 43.69 -4.11
CA LEU D 121 -17.31 43.66 -3.93
C LEU D 121 -16.74 42.47 -4.73
N LEU D 122 -17.56 41.42 -4.88
CA LEU D 122 -17.16 40.22 -5.59
C LEU D 122 -17.54 40.19 -7.07
N GLY D 123 -17.95 41.33 -7.63
CA GLY D 123 -18.31 41.35 -9.04
C GLY D 123 -19.74 41.72 -9.39
N GLY D 124 -20.68 41.49 -8.49
CA GLY D 124 -22.08 41.81 -8.74
C GLY D 124 -22.60 41.23 -10.04
N LYS D 125 -22.19 40.01 -10.34
CA LYS D 125 -22.58 39.34 -11.58
C LYS D 125 -24.08 39.14 -11.74
N ARG D 126 -24.73 38.60 -10.72
CA ARG D 126 -26.17 38.33 -10.81
C ARG D 126 -27.01 39.03 -9.76
N ASP D 127 -28.28 39.23 -10.08
CA ASP D 127 -29.21 39.87 -9.16
C ASP D 127 -30.07 38.86 -8.44
N GLU D 128 -30.23 37.69 -9.06
CA GLU D 128 -31.04 36.64 -8.47
C GLU D 128 -30.47 35.25 -8.72
N ILE D 129 -30.61 34.37 -7.73
CA ILE D 129 -30.17 32.99 -7.84
C ILE D 129 -31.31 32.16 -7.26
N GLU D 130 -31.36 30.88 -7.60
CA GLU D 130 -32.40 30.01 -7.08
C GLU D 130 -31.83 28.76 -6.43
N THR D 131 -32.32 28.47 -5.23
CA THR D 131 -31.86 27.30 -4.51
C THR D 131 -32.83 26.14 -4.62
N ASP D 132 -32.29 24.93 -4.49
CA ASP D 132 -33.11 23.74 -4.52
C ASP D 132 -33.54 23.55 -3.06
N LYS D 133 -34.19 22.43 -2.80
CA LYS D 133 -34.56 22.08 -1.43
C LYS D 133 -34.31 20.58 -1.33
N THR D 134 -33.85 20.16 -0.17
CA THR D 134 -33.48 18.76 0.03
C THR D 134 -34.48 17.82 0.66
N VAL D 135 -34.54 16.61 0.11
CA VAL D 135 -35.38 15.55 0.63
C VAL D 135 -34.44 14.55 1.30
N GLY D 136 -34.46 14.52 2.64
CA GLY D 136 -33.60 13.61 3.38
C GLY D 136 -34.03 12.16 3.22
N ILE D 137 -33.18 11.23 3.64
CA ILE D 137 -33.51 9.81 3.54
C ILE D 137 -34.67 9.48 4.48
N ASP D 138 -35.56 8.60 4.02
CA ASP D 138 -36.71 8.17 4.79
C ASP D 138 -37.37 7.08 3.94
N THR D 139 -38.51 6.56 4.38
CA THR D 139 -39.21 5.54 3.60
C THR D 139 -39.58 6.14 2.26
N VAL D 140 -39.72 5.31 1.24
CA VAL D 140 -40.09 5.80 -0.08
C VAL D 140 -41.34 6.67 0.03
N GLU D 141 -42.26 6.25 0.90
CA GLU D 141 -43.50 6.95 1.11
C GLU D 141 -43.33 8.36 1.66
N ASN D 142 -42.52 8.51 2.71
CA ASN D 142 -42.31 9.84 3.28
C ASN D 142 -41.47 10.73 2.36
N ARG D 143 -40.63 10.12 1.54
CA ARG D 143 -39.79 10.86 0.61
C ARG D 143 -40.69 11.48 -0.46
N VAL D 144 -41.54 10.64 -1.05
CA VAL D 144 -42.46 11.09 -2.09
C VAL D 144 -43.35 12.21 -1.55
N LYS D 145 -43.73 12.12 -0.28
CA LYS D 145 -44.57 13.14 0.31
C LYS D 145 -43.84 14.47 0.43
N GLU D 146 -42.69 14.45 1.08
CA GLU D 146 -41.92 15.67 1.26
C GLU D 146 -41.50 16.29 -0.07
N ALA D 147 -41.23 15.45 -1.07
CA ALA D 147 -40.84 15.93 -2.38
C ALA D 147 -41.98 16.69 -3.03
N LYS D 148 -43.19 16.14 -2.92
CA LYS D 148 -44.37 16.74 -3.50
C LYS D 148 -44.66 18.06 -2.79
N LYS D 149 -44.42 18.09 -1.49
CA LYS D 149 -44.62 19.29 -0.68
C LYS D 149 -43.65 20.38 -1.13
N ILE D 150 -42.40 19.98 -1.38
CA ILE D 150 -41.38 20.92 -1.82
C ILE D 150 -41.72 21.47 -3.21
N PHE D 151 -42.16 20.57 -4.09
CA PHE D 151 -42.51 20.97 -5.45
C PHE D 151 -43.67 21.96 -5.43
N GLU D 152 -44.63 21.70 -4.55
CA GLU D 152 -45.81 22.54 -4.41
C GLU D 152 -45.40 23.91 -3.89
N GLU D 153 -44.35 23.96 -3.08
CA GLU D 153 -43.88 25.24 -2.53
C GLU D 153 -43.17 26.10 -3.57
N GLY D 154 -43.01 25.58 -4.78
CA GLY D 154 -42.39 26.37 -5.83
C GLY D 154 -40.99 25.97 -6.28
N PHE D 155 -40.29 25.14 -5.51
CA PHE D 155 -38.94 24.71 -5.88
C PHE D 155 -38.99 23.84 -7.13
N ARG D 156 -38.11 24.14 -8.09
CA ARG D 156 -38.08 23.38 -9.33
C ARG D 156 -36.81 22.53 -9.48
N VAL D 157 -36.00 22.53 -8.43
CA VAL D 157 -34.80 21.72 -8.39
C VAL D 157 -34.88 21.03 -7.05
N ILE D 158 -35.05 19.71 -7.09
CA ILE D 158 -35.18 18.93 -5.87
C ILE D 158 -33.95 18.05 -5.63
N LYS D 159 -33.32 18.21 -4.48
CA LYS D 159 -32.14 17.42 -4.13
C LYS D 159 -32.62 16.21 -3.34
N ILE D 160 -32.28 15.03 -3.83
CA ILE D 160 -32.69 13.78 -3.20
C ILE D 160 -31.50 13.02 -2.58
N LYS D 161 -31.59 12.73 -1.29
CA LYS D 161 -30.54 11.99 -0.60
C LYS D 161 -30.74 10.49 -0.75
N VAL D 162 -29.64 9.78 -0.98
CA VAL D 162 -29.64 8.33 -1.15
C VAL D 162 -28.31 7.82 -0.61
N GLY D 163 -28.05 6.52 -0.77
CA GLY D 163 -26.77 5.99 -0.32
C GLY D 163 -26.74 4.84 0.68
N GLU D 164 -27.87 4.47 1.26
CA GLU D 164 -27.88 3.38 2.22
C GLU D 164 -28.66 2.14 1.78
N ASN D 165 -29.38 2.25 0.67
CA ASN D 165 -30.17 1.14 0.16
C ASN D 165 -30.40 1.34 -1.33
N LEU D 166 -29.50 0.79 -2.14
CA LEU D 166 -29.57 0.94 -3.59
C LEU D 166 -30.95 0.70 -4.18
N LYS D 167 -31.55 -0.45 -3.87
CA LYS D 167 -32.87 -0.80 -4.39
C LYS D 167 -33.92 0.24 -4.02
N GLU D 168 -34.00 0.56 -2.73
CA GLU D 168 -34.98 1.55 -2.27
C GLU D 168 -34.68 2.94 -2.85
N ASP D 169 -33.40 3.31 -2.89
CA ASP D 169 -33.01 4.61 -3.45
C ASP D 169 -33.49 4.77 -4.89
N ILE D 170 -33.32 3.72 -5.68
CA ILE D 170 -33.74 3.74 -7.07
C ILE D 170 -35.27 3.92 -7.12
N GLU D 171 -35.97 3.21 -6.24
CA GLU D 171 -37.42 3.28 -6.18
C GLU D 171 -37.86 4.68 -5.78
N ALA D 172 -37.21 5.22 -4.74
CA ALA D 172 -37.53 6.55 -4.24
C ALA D 172 -37.45 7.59 -5.35
N VAL D 173 -36.31 7.63 -6.04
CA VAL D 173 -36.11 8.59 -7.12
C VAL D 173 -37.18 8.43 -8.22
N GLU D 174 -37.40 7.19 -8.65
CA GLU D 174 -38.41 6.94 -9.67
C GLU D 174 -39.79 7.43 -9.25
N GLU D 175 -40.15 7.19 -7.99
CA GLU D 175 -41.44 7.62 -7.46
C GLU D 175 -41.57 9.14 -7.36
N ILE D 176 -40.49 9.79 -6.93
CA ILE D 176 -40.50 11.24 -6.81
C ILE D 176 -40.62 11.91 -8.17
N ALA D 177 -39.98 11.33 -9.17
CA ALA D 177 -40.02 11.89 -10.52
C ALA D 177 -41.42 11.99 -11.11
N LYS D 178 -42.19 10.91 -11.00
CA LYS D 178 -43.54 10.87 -11.55
C LYS D 178 -44.56 11.79 -10.88
N VAL D 179 -44.19 12.38 -9.74
CA VAL D 179 -45.11 13.28 -9.06
C VAL D 179 -44.56 14.69 -8.91
N THR D 180 -43.54 15.00 -9.71
CA THR D 180 -42.91 16.32 -9.68
C THR D 180 -42.46 16.69 -11.09
N ARG D 181 -43.21 16.21 -12.08
CA ARG D 181 -42.90 16.49 -13.48
C ARG D 181 -42.65 17.97 -13.73
N GLY D 182 -41.53 18.27 -14.37
CA GLY D 182 -41.19 19.66 -14.65
C GLY D 182 -40.05 20.12 -13.75
N ALA D 183 -39.71 19.32 -12.75
CA ALA D 183 -38.64 19.66 -11.84
C ALA D 183 -37.34 18.98 -12.25
N LYS D 184 -36.21 19.52 -11.79
CA LYS D 184 -34.91 18.93 -12.09
C LYS D 184 -34.45 18.27 -10.79
N TYR D 185 -33.62 17.23 -10.91
CA TYR D 185 -33.16 16.52 -9.73
C TYR D 185 -31.67 16.40 -9.51
N ILE D 186 -31.28 16.60 -8.27
CA ILE D 186 -29.89 16.45 -7.85
C ILE D 186 -29.90 15.29 -6.86
N VAL D 187 -29.13 14.23 -7.15
CA VAL D 187 -29.03 13.07 -6.27
C VAL D 187 -27.69 13.09 -5.55
N ASP D 188 -27.74 13.04 -4.22
CA ASP D 188 -26.55 13.09 -3.39
C ASP D 188 -26.45 11.83 -2.53
N ALA D 189 -25.44 11.00 -2.80
CA ALA D 189 -25.26 9.75 -2.06
C ALA D 189 -24.39 9.88 -0.81
N ASN D 190 -23.77 11.05 -0.62
CA ASN D 190 -22.90 11.27 0.52
C ASN D 190 -21.95 10.10 0.79
N MET D 191 -21.22 9.70 -0.26
CA MET D 191 -20.21 8.63 -0.21
C MET D 191 -20.72 7.23 0.11
N GLY D 192 -22.03 7.03 0.02
CA GLY D 192 -22.61 5.74 0.36
C GLY D 192 -22.47 4.54 -0.56
N TYR D 193 -22.18 4.75 -1.84
CA TYR D 193 -22.07 3.63 -2.78
C TYR D 193 -20.65 3.23 -3.16
N THR D 194 -20.52 2.00 -3.66
CA THR D 194 -19.24 1.52 -4.16
C THR D 194 -19.28 2.05 -5.60
N GLN D 195 -18.14 2.03 -6.28
CA GLN D 195 -18.08 2.51 -7.64
C GLN D 195 -19.15 1.89 -8.54
N LYS D 196 -19.28 0.57 -8.49
CA LYS D 196 -20.26 -0.07 -9.36
C LYS D 196 -21.71 0.02 -8.90
N GLU D 197 -21.94 0.26 -7.61
CA GLU D 197 -23.31 0.43 -7.13
C GLU D 197 -23.74 1.81 -7.64
N ALA D 198 -22.79 2.76 -7.59
CA ALA D 198 -23.04 4.13 -8.03
C ALA D 198 -23.41 4.14 -9.52
N VAL D 199 -22.74 3.31 -10.30
CA VAL D 199 -23.01 3.23 -11.73
C VAL D 199 -24.36 2.58 -11.98
N GLU D 200 -24.65 1.50 -11.27
CA GLU D 200 -25.91 0.79 -11.44
C GLU D 200 -27.08 1.72 -11.11
N PHE D 201 -26.96 2.45 -10.01
CA PHE D 201 -28.02 3.38 -9.62
C PHE D 201 -28.33 4.32 -10.79
N ALA D 202 -27.28 4.93 -11.34
CA ALA D 202 -27.43 5.87 -12.45
C ALA D 202 -28.07 5.24 -13.69
N ARG D 203 -27.58 4.06 -14.08
CA ARG D 203 -28.11 3.39 -15.26
C ARG D 203 -29.57 2.99 -15.07
N ALA D 204 -29.92 2.61 -13.84
CA ALA D 204 -31.30 2.21 -13.55
C ALA D 204 -32.23 3.40 -13.71
N VAL D 205 -31.86 4.52 -13.09
CA VAL D 205 -32.67 5.73 -13.17
C VAL D 205 -32.74 6.19 -14.62
N TYR D 206 -31.64 6.03 -15.33
CA TYR D 206 -31.57 6.42 -16.73
C TYR D 206 -32.53 5.59 -17.58
N GLN D 207 -32.52 4.28 -17.38
CA GLN D 207 -33.39 3.40 -18.16
C GLN D 207 -34.85 3.78 -18.04
N LYS D 208 -35.24 4.34 -16.89
CA LYS D 208 -36.61 4.76 -16.67
C LYS D 208 -36.88 6.13 -17.28
N GLY D 209 -35.96 6.59 -18.11
CA GLY D 209 -36.12 7.88 -18.77
C GLY D 209 -36.02 9.10 -17.87
N ILE D 210 -35.47 8.92 -16.67
CA ILE D 210 -35.32 10.02 -15.74
C ILE D 210 -33.95 10.68 -15.92
N ASP D 211 -33.88 11.98 -15.67
CA ASP D 211 -32.61 12.69 -15.83
C ASP D 211 -32.16 13.32 -14.51
N ILE D 212 -30.89 13.17 -14.19
CA ILE D 212 -30.32 13.73 -12.97
C ILE D 212 -29.36 14.87 -13.34
N ALA D 213 -29.65 16.07 -12.85
CA ALA D 213 -28.83 17.25 -13.15
C ALA D 213 -27.41 17.11 -12.60
N VAL D 214 -27.31 16.74 -11.34
CA VAL D 214 -26.01 16.55 -10.69
C VAL D 214 -26.09 15.34 -9.76
N TYR D 215 -25.07 14.49 -9.85
CA TYR D 215 -24.98 13.26 -9.04
C TYR D 215 -23.79 13.48 -8.09
N GLU D 216 -24.10 13.86 -6.86
CA GLU D 216 -23.08 14.17 -5.84
C GLU D 216 -22.37 13.04 -5.10
N GLN D 217 -21.06 13.24 -4.96
CA GLN D 217 -20.15 12.34 -4.25
C GLN D 217 -20.68 10.92 -4.06
N PRO D 218 -20.76 10.14 -5.14
CA PRO D 218 -21.26 8.77 -4.99
C PRO D 218 -20.37 7.82 -4.20
N VAL D 219 -19.07 8.09 -4.14
CA VAL D 219 -18.15 7.20 -3.41
C VAL D 219 -17.37 7.85 -2.28
N ARG D 220 -16.57 7.05 -1.58
CA ARG D 220 -15.75 7.51 -0.47
C ARG D 220 -14.85 8.69 -0.86
N ARG D 221 -14.58 9.58 0.09
CA ARG D 221 -13.80 10.78 -0.20
C ARG D 221 -12.38 10.63 -0.75
N GLU D 222 -11.67 9.57 -0.37
CA GLU D 222 -10.30 9.38 -0.86
C GLU D 222 -10.27 8.68 -2.20
N ASP D 223 -11.41 8.14 -2.61
CA ASP D 223 -11.48 7.40 -3.85
C ASP D 223 -11.68 8.25 -5.10
N ILE D 224 -10.64 9.02 -5.45
CA ILE D 224 -10.66 9.88 -6.62
C ILE D 224 -10.85 9.06 -7.89
N GLU D 225 -10.14 7.94 -7.98
CA GLU D 225 -10.26 7.08 -9.16
C GLU D 225 -11.70 6.59 -9.24
N GLY D 226 -12.32 6.42 -8.07
CA GLY D 226 -13.70 5.96 -8.01
C GLY D 226 -14.64 6.99 -8.62
N LEU D 227 -14.43 8.26 -8.28
CA LEU D 227 -15.27 9.32 -8.82
C LEU D 227 -15.14 9.33 -10.34
N LYS D 228 -13.90 9.19 -10.81
CA LYS D 228 -13.62 9.20 -12.24
C LYS D 228 -14.33 8.03 -12.91
N PHE D 229 -14.29 6.87 -12.26
CA PHE D 229 -14.93 5.68 -12.83
C PHE D 229 -16.43 5.89 -12.98
N VAL D 230 -17.07 6.48 -11.97
CA VAL D 230 -18.49 6.73 -12.06
C VAL D 230 -18.77 7.73 -13.17
N ARG D 231 -17.94 8.76 -13.25
CA ARG D 231 -18.10 9.79 -14.28
C ARG D 231 -18.02 9.23 -15.70
N PHE D 232 -17.05 8.35 -15.94
CA PHE D 232 -16.86 7.78 -17.27
C PHE D 232 -17.81 6.64 -17.64
N HIS D 233 -18.56 6.14 -16.67
CA HIS D 233 -19.49 5.03 -16.92
C HIS D 233 -20.95 5.34 -16.55
N SER D 234 -21.20 6.59 -16.19
CA SER D 234 -22.54 7.05 -15.82
C SER D 234 -22.94 8.17 -16.78
N PRO D 235 -24.22 8.24 -17.16
CA PRO D 235 -24.72 9.28 -18.08
C PRO D 235 -24.99 10.66 -17.45
N PHE D 236 -24.96 10.74 -16.13
CA PHE D 236 -25.23 12.00 -15.44
C PHE D 236 -23.96 12.68 -14.92
N PRO D 237 -23.98 14.02 -14.84
CA PRO D 237 -22.82 14.77 -14.35
C PRO D 237 -22.49 14.34 -12.92
N VAL D 238 -21.24 13.99 -12.68
CA VAL D 238 -20.81 13.55 -11.36
C VAL D 238 -20.11 14.69 -10.65
N ALA D 239 -20.44 14.88 -9.38
CA ALA D 239 -19.83 15.96 -8.60
C ALA D 239 -19.01 15.46 -7.43
N ALA D 240 -18.05 16.27 -7.03
CA ALA D 240 -17.24 15.97 -5.88
C ALA D 240 -17.70 16.96 -4.81
N ASP D 241 -17.88 16.48 -3.60
CA ASP D 241 -18.29 17.35 -2.49
C ASP D 241 -17.26 17.10 -1.40
N GLU D 242 -17.41 15.99 -0.68
CA GLU D 242 -16.47 15.66 0.39
C GLU D 242 -15.04 15.52 -0.13
N SER D 243 -14.88 15.18 -1.41
CA SER D 243 -13.54 15.06 -1.99
C SER D 243 -12.93 16.41 -2.32
N ALA D 244 -13.76 17.44 -2.42
CA ALA D 244 -13.29 18.78 -2.76
C ALA D 244 -13.39 19.80 -1.63
N ARG D 245 -12.38 19.83 -0.77
CA ARG D 245 -12.38 20.77 0.34
C ARG D 245 -11.49 21.99 0.10
N THR D 246 -10.31 21.77 -0.48
CA THR D 246 -9.37 22.86 -0.73
C THR D 246 -9.15 23.11 -2.21
N LYS D 247 -8.50 24.23 -2.53
CA LYS D 247 -8.20 24.55 -3.91
C LYS D 247 -7.22 23.51 -4.46
N PHE D 248 -6.40 22.94 -3.59
CA PHE D 248 -5.44 21.93 -4.02
C PHE D 248 -6.20 20.65 -4.40
N ASP D 249 -7.22 20.30 -3.61
CA ASP D 249 -8.02 19.11 -3.92
C ASP D 249 -8.60 19.28 -5.32
N VAL D 250 -9.12 20.48 -5.59
CA VAL D 250 -9.74 20.75 -6.88
C VAL D 250 -8.76 20.70 -8.04
N MET D 251 -7.56 21.27 -7.86
CA MET D 251 -6.58 21.22 -8.95
C MET D 251 -6.30 19.75 -9.28
N ARG D 252 -6.22 18.91 -8.25
CA ARG D 252 -5.97 17.50 -8.45
C ARG D 252 -7.16 16.84 -9.18
N LEU D 253 -8.38 17.18 -8.77
CA LEU D 253 -9.57 16.63 -9.40
C LEU D 253 -9.58 17.01 -10.90
N VAL D 254 -9.18 18.24 -11.20
CA VAL D 254 -9.16 18.71 -12.59
C VAL D 254 -8.06 18.02 -13.41
N LYS D 255 -6.87 17.90 -12.84
CA LYS D 255 -5.76 17.24 -13.53
C LYS D 255 -6.12 15.78 -13.85
N GLU D 256 -6.77 15.12 -12.90
CA GLU D 256 -7.14 13.72 -13.10
C GLU D 256 -8.48 13.54 -13.80
N GLU D 257 -9.10 14.65 -14.19
CA GLU D 257 -10.38 14.60 -14.88
C GLU D 257 -11.38 13.67 -14.18
N ALA D 258 -11.43 13.76 -12.85
CA ALA D 258 -12.30 12.89 -12.08
C ALA D 258 -13.79 13.24 -12.03
N VAL D 259 -14.13 14.52 -12.17
CA VAL D 259 -15.53 14.93 -12.06
C VAL D 259 -15.99 15.99 -13.05
N ASP D 260 -17.31 16.07 -13.22
CA ASP D 260 -17.93 17.07 -14.09
C ASP D 260 -18.23 18.33 -13.27
N TYR D 261 -18.46 18.13 -11.98
CA TYR D 261 -18.80 19.20 -11.06
C TYR D 261 -18.06 19.12 -9.73
N VAL D 262 -17.98 20.27 -9.06
CA VAL D 262 -17.43 20.36 -7.73
C VAL D 262 -18.48 21.15 -6.96
N ASN D 263 -18.85 20.65 -5.77
CA ASN D 263 -19.82 21.34 -4.94
C ASN D 263 -19.00 22.19 -3.99
N ILE D 264 -18.93 23.49 -4.28
CA ILE D 264 -18.16 24.41 -3.43
C ILE D 264 -18.94 24.78 -2.17
N LYS D 265 -18.27 24.75 -1.04
CA LYS D 265 -18.89 25.14 0.22
C LYS D 265 -17.92 26.01 0.99
N LEU D 266 -18.38 27.19 1.38
CA LEU D 266 -17.57 28.11 2.14
C LEU D 266 -17.14 27.43 3.44
N MET D 267 -18.03 26.61 4.01
CA MET D 267 -17.68 25.91 5.24
C MET D 267 -16.49 24.96 5.07
N LYS D 268 -16.24 24.51 3.84
CA LYS D 268 -15.11 23.62 3.59
C LYS D 268 -13.85 24.38 3.17
N SER D 269 -14.04 25.40 2.32
CA SER D 269 -12.93 26.15 1.75
C SER D 269 -12.64 27.55 2.24
N GLY D 270 -13.64 28.21 2.83
CA GLY D 270 -13.43 29.57 3.27
C GLY D 270 -13.60 30.40 2.01
N ILE D 271 -13.51 31.72 2.11
CA ILE D 271 -13.68 32.58 0.94
C ILE D 271 -12.48 32.47 0.00
N SER D 272 -11.28 32.50 0.58
CA SER D 272 -10.06 32.44 -0.19
C SER D 272 -9.97 31.24 -1.14
N ASP D 273 -10.10 30.02 -0.62
CA ASP D 273 -10.05 28.85 -1.50
C ASP D 273 -11.26 28.83 -2.43
N ALA D 274 -12.41 29.32 -1.95
CA ALA D 274 -13.60 29.35 -2.78
C ALA D 274 -13.38 30.18 -4.03
N LEU D 275 -12.73 31.34 -3.86
CA LEU D 275 -12.45 32.21 -4.99
C LEU D 275 -11.51 31.50 -5.96
N ALA D 276 -10.51 30.80 -5.41
CA ALA D 276 -9.56 30.06 -6.24
C ALA D 276 -10.28 28.97 -7.03
N ILE D 277 -11.17 28.25 -6.37
CA ILE D 277 -11.90 27.17 -7.02
C ILE D 277 -12.75 27.71 -8.17
N VAL D 278 -13.31 28.89 -7.99
CA VAL D 278 -14.13 29.49 -9.03
C VAL D 278 -13.26 29.76 -10.26
N GLU D 279 -12.08 30.32 -10.04
CA GLU D 279 -11.15 30.62 -11.13
C GLU D 279 -10.68 29.34 -11.82
N ILE D 280 -10.37 28.31 -11.05
CA ILE D 280 -9.91 27.06 -11.62
C ILE D 280 -10.99 26.46 -12.52
N ALA D 281 -12.23 26.48 -12.06
CA ALA D 281 -13.34 25.92 -12.84
C ALA D 281 -13.58 26.69 -14.13
N GLU D 282 -13.49 28.01 -14.07
CA GLU D 282 -13.72 28.82 -15.26
C GLU D 282 -12.57 28.69 -16.25
N SER D 283 -11.43 28.18 -15.77
CA SER D 283 -10.26 27.98 -16.61
C SER D 283 -10.18 26.53 -17.10
N SER D 284 -11.23 25.76 -16.84
CA SER D 284 -11.25 24.35 -17.27
C SER D 284 -12.65 23.90 -17.63
N GLY D 285 -12.81 22.60 -17.88
CA GLY D 285 -14.11 22.09 -18.24
C GLY D 285 -14.99 21.84 -17.03
N LEU D 286 -14.49 22.15 -15.85
CA LEU D 286 -15.22 21.95 -14.60
C LEU D 286 -16.39 22.93 -14.39
N LYS D 287 -17.52 22.40 -13.93
CA LYS D 287 -18.69 23.24 -13.64
C LYS D 287 -18.89 23.22 -12.13
N LEU D 288 -19.59 24.23 -11.62
CA LEU D 288 -19.78 24.35 -10.18
C LEU D 288 -21.23 24.49 -9.70
N MET D 289 -21.41 24.13 -8.43
CA MET D 289 -22.67 24.27 -7.73
C MET D 289 -22.18 24.66 -6.35
N ILE D 290 -22.94 25.49 -5.65
CA ILE D 290 -22.54 25.91 -4.32
C ILE D 290 -23.51 25.29 -3.32
N GLY D 291 -22.97 24.78 -2.23
CA GLY D 291 -23.81 24.13 -1.24
C GLY D 291 -23.65 24.71 0.15
N CYS D 292 -24.12 23.96 1.14
CA CYS D 292 -24.04 24.38 2.54
C CYS D 292 -24.00 23.19 3.48
N MET D 293 -23.75 23.48 4.74
CA MET D 293 -23.71 22.48 5.79
C MET D 293 -24.98 22.70 6.62
N GLY D 294 -24.83 23.22 7.83
CA GLY D 294 -25.98 23.47 8.68
C GLY D 294 -26.10 24.94 9.07
N GLU D 295 -25.79 25.83 8.14
CA GLU D 295 -25.86 27.26 8.41
C GLU D 295 -27.28 27.74 8.70
N SER D 296 -27.39 28.80 9.50
CA SER D 296 -28.67 29.42 9.79
C SER D 296 -28.75 30.53 8.74
N SER D 297 -29.85 31.29 8.70
CA SER D 297 -29.98 32.35 7.71
C SER D 297 -28.74 33.25 7.63
N LEU D 298 -28.19 33.63 8.78
CA LEU D 298 -27.02 34.49 8.83
C LEU D 298 -25.81 33.84 8.14
N GLY D 299 -25.72 32.51 8.24
CA GLY D 299 -24.61 31.82 7.61
C GLY D 299 -24.81 31.64 6.12
N ILE D 300 -26.03 31.30 5.73
CA ILE D 300 -26.38 31.10 4.34
C ILE D 300 -26.21 32.40 3.57
N ASN D 301 -26.39 33.52 4.25
CA ASN D 301 -26.25 34.84 3.65
C ASN D 301 -24.85 34.96 3.01
N GLN D 302 -23.86 34.34 3.66
CA GLN D 302 -22.48 34.39 3.17
C GLN D 302 -22.40 33.77 1.77
N SER D 303 -23.02 32.62 1.59
CA SER D 303 -22.99 31.94 0.30
C SER D 303 -23.89 32.64 -0.72
N VAL D 304 -24.94 33.31 -0.25
CA VAL D 304 -25.83 34.02 -1.17
C VAL D 304 -25.05 35.14 -1.84
N HIS D 305 -24.30 35.90 -1.06
CA HIS D 305 -23.51 36.99 -1.61
C HIS D 305 -22.37 36.48 -2.50
N PHE D 306 -21.80 35.33 -2.14
CA PHE D 306 -20.72 34.76 -2.93
C PHE D 306 -21.27 34.36 -4.28
N ALA D 307 -22.43 33.70 -4.29
CA ALA D 307 -23.07 33.26 -5.53
C ALA D 307 -23.57 34.42 -6.38
N LEU D 308 -24.18 35.42 -5.75
CA LEU D 308 -24.68 36.57 -6.49
C LEU D 308 -23.53 37.35 -7.12
N GLY D 309 -22.48 37.56 -6.34
CA GLY D 309 -21.33 38.30 -6.82
C GLY D 309 -20.56 37.62 -7.93
N THR D 310 -20.19 36.35 -7.74
CA THR D 310 -19.43 35.62 -8.75
C THR D 310 -20.28 35.08 -9.89
N GLY D 311 -21.53 34.74 -9.60
CA GLY D 311 -22.40 34.19 -10.62
C GLY D 311 -21.79 32.94 -11.26
N ALA D 312 -20.89 32.29 -10.52
CA ALA D 312 -20.19 31.12 -11.04
C ALA D 312 -20.91 29.78 -10.96
N PHE D 313 -22.11 29.74 -10.39
CA PHE D 313 -22.78 28.44 -10.23
C PHE D 313 -23.96 28.07 -11.12
N GLU D 314 -23.99 26.81 -11.53
CA GLU D 314 -25.08 26.28 -12.36
C GLU D 314 -26.26 25.91 -11.47
N PHE D 315 -25.96 25.48 -10.24
CA PHE D 315 -27.00 25.11 -9.29
C PHE D 315 -26.63 25.62 -7.91
N HIS D 316 -27.64 25.88 -7.10
CA HIS D 316 -27.43 26.37 -5.75
C HIS D 316 -28.15 25.51 -4.73
N ASP D 317 -27.40 24.97 -3.77
CA ASP D 317 -27.98 24.15 -2.71
C ASP D 317 -27.79 24.91 -1.41
N LEU D 318 -28.58 25.96 -1.24
CA LEU D 318 -28.52 26.82 -0.06
C LEU D 318 -29.87 26.75 0.66
N ASP D 319 -30.17 25.59 1.23
CA ASP D 319 -31.44 25.38 1.90
C ASP D 319 -31.40 25.04 3.39
N SER D 320 -30.21 25.05 3.99
CA SER D 320 -30.11 24.69 5.40
C SER D 320 -30.97 25.56 6.31
N HIS D 321 -30.98 26.87 6.07
CA HIS D 321 -31.78 27.75 6.91
C HIS D 321 -33.28 27.46 6.77
N LEU D 322 -33.66 26.78 5.68
CA LEU D 322 -35.06 26.44 5.45
C LEU D 322 -35.38 25.13 6.17
N MET D 323 -34.33 24.38 6.51
CA MET D 323 -34.46 23.10 7.19
C MET D 323 -34.56 23.31 8.70
N LEU D 324 -33.98 24.40 9.17
CA LEU D 324 -33.95 24.71 10.60
C LEU D 324 -35.15 25.52 11.06
N LYS D 325 -35.43 25.46 12.36
CA LYS D 325 -36.52 26.22 12.95
C LYS D 325 -35.98 27.63 13.16
N GLU D 326 -36.36 28.55 12.30
CA GLU D 326 -35.89 29.92 12.41
C GLU D 326 -37.00 30.91 12.08
N GLU D 327 -37.30 31.80 13.01
CA GLU D 327 -38.33 32.81 12.79
C GLU D 327 -37.67 34.04 12.19
N VAL D 328 -37.04 34.83 13.06
CA VAL D 328 -36.36 36.06 12.66
C VAL D 328 -35.27 35.76 11.62
N PHE D 329 -35.53 36.19 10.40
CA PHE D 329 -34.60 36.02 9.28
C PHE D 329 -33.39 36.96 9.50
N ARG D 330 -32.18 36.41 9.44
CA ARG D 330 -31.01 37.24 9.71
C ARG D 330 -30.00 37.46 8.58
N GLY D 331 -30.38 37.22 7.34
CA GLY D 331 -29.45 37.43 6.25
C GLY D 331 -29.64 38.75 5.51
N LYS D 332 -28.56 39.32 4.99
CA LYS D 332 -28.64 40.56 4.23
C LYS D 332 -29.07 40.24 2.81
N PHE D 333 -30.12 39.44 2.70
CA PHE D 333 -30.66 39.05 1.40
C PHE D 333 -32.16 38.85 1.53
N ILE D 334 -32.84 38.76 0.39
CA ILE D 334 -34.28 38.59 0.35
C ILE D 334 -34.62 37.23 -0.23
N GLN D 335 -35.61 36.57 0.33
CA GLN D 335 -36.00 35.27 -0.19
C GLN D 335 -37.48 35.13 -0.43
N ASP D 336 -37.81 34.58 -1.59
CA ASP D 336 -39.18 34.34 -1.97
C ASP D 336 -39.22 32.93 -2.54
N GLY D 337 -39.41 31.96 -1.66
CA GLY D 337 -39.43 30.59 -2.11
C GLY D 337 -38.03 30.21 -2.55
N PRO D 338 -37.87 29.65 -3.76
CA PRO D 338 -36.54 29.27 -4.25
C PRO D 338 -35.69 30.47 -4.64
N ARG D 339 -36.33 31.59 -4.95
CA ARG D 339 -35.63 32.81 -5.36
C ARG D 339 -34.90 33.52 -4.24
N MET D 340 -33.73 34.06 -4.56
CA MET D 340 -32.92 34.80 -3.60
C MET D 340 -32.30 36.01 -4.28
N ARG D 341 -32.47 37.19 -3.68
CA ARG D 341 -31.95 38.43 -4.22
C ARG D 341 -31.29 39.20 -3.08
N VAL D 342 -30.67 40.33 -3.42
CA VAL D 342 -30.03 41.15 -2.41
C VAL D 342 -30.91 42.38 -2.18
N LYS D 343 -30.73 43.05 -1.05
CA LYS D 343 -31.50 44.25 -0.69
C LYS D 343 -31.62 45.30 -1.81
#